data_2P0D
# 
_entry.id   2P0D 
# 
_audit_conform.dict_name       mmcif_pdbx.dic 
_audit_conform.dict_version    5.387 
_audit_conform.dict_location   http://mmcif.pdb.org/dictionaries/ascii/mmcif_pdbx.dic 
# 
loop_
_database_2.database_id 
_database_2.database_code 
_database_2.pdbx_database_accession 
_database_2.pdbx_DOI 
PDB   2P0D         pdb_00002p0d 10.2210/pdb2p0d/pdb 
RCSB  RCSB041808   ?            ?                   
WWPDB D_1000041808 ?            ?                   
# 
loop_
_pdbx_audit_revision_history.ordinal 
_pdbx_audit_revision_history.data_content_type 
_pdbx_audit_revision_history.major_revision 
_pdbx_audit_revision_history.minor_revision 
_pdbx_audit_revision_history.revision_date 
1 'Structure model' 1 0 2007-03-27 
2 'Structure model' 1 1 2008-05-01 
3 'Structure model' 1 2 2011-07-13 
4 'Structure model' 1 3 2017-10-18 
5 'Structure model' 1 4 2024-02-21 
# 
_pdbx_audit_revision_details.ordinal             1 
_pdbx_audit_revision_details.revision_ordinal    1 
_pdbx_audit_revision_details.data_content_type   'Structure model' 
_pdbx_audit_revision_details.provider            repository 
_pdbx_audit_revision_details.type                'Initial release' 
_pdbx_audit_revision_details.description         ? 
_pdbx_audit_revision_details.details             ? 
# 
loop_
_pdbx_audit_revision_group.ordinal 
_pdbx_audit_revision_group.revision_ordinal 
_pdbx_audit_revision_group.data_content_type 
_pdbx_audit_revision_group.group 
1 2 'Structure model' 'Version format compliance' 
2 3 'Structure model' 'Version format compliance' 
3 4 'Structure model' 'Refinement description'    
4 5 'Structure model' 'Data collection'           
5 5 'Structure model' 'Database references'       
6 5 'Structure model' 'Derived calculations'      
# 
loop_
_pdbx_audit_revision_category.ordinal 
_pdbx_audit_revision_category.revision_ordinal 
_pdbx_audit_revision_category.data_content_type 
_pdbx_audit_revision_category.category 
1 4 'Structure model' software           
2 5 'Structure model' chem_comp_atom     
3 5 'Structure model' chem_comp_bond     
4 5 'Structure model' database_2         
5 5 'Structure model' struct_ref_seq_dif 
6 5 'Structure model' struct_site        
# 
loop_
_pdbx_audit_revision_item.ordinal 
_pdbx_audit_revision_item.revision_ordinal 
_pdbx_audit_revision_item.data_content_type 
_pdbx_audit_revision_item.item 
1  4 'Structure model' '_software.classification'            
2  4 'Structure model' '_software.contact_author'            
3  4 'Structure model' '_software.contact_author_email'      
4  4 'Structure model' '_software.date'                      
5  4 'Structure model' '_software.language'                  
6  4 'Structure model' '_software.location'                  
7  4 'Structure model' '_software.name'                      
8  4 'Structure model' '_software.type'                      
9  4 'Structure model' '_software.version'                   
10 5 'Structure model' '_database_2.pdbx_DOI'                
11 5 'Structure model' '_database_2.pdbx_database_accession' 
12 5 'Structure model' '_struct_ref_seq_dif.details'         
13 5 'Structure model' '_struct_site.pdbx_auth_asym_id'      
14 5 'Structure model' '_struct_site.pdbx_auth_comp_id'      
15 5 'Structure model' '_struct_site.pdbx_auth_seq_id'       
# 
_pdbx_database_status.entry_id                        2P0D 
_pdbx_database_status.deposit_site                    RCSB 
_pdbx_database_status.process_site                    RCSB 
_pdbx_database_status.recvd_initial_deposition_date   2007-02-28 
_pdbx_database_status.status_code                     REL 
_pdbx_database_status.status_code_sf                  REL 
_pdbx_database_status.status_code_mr                  ? 
_pdbx_database_status.SG_entry                        ? 
_pdbx_database_status.pdb_format_compatible           Y 
_pdbx_database_status.status_code_cs                  ? 
_pdbx_database_status.methods_development_category    ? 
_pdbx_database_status.status_code_nmr_data            ? 
# 
loop_
_pdbx_database_related.db_name 
_pdbx_database_related.db_id 
_pdbx_database_related.details 
_pdbx_database_related.content_type 
PDB 2P0F . unspecified 
PDB 2P0H . unspecified 
# 
loop_
_audit_author.name 
_audit_author.pdbx_ordinal 
'Ceccarelli, D.F.J.' 1 
'Blasutig, I.'       2 
'Goudreault, M.'     3 
'Ruston, J.'         4 
'Pawson, T.'         5 
'Sicheri, F.'        6 
# 
_citation.id                        primary 
_citation.title                     
'Non-canonical Interaction of Phosphoinositides with Pleckstrin Homology Domains of Tiam1 and ArhGAP9.' 
_citation.journal_abbrev            J.Biol.Chem. 
_citation.journal_volume            282 
_citation.page_first                13864 
_citation.page_last                 13874 
_citation.year                      2007 
_citation.journal_id_ASTM           JBCHA3 
_citation.country                   US 
_citation.journal_id_ISSN           0021-9258 
_citation.journal_id_CSD            0071 
_citation.book_publisher            ? 
_citation.pdbx_database_id_PubMed   17339315 
_citation.pdbx_database_id_DOI      10.1074/jbc.M700505200 
# 
loop_
_citation_author.citation_id 
_citation_author.name 
_citation_author.ordinal 
_citation_author.identifier_ORCID 
primary 'Ceccarelli, D.F.' 1 ? 
primary 'Blasutig, I.M.'   2 ? 
primary 'Goudreault, M.'   3 ? 
primary 'Li, Z.'           4 ? 
primary 'Ruston, J.'       5 ? 
primary 'Pawson, T.'       6 ? 
primary 'Sicheri, F.'      7 ? 
# 
loop_
_entity.id 
_entity.type 
_entity.src_method 
_entity.pdbx_description 
_entity.formula_weight 
_entity.pdbx_number_of_molecules 
_entity.pdbx_ec 
_entity.pdbx_mutation 
_entity.pdbx_fragment 
_entity.details 
1 polymer     man 'Rho GTPase-activating protein 9' 14425.402 1  ? ? 'Pleckstrin homology domain' ? 
2 non-polymer syn D-MYO-INOSITOL-1,4,5-TRIPHOSPHATE 420.096   1  ? ? ?                            ? 
3 water       nat water                             18.015    72 ? ? ?                            ? 
# 
_entity_poly.entity_id                      1 
_entity_poly.type                           'polypeptide(L)' 
_entity_poly.nstd_linkage                   no 
_entity_poly.nstd_monomer                   no 
_entity_poly.pdbx_seq_one_letter_code       
;GSRRASVGSHEVEKSGLLNMTKIAQGGRKLRKNWGPSWVVLTGNSLVFYREPPPTAPSSGWGPAGSRPESSVDLRGAALA
HGRHLSSRRNVLHIRTIPGHEFLLQSDHETELRAWHRALRTVIERLVRW
;
_entity_poly.pdbx_seq_one_letter_code_can   
;GSRRASVGSHEVEKSGLLNMTKIAQGGRKLRKNWGPSWVVLTGNSLVFYREPPPTAPSSGWGPAGSRPESSVDLRGAALA
HGRHLSSRRNVLHIRTIPGHEFLLQSDHETELRAWHRALRTVIERLVRW
;
_entity_poly.pdbx_strand_id                 A 
_entity_poly.pdbx_target_identifier         ? 
# 
loop_
_pdbx_entity_nonpoly.entity_id 
_pdbx_entity_nonpoly.name 
_pdbx_entity_nonpoly.comp_id 
2 D-MYO-INOSITOL-1,4,5-TRIPHOSPHATE I3P 
3 water                             HOH 
# 
loop_
_entity_poly_seq.entity_id 
_entity_poly_seq.num 
_entity_poly_seq.mon_id 
_entity_poly_seq.hetero 
1 1   GLY n 
1 2   SER n 
1 3   ARG n 
1 4   ARG n 
1 5   ALA n 
1 6   SER n 
1 7   VAL n 
1 8   GLY n 
1 9   SER n 
1 10  HIS n 
1 11  GLU n 
1 12  VAL n 
1 13  GLU n 
1 14  LYS n 
1 15  SER n 
1 16  GLY n 
1 17  LEU n 
1 18  LEU n 
1 19  ASN n 
1 20  MET n 
1 21  THR n 
1 22  LYS n 
1 23  ILE n 
1 24  ALA n 
1 25  GLN n 
1 26  GLY n 
1 27  GLY n 
1 28  ARG n 
1 29  LYS n 
1 30  LEU n 
1 31  ARG n 
1 32  LYS n 
1 33  ASN n 
1 34  TRP n 
1 35  GLY n 
1 36  PRO n 
1 37  SER n 
1 38  TRP n 
1 39  VAL n 
1 40  VAL n 
1 41  LEU n 
1 42  THR n 
1 43  GLY n 
1 44  ASN n 
1 45  SER n 
1 46  LEU n 
1 47  VAL n 
1 48  PHE n 
1 49  TYR n 
1 50  ARG n 
1 51  GLU n 
1 52  PRO n 
1 53  PRO n 
1 54  PRO n 
1 55  THR n 
1 56  ALA n 
1 57  PRO n 
1 58  SER n 
1 59  SER n 
1 60  GLY n 
1 61  TRP n 
1 62  GLY n 
1 63  PRO n 
1 64  ALA n 
1 65  GLY n 
1 66  SER n 
1 67  ARG n 
1 68  PRO n 
1 69  GLU n 
1 70  SER n 
1 71  SER n 
1 72  VAL n 
1 73  ASP n 
1 74  LEU n 
1 75  ARG n 
1 76  GLY n 
1 77  ALA n 
1 78  ALA n 
1 79  LEU n 
1 80  ALA n 
1 81  HIS n 
1 82  GLY n 
1 83  ARG n 
1 84  HIS n 
1 85  LEU n 
1 86  SER n 
1 87  SER n 
1 88  ARG n 
1 89  ARG n 
1 90  ASN n 
1 91  VAL n 
1 92  LEU n 
1 93  HIS n 
1 94  ILE n 
1 95  ARG n 
1 96  THR n 
1 97  ILE n 
1 98  PRO n 
1 99  GLY n 
1 100 HIS n 
1 101 GLU n 
1 102 PHE n 
1 103 LEU n 
1 104 LEU n 
1 105 GLN n 
1 106 SER n 
1 107 ASP n 
1 108 HIS n 
1 109 GLU n 
1 110 THR n 
1 111 GLU n 
1 112 LEU n 
1 113 ARG n 
1 114 ALA n 
1 115 TRP n 
1 116 HIS n 
1 117 ARG n 
1 118 ALA n 
1 119 LEU n 
1 120 ARG n 
1 121 THR n 
1 122 VAL n 
1 123 ILE n 
1 124 GLU n 
1 125 ARG n 
1 126 LEU n 
1 127 VAL n 
1 128 ARG n 
1 129 TRP n 
# 
_entity_src_gen.entity_id                          1 
_entity_src_gen.pdbx_src_id                        1 
_entity_src_gen.pdbx_alt_source_flag               sample 
_entity_src_gen.pdbx_seq_type                      ? 
_entity_src_gen.pdbx_beg_seq_num                   ? 
_entity_src_gen.pdbx_end_seq_num                   ? 
_entity_src_gen.gene_src_common_name               human 
_entity_src_gen.gene_src_genus                     Homo 
_entity_src_gen.pdbx_gene_src_gene                 ARHGAP9 
_entity_src_gen.gene_src_species                   ? 
_entity_src_gen.gene_src_strain                    ? 
_entity_src_gen.gene_src_tissue                    ? 
_entity_src_gen.gene_src_tissue_fraction           ? 
_entity_src_gen.gene_src_details                   ? 
_entity_src_gen.pdbx_gene_src_fragment             ? 
_entity_src_gen.pdbx_gene_src_scientific_name      'Homo sapiens' 
_entity_src_gen.pdbx_gene_src_ncbi_taxonomy_id     9606 
_entity_src_gen.pdbx_gene_src_variant              ? 
_entity_src_gen.pdbx_gene_src_cell_line            ? 
_entity_src_gen.pdbx_gene_src_atcc                 ? 
_entity_src_gen.pdbx_gene_src_organ                ? 
_entity_src_gen.pdbx_gene_src_organelle            ? 
_entity_src_gen.pdbx_gene_src_cell                 ? 
_entity_src_gen.pdbx_gene_src_cellular_location    ? 
_entity_src_gen.host_org_common_name               ? 
_entity_src_gen.pdbx_host_org_scientific_name      'Escherichia coli' 
_entity_src_gen.pdbx_host_org_ncbi_taxonomy_id     562 
_entity_src_gen.host_org_genus                     Escherichia 
_entity_src_gen.pdbx_host_org_gene                 ? 
_entity_src_gen.pdbx_host_org_organ                ? 
_entity_src_gen.host_org_species                   ? 
_entity_src_gen.pdbx_host_org_tissue               ? 
_entity_src_gen.pdbx_host_org_tissue_fraction      ? 
_entity_src_gen.pdbx_host_org_strain               'BL21 Codon plus' 
_entity_src_gen.pdbx_host_org_variant              ? 
_entity_src_gen.pdbx_host_org_cell_line            ? 
_entity_src_gen.pdbx_host_org_atcc                 ? 
_entity_src_gen.pdbx_host_org_culture_collection   ? 
_entity_src_gen.pdbx_host_org_cell                 ? 
_entity_src_gen.pdbx_host_org_organelle            ? 
_entity_src_gen.pdbx_host_org_cellular_location    ? 
_entity_src_gen.pdbx_host_org_vector_type          plasmid 
_entity_src_gen.pdbx_host_org_vector               ? 
_entity_src_gen.host_org_details                   ? 
_entity_src_gen.expression_system_id               ? 
_entity_src_gen.plasmid_name                       pGEX-2T 
_entity_src_gen.plasmid_details                    ? 
_entity_src_gen.pdbx_description                   ? 
# 
loop_
_chem_comp.id 
_chem_comp.type 
_chem_comp.mon_nstd_flag 
_chem_comp.name 
_chem_comp.pdbx_synonyms 
_chem_comp.formula 
_chem_comp.formula_weight 
ALA 'L-peptide linking' y ALANINE                           ? 'C3 H7 N O2'     89.093  
ARG 'L-peptide linking' y ARGININE                          ? 'C6 H15 N4 O2 1' 175.209 
ASN 'L-peptide linking' y ASPARAGINE                        ? 'C4 H8 N2 O3'    132.118 
ASP 'L-peptide linking' y 'ASPARTIC ACID'                   ? 'C4 H7 N O4'     133.103 
GLN 'L-peptide linking' y GLUTAMINE                         ? 'C5 H10 N2 O3'   146.144 
GLU 'L-peptide linking' y 'GLUTAMIC ACID'                   ? 'C5 H9 N O4'     147.129 
GLY 'peptide linking'   y GLYCINE                           ? 'C2 H5 N O2'     75.067  
HIS 'L-peptide linking' y HISTIDINE                         ? 'C6 H10 N3 O2 1' 156.162 
HOH non-polymer         . WATER                             ? 'H2 O'           18.015  
I3P non-polymer         . D-MYO-INOSITOL-1,4,5-TRIPHOSPHATE ? 'C6 H15 O15 P3'  420.096 
ILE 'L-peptide linking' y ISOLEUCINE                        ? 'C6 H13 N O2'    131.173 
LEU 'L-peptide linking' y LEUCINE                           ? 'C6 H13 N O2'    131.173 
LYS 'L-peptide linking' y LYSINE                            ? 'C6 H15 N2 O2 1' 147.195 
MET 'L-peptide linking' y METHIONINE                        ? 'C5 H11 N O2 S'  149.211 
PHE 'L-peptide linking' y PHENYLALANINE                     ? 'C9 H11 N O2'    165.189 
PRO 'L-peptide linking' y PROLINE                           ? 'C5 H9 N O2'     115.130 
SER 'L-peptide linking' y SERINE                            ? 'C3 H7 N O3'     105.093 
THR 'L-peptide linking' y THREONINE                         ? 'C4 H9 N O3'     119.119 
TRP 'L-peptide linking' y TRYPTOPHAN                        ? 'C11 H12 N2 O2'  204.225 
TYR 'L-peptide linking' y TYROSINE                          ? 'C9 H11 N O3'    181.189 
VAL 'L-peptide linking' y VALINE                            ? 'C5 H11 N O2'    117.146 
# 
loop_
_pdbx_poly_seq_scheme.asym_id 
_pdbx_poly_seq_scheme.entity_id 
_pdbx_poly_seq_scheme.seq_id 
_pdbx_poly_seq_scheme.mon_id 
_pdbx_poly_seq_scheme.ndb_seq_num 
_pdbx_poly_seq_scheme.pdb_seq_num 
_pdbx_poly_seq_scheme.auth_seq_num 
_pdbx_poly_seq_scheme.pdb_mon_id 
_pdbx_poly_seq_scheme.auth_mon_id 
_pdbx_poly_seq_scheme.pdb_strand_id 
_pdbx_poly_seq_scheme.pdb_ins_code 
_pdbx_poly_seq_scheme.hetero 
A 1 1   GLY 1   312 ?   ?   ?   A . n 
A 1 2   SER 2   313 ?   ?   ?   A . n 
A 1 3   ARG 3   314 ?   ?   ?   A . n 
A 1 4   ARG 4   315 ?   ?   ?   A . n 
A 1 5   ALA 5   316 ?   ?   ?   A . n 
A 1 6   SER 6   317 ?   ?   ?   A . n 
A 1 7   VAL 7   318 ?   ?   ?   A . n 
A 1 8   GLY 8   319 ?   ?   ?   A . n 
A 1 9   SER 9   320 320 SER SER A . n 
A 1 10  HIS 10  321 321 HIS HIS A . n 
A 1 11  GLU 11  322 322 GLU GLU A . n 
A 1 12  VAL 12  323 323 VAL VAL A . n 
A 1 13  GLU 13  324 324 GLU GLU A . n 
A 1 14  LYS 14  325 325 LYS LYS A . n 
A 1 15  SER 15  326 326 SER SER A . n 
A 1 16  GLY 16  327 327 GLY GLY A . n 
A 1 17  LEU 17  328 328 LEU LEU A . n 
A 1 18  LEU 18  329 329 LEU LEU A . n 
A 1 19  ASN 19  330 330 ASN ASN A . n 
A 1 20  MET 20  331 331 MET MET A . n 
A 1 21  THR 21  332 332 THR THR A . n 
A 1 22  LYS 22  333 333 LYS LYS A . n 
A 1 23  ILE 23  334 334 ILE ILE A . n 
A 1 24  ALA 24  335 335 ALA ALA A . n 
A 1 25  GLN 25  336 336 GLN GLN A . n 
A 1 26  GLY 26  337 337 GLY GLY A . n 
A 1 27  GLY 27  338 338 GLY GLY A . n 
A 1 28  ARG 28  339 339 ARG ARG A . n 
A 1 29  LYS 29  340 340 LYS LYS A . n 
A 1 30  LEU 30  341 341 LEU LEU A . n 
A 1 31  ARG 31  342 342 ARG ARG A . n 
A 1 32  LYS 32  343 343 LYS LYS A . n 
A 1 33  ASN 33  344 344 ASN ASN A . n 
A 1 34  TRP 34  345 345 TRP TRP A . n 
A 1 35  GLY 35  346 346 GLY GLY A . n 
A 1 36  PRO 36  347 347 PRO PRO A . n 
A 1 37  SER 37  348 348 SER SER A . n 
A 1 38  TRP 38  349 349 TRP TRP A . n 
A 1 39  VAL 39  350 350 VAL VAL A . n 
A 1 40  VAL 40  351 351 VAL VAL A . n 
A 1 41  LEU 41  352 352 LEU LEU A . n 
A 1 42  THR 42  353 353 THR THR A . n 
A 1 43  GLY 43  354 354 GLY GLY A . n 
A 1 44  ASN 44  355 355 ASN ASN A . n 
A 1 45  SER 45  356 356 SER SER A . n 
A 1 46  LEU 46  357 357 LEU LEU A . n 
A 1 47  VAL 47  358 358 VAL VAL A . n 
A 1 48  PHE 48  359 359 PHE PHE A . n 
A 1 49  TYR 49  360 360 TYR TYR A . n 
A 1 50  ARG 50  361 361 ARG ARG A . n 
A 1 51  GLU 51  362 362 GLU GLU A . n 
A 1 52  PRO 52  363 363 PRO PRO A . n 
A 1 53  PRO 53  364 ?   ?   ?   A . n 
A 1 54  PRO 54  365 ?   ?   ?   A . n 
A 1 55  THR 55  366 ?   ?   ?   A . n 
A 1 56  ALA 56  367 ?   ?   ?   A . n 
A 1 57  PRO 57  368 ?   ?   ?   A . n 
A 1 58  SER 58  369 ?   ?   ?   A . n 
A 1 59  SER 59  370 ?   ?   ?   A . n 
A 1 60  GLY 60  371 ?   ?   ?   A . n 
A 1 61  TRP 61  372 ?   ?   ?   A . n 
A 1 62  GLY 62  373 ?   ?   ?   A . n 
A 1 63  PRO 63  374 ?   ?   ?   A . n 
A 1 64  ALA 64  375 ?   ?   ?   A . n 
A 1 65  GLY 65  376 ?   ?   ?   A . n 
A 1 66  SER 66  377 ?   ?   ?   A . n 
A 1 67  ARG 67  378 378 ARG ARG A . n 
A 1 68  PRO 68  379 379 PRO PRO A . n 
A 1 69  GLU 69  380 380 GLU GLU A . n 
A 1 70  SER 70  381 381 SER SER A . n 
A 1 71  SER 71  382 382 SER SER A . n 
A 1 72  VAL 72  383 383 VAL VAL A . n 
A 1 73  ASP 73  384 384 ASP ASP A . n 
A 1 74  LEU 74  385 385 LEU LEU A . n 
A 1 75  ARG 75  386 386 ARG ARG A . n 
A 1 76  GLY 76  387 387 GLY GLY A . n 
A 1 77  ALA 77  388 388 ALA ALA A . n 
A 1 78  ALA 78  389 389 ALA ALA A . n 
A 1 79  LEU 79  390 390 LEU LEU A . n 
A 1 80  ALA 80  391 391 ALA ALA A . n 
A 1 81  HIS 81  392 392 HIS HIS A . n 
A 1 82  GLY 82  393 393 GLY GLY A . n 
A 1 83  ARG 83  394 394 ARG ARG A . n 
A 1 84  HIS 84  395 395 HIS HIS A . n 
A 1 85  LEU 85  396 396 LEU LEU A . n 
A 1 86  SER 86  397 397 SER SER A . n 
A 1 87  SER 87  398 398 SER SER A . n 
A 1 88  ARG 88  399 399 ARG ARG A . n 
A 1 89  ARG 89  400 400 ARG ARG A . n 
A 1 90  ASN 90  401 401 ASN ASN A . n 
A 1 91  VAL 91  402 402 VAL VAL A . n 
A 1 92  LEU 92  403 403 LEU LEU A . n 
A 1 93  HIS 93  404 404 HIS HIS A . n 
A 1 94  ILE 94  405 405 ILE ILE A . n 
A 1 95  ARG 95  406 406 ARG ARG A . n 
A 1 96  THR 96  407 407 THR THR A . n 
A 1 97  ILE 97  408 408 ILE ILE A . n 
A 1 98  PRO 98  409 409 PRO PRO A . n 
A 1 99  GLY 99  410 410 GLY GLY A . n 
A 1 100 HIS 100 411 411 HIS HIS A . n 
A 1 101 GLU 101 412 412 GLU GLU A . n 
A 1 102 PHE 102 413 413 PHE PHE A . n 
A 1 103 LEU 103 414 414 LEU LEU A . n 
A 1 104 LEU 104 415 415 LEU LEU A . n 
A 1 105 GLN 105 416 416 GLN GLN A . n 
A 1 106 SER 106 417 417 SER SER A . n 
A 1 107 ASP 107 418 418 ASP ASP A . n 
A 1 108 HIS 108 419 419 HIS HIS A . n 
A 1 109 GLU 109 420 420 GLU GLU A . n 
A 1 110 THR 110 421 421 THR THR A . n 
A 1 111 GLU 111 422 422 GLU GLU A . n 
A 1 112 LEU 112 423 423 LEU LEU A . n 
A 1 113 ARG 113 424 424 ARG ARG A . n 
A 1 114 ALA 114 425 425 ALA ALA A . n 
A 1 115 TRP 115 426 426 TRP TRP A . n 
A 1 116 HIS 116 427 427 HIS HIS A . n 
A 1 117 ARG 117 428 428 ARG ARG A . n 
A 1 118 ALA 118 429 429 ALA ALA A . n 
A 1 119 LEU 119 430 430 LEU LEU A . n 
A 1 120 ARG 120 431 431 ARG ARG A . n 
A 1 121 THR 121 432 432 THR THR A . n 
A 1 122 VAL 122 433 433 VAL VAL A . n 
A 1 123 ILE 123 434 434 ILE ILE A . n 
A 1 124 GLU 124 435 435 GLU GLU A . n 
A 1 125 ARG 125 436 436 ARG ARG A . n 
A 1 126 LEU 126 437 437 LEU LEU A . n 
A 1 127 VAL 127 438 438 VAL VAL A . n 
A 1 128 ARG 128 439 439 ARG ARG A . n 
A 1 129 TRP 129 440 440 TRP TRP A . n 
# 
loop_
_pdbx_nonpoly_scheme.asym_id 
_pdbx_nonpoly_scheme.entity_id 
_pdbx_nonpoly_scheme.mon_id 
_pdbx_nonpoly_scheme.ndb_seq_num 
_pdbx_nonpoly_scheme.pdb_seq_num 
_pdbx_nonpoly_scheme.auth_seq_num 
_pdbx_nonpoly_scheme.pdb_mon_id 
_pdbx_nonpoly_scheme.auth_mon_id 
_pdbx_nonpoly_scheme.pdb_strand_id 
_pdbx_nonpoly_scheme.pdb_ins_code 
B 2 I3P 1  800 800 I3P I3P A . 
C 3 HOH 1  1   1   HOH HOH A . 
C 3 HOH 2  2   2   HOH HOH A . 
C 3 HOH 3  3   3   HOH HOH A . 
C 3 HOH 4  4   4   HOH HOH A . 
C 3 HOH 5  5   5   HOH HOH A . 
C 3 HOH 6  6   6   HOH HOH A . 
C 3 HOH 7  7   7   HOH HOH A . 
C 3 HOH 8  8   8   HOH HOH A . 
C 3 HOH 9  9   9   HOH HOH A . 
C 3 HOH 10 10  10  HOH HOH A . 
C 3 HOH 11 11  11  HOH HOH A . 
C 3 HOH 12 12  12  HOH HOH A . 
C 3 HOH 13 13  13  HOH HOH A . 
C 3 HOH 14 14  14  HOH HOH A . 
C 3 HOH 15 15  15  HOH HOH A . 
C 3 HOH 16 16  16  HOH HOH A . 
C 3 HOH 17 17  17  HOH HOH A . 
C 3 HOH 18 18  18  HOH HOH A . 
C 3 HOH 19 19  19  HOH HOH A . 
C 3 HOH 20 20  20  HOH HOH A . 
C 3 HOH 21 21  21  HOH HOH A . 
C 3 HOH 22 22  22  HOH HOH A . 
C 3 HOH 23 23  23  HOH HOH A . 
C 3 HOH 24 24  24  HOH HOH A . 
C 3 HOH 25 25  25  HOH HOH A . 
C 3 HOH 26 26  26  HOH HOH A . 
C 3 HOH 27 27  27  HOH HOH A . 
C 3 HOH 28 28  28  HOH HOH A . 
C 3 HOH 29 29  29  HOH HOH A . 
C 3 HOH 30 30  30  HOH HOH A . 
C 3 HOH 31 31  31  HOH HOH A . 
C 3 HOH 32 32  32  HOH HOH A . 
C 3 HOH 33 33  33  HOH HOH A . 
C 3 HOH 34 34  34  HOH HOH A . 
C 3 HOH 35 35  35  HOH HOH A . 
C 3 HOH 36 36  36  HOH HOH A . 
C 3 HOH 37 37  37  HOH HOH A . 
C 3 HOH 38 38  38  HOH HOH A . 
C 3 HOH 39 39  39  HOH HOH A . 
C 3 HOH 40 40  40  HOH HOH A . 
C 3 HOH 41 41  41  HOH HOH A . 
C 3 HOH 42 42  42  HOH HOH A . 
C 3 HOH 43 43  43  HOH HOH A . 
C 3 HOH 44 44  44  HOH HOH A . 
C 3 HOH 45 45  45  HOH HOH A . 
C 3 HOH 46 46  46  HOH HOH A . 
C 3 HOH 47 47  47  HOH HOH A . 
C 3 HOH 48 48  48  HOH HOH A . 
C 3 HOH 49 49  49  HOH HOH A . 
C 3 HOH 50 50  50  HOH HOH A . 
C 3 HOH 51 51  51  HOH HOH A . 
C 3 HOH 52 52  52  HOH HOH A . 
C 3 HOH 53 53  53  HOH HOH A . 
C 3 HOH 54 54  54  HOH HOH A . 
C 3 HOH 55 55  55  HOH HOH A . 
C 3 HOH 56 56  56  HOH HOH A . 
C 3 HOH 57 57  57  HOH HOH A . 
C 3 HOH 58 58  58  HOH HOH A . 
C 3 HOH 59 59  59  HOH HOH A . 
C 3 HOH 60 60  60  HOH HOH A . 
C 3 HOH 61 61  61  HOH HOH A . 
C 3 HOH 62 62  62  HOH HOH A . 
C 3 HOH 63 63  63  HOH HOH A . 
C 3 HOH 64 64  64  HOH HOH A . 
C 3 HOH 65 65  65  HOH HOH A . 
C 3 HOH 66 66  66  HOH HOH A . 
C 3 HOH 67 67  67  HOH HOH A . 
C 3 HOH 68 68  68  HOH HOH A . 
C 3 HOH 69 69  69  HOH HOH A . 
C 3 HOH 70 70  70  HOH HOH A . 
C 3 HOH 71 71  71  HOH HOH A . 
C 3 HOH 72 72  72  HOH HOH A . 
# 
loop_
_pdbx_unobs_or_zero_occ_atoms.id 
_pdbx_unobs_or_zero_occ_atoms.PDB_model_num 
_pdbx_unobs_or_zero_occ_atoms.polymer_flag 
_pdbx_unobs_or_zero_occ_atoms.occupancy_flag 
_pdbx_unobs_or_zero_occ_atoms.auth_asym_id 
_pdbx_unobs_or_zero_occ_atoms.auth_comp_id 
_pdbx_unobs_or_zero_occ_atoms.auth_seq_id 
_pdbx_unobs_or_zero_occ_atoms.PDB_ins_code 
_pdbx_unobs_or_zero_occ_atoms.auth_atom_id 
_pdbx_unobs_or_zero_occ_atoms.label_alt_id 
_pdbx_unobs_or_zero_occ_atoms.label_asym_id 
_pdbx_unobs_or_zero_occ_atoms.label_comp_id 
_pdbx_unobs_or_zero_occ_atoms.label_seq_id 
_pdbx_unobs_or_zero_occ_atoms.label_atom_id 
1  1 Y 1 A ARG 339 ? CG  ? A ARG 28 CG  
2  1 Y 1 A ARG 339 ? CD  ? A ARG 28 CD  
3  1 Y 1 A ARG 339 ? NE  ? A ARG 28 NE  
4  1 Y 1 A ARG 339 ? CZ  ? A ARG 28 CZ  
5  1 Y 1 A ARG 339 ? NH1 ? A ARG 28 NH1 
6  1 Y 1 A ARG 339 ? NH2 ? A ARG 28 NH2 
7  1 Y 1 A LYS 340 ? CG  ? A LYS 29 CG  
8  1 Y 1 A LYS 340 ? CD  ? A LYS 29 CD  
9  1 Y 1 A LYS 340 ? CE  ? A LYS 29 CE  
10 1 Y 1 A LYS 340 ? NZ  ? A LYS 29 NZ  
11 1 Y 1 A ARG 361 ? CG  ? A ARG 50 CG  
12 1 Y 1 A ARG 361 ? CD  ? A ARG 50 CD  
13 1 Y 1 A ARG 361 ? NE  ? A ARG 50 NE  
14 1 Y 1 A ARG 361 ? CZ  ? A ARG 50 CZ  
15 1 Y 1 A ARG 361 ? NH1 ? A ARG 50 NH1 
16 1 Y 1 A ARG 361 ? NH2 ? A ARG 50 NH2 
17 1 Y 1 A ARG 400 ? CG  ? A ARG 89 CG  
18 1 Y 1 A ARG 400 ? CD  ? A ARG 89 CD  
19 1 Y 1 A ARG 400 ? NE  ? A ARG 89 NE  
20 1 Y 1 A ARG 400 ? CZ  ? A ARG 89 CZ  
21 1 Y 1 A ARG 400 ? NH1 ? A ARG 89 NH1 
22 1 Y 1 A ARG 400 ? NH2 ? A ARG 89 NH2 
# 
loop_
_software.name 
_software.version 
_software.date 
_software.type 
_software.contact_author 
_software.contact_author_email 
_software.classification 
_software.location 
_software.language 
_software.citation_id 
_software.pdbx_ordinal 
DENZO       .     ?                package 'Zbyszek Otwinowski' zbyszek@mix.swmed.edu    'data reduction'  
http://www.lnls.br/infra/linhasluz/denzo-hkl.htm ?          ? 1 
SCALEPACK   .     ?                package 'Zbyszek Otwinowski' zbyszek@mix.swmed.edu    'data scaling'    
http://www.lnls.br/infra/linhasluz/denzo-hkl.htm ?          ? 2 
MOLREP      .     ?                other   'A. Vagin'           alexei@ysbl.york.ac.uk   phasing           
http://www.ccp4.ac.uk/dist/html/molrep.html      Fortran_77 ? 3 
REFMAC      .     ?                program 'Murshudov, G.N.'    ccp4@dl.ac.uk            refinement        
http://www.ccp4.ac.uk/main.html                  Fortran_77 ? 4 
PDB_EXTRACT 2.000 'April. 3, 2006' package PDB                  sw-help@rcsb.rutgers.edu 'data extraction' 
http://pdb.rutgers.edu/software/                 C++        ? 5 
HKL-2000    .     ?                ?       ?                    ?                        'data collection' ? ?          ? 6 
HKL-2000    .     ?                ?       ?                    ?                        'data reduction'  ? ?          ? 7 
# 
_cell.entry_id           2P0D 
_cell.length_a           41.510 
_cell.length_b           95.110 
_cell.length_c           29.700 
_cell.angle_alpha        90.00 
_cell.angle_beta         90.00 
_cell.angle_gamma        90.00 
_cell.Z_PDB              4 
_cell.pdbx_unique_axis   ? 
_cell.length_a_esd       ? 
_cell.length_b_esd       ? 
_cell.length_c_esd       ? 
_cell.angle_alpha_esd    ? 
_cell.angle_beta_esd     ? 
_cell.angle_gamma_esd    ? 
# 
_symmetry.entry_id                         2P0D 
_symmetry.space_group_name_H-M             'P 21 21 2' 
_symmetry.pdbx_full_space_group_name_H-M   ? 
_symmetry.cell_setting                     ? 
_symmetry.Int_Tables_number                18 
_symmetry.space_group_name_Hall            ? 
# 
_exptl.crystals_number   1 
_exptl.entry_id          2P0D 
_exptl.method            'X-RAY DIFFRACTION' 
# 
_exptl_crystal.id                    1 
_exptl_crystal.density_Matthews      2.03 
_exptl_crystal.density_meas          ? 
_exptl_crystal.density_percent_sol   39.44 
_exptl_crystal.description           ? 
_exptl_crystal.F_000                 ? 
_exptl_crystal.preparation           ? 
# 
_exptl_crystal_grow.crystal_id      1 
_exptl_crystal_grow.method          'VAPOR DIFFUSION, HANGING DROP' 
_exptl_crystal_grow.pH              7.0 
_exptl_crystal_grow.temp            298 
_exptl_crystal_grow.temp_details    ? 
_exptl_crystal_grow.pdbx_details    
'26% PEG4000, 100mM HEPES, 10% glycerol, 5mM DTT, pH 7.0, VAPOR DIFFUSION, HANGING DROP, temperature 298K' 
_exptl_crystal_grow.pdbx_pH_range   . 
# 
_diffrn.id                     1 
_diffrn.ambient_temp           100 
_diffrn.ambient_temp_details   ? 
_diffrn.crystal_id             1 
# 
_diffrn_detector.diffrn_id              1 
_diffrn_detector.detector               CCD 
_diffrn_detector.type                   'ADSC QUANTUM 4' 
_diffrn_detector.pdbx_collection_date   2004-07-29 
_diffrn_detector.details                'bent-flat Si-mirror (Rh coated)' 
# 
_diffrn_radiation.diffrn_id                        1 
_diffrn_radiation.wavelength_id                    1 
_diffrn_radiation.pdbx_diffrn_protocol             'SINGLE WAVELENGTH' 
_diffrn_radiation.monochromator                    'Si (111) double-crystal monochromator' 
_diffrn_radiation.pdbx_monochromatic_or_laue_m_l   M 
_diffrn_radiation.pdbx_scattering_type             x-ray 
# 
_diffrn_radiation_wavelength.id           1 
_diffrn_radiation_wavelength.wavelength   0.9202 
_diffrn_radiation_wavelength.wt           1.0 
# 
_diffrn_source.diffrn_id                   1 
_diffrn_source.source                      SYNCHROTRON 
_diffrn_source.type                        'APS BEAMLINE 14-BM-D' 
_diffrn_source.pdbx_wavelength             ? 
_diffrn_source.pdbx_wavelength_list        0.9202 
_diffrn_source.pdbx_synchrotron_site       APS 
_diffrn_source.pdbx_synchrotron_beamline   14-BM-D 
# 
_reflns.entry_id                     2P0D 
_reflns.d_resolution_high            1.800 
_reflns.d_resolution_low             50.000 
_reflns.number_obs                   11480 
_reflns.pdbx_Rmerge_I_obs            0.048 
_reflns.pdbx_netI_over_sigmaI        17.000 
_reflns.pdbx_chi_squared             1.096 
_reflns.percent_possible_obs         99.200 
_reflns.observed_criterion_sigma_F   ? 
_reflns.observed_criterion_sigma_I   ? 
_reflns.number_all                   ? 
_reflns.pdbx_Rsym_value              ? 
_reflns.B_iso_Wilson_estimate        ? 
_reflns.pdbx_redundancy              12.0 
_reflns.R_free_details               ? 
_reflns.limit_h_max                  ? 
_reflns.limit_h_min                  ? 
_reflns.limit_k_max                  ? 
_reflns.limit_k_min                  ? 
_reflns.limit_l_max                  ? 
_reflns.limit_l_min                  ? 
_reflns.observed_criterion_F_max     ? 
_reflns.observed_criterion_F_min     ? 
_reflns.pdbx_scaling_rejects         ? 
_reflns.pdbx_diffrn_id               1 
_reflns.pdbx_ordinal                 1 
# 
_reflns_shell.d_res_high             1.80 
_reflns_shell.d_res_low              1.86 
_reflns_shell.number_measured_obs    ? 
_reflns_shell.number_measured_all    ? 
_reflns_shell.number_unique_obs      ? 
_reflns_shell.Rmerge_I_obs           0.361 
_reflns_shell.meanI_over_sigI_obs    ? 
_reflns_shell.pdbx_Rsym_value        ? 
_reflns_shell.pdbx_chi_squared       1.072 
_reflns_shell.pdbx_redundancy        ? 
_reflns_shell.percent_possible_obs   ? 
_reflns_shell.number_unique_all      1066 
_reflns_shell.percent_possible_all   93.60 
_reflns_shell.pdbx_diffrn_id         ? 
_reflns_shell.pdbx_ordinal           1 
# 
_refine.entry_id                                 2P0D 
_refine.ls_d_res_high                            1.811 
_refine.ls_d_res_low                             47.570 
_refine.pdbx_ls_sigma_F                          0.00 
_refine.ls_percent_reflns_obs                    99.220 
_refine.ls_number_reflns_obs                     11190 
_refine.pdbx_ls_cross_valid_method               THROUGHOUT 
_refine.pdbx_R_Free_selection_details            RANDOM 
_refine.details                                  'HYDROGENS HAVE BEEN ADDED IN THE RIDING POSITIONS' 
_refine.ls_R_factor_obs                          0.200 
_refine.ls_R_factor_R_work                       0.199 
_refine.ls_R_factor_R_free                       0.222 
_refine.ls_percent_reflns_R_free                 4.800 
_refine.ls_number_reflns_R_free                  534 
_refine.B_iso_mean                               19.690 
_refine.aniso_B[1][1]                            -0.830 
_refine.aniso_B[2][2]                            -0.390 
_refine.aniso_B[3][3]                            1.220 
_refine.aniso_B[1][2]                            0.000 
_refine.aniso_B[1][3]                            0.000 
_refine.aniso_B[2][3]                            0.000 
_refine.correlation_coeff_Fo_to_Fc               0.945 
_refine.correlation_coeff_Fo_to_Fc_free          0.941 
_refine.pdbx_overall_ESU_R                       0.138 
_refine.pdbx_overall_ESU_R_Free                  0.123 
_refine.overall_SU_ML                            0.086 
_refine.overall_SU_B                             2.768 
_refine.solvent_model_details                    MASK 
_refine.pdbx_solvent_vdw_probe_radii             1.400 
_refine.pdbx_solvent_ion_probe_radii             0.800 
_refine.pdbx_solvent_shrinkage_radii             0.800 
_refine.pdbx_stereochemistry_target_values       'MAXIMUM LIKELIHOOD' 
_refine.pdbx_ls_sigma_I                          ? 
_refine.ls_number_reflns_all                     ? 
_refine.ls_R_factor_all                          ? 
_refine.ls_redundancy_reflns_obs                 ? 
_refine.pdbx_data_cutoff_high_absF               ? 
_refine.pdbx_data_cutoff_low_absF                ? 
_refine.ls_number_parameters                     ? 
_refine.ls_number_restraints                     ? 
_refine.ls_R_factor_R_free_error                 ? 
_refine.ls_R_factor_R_free_error_details         ? 
_refine.pdbx_method_to_determine_struct          'MOLECULAR REPLACEMENT' 
_refine.pdbx_starting_model                      ? 
_refine.pdbx_stereochem_target_val_spec_case     ? 
_refine.solvent_model_param_bsol                 ? 
_refine.solvent_model_param_ksol                 ? 
_refine.occupancy_max                            ? 
_refine.occupancy_min                            ? 
_refine.pdbx_isotropic_thermal_model             ? 
_refine.B_iso_min                                ? 
_refine.B_iso_max                                ? 
_refine.overall_SU_R_Cruickshank_DPI             ? 
_refine.overall_SU_R_free                        ? 
_refine.pdbx_data_cutoff_high_rms_absF           ? 
_refine.ls_wR_factor_R_free                      ? 
_refine.ls_wR_factor_R_work                      ? 
_refine.overall_FOM_free_R_set                   ? 
_refine.overall_FOM_work_R_set                   ? 
_refine.pdbx_refine_id                           'X-RAY DIFFRACTION' 
_refine.pdbx_diffrn_id                           1 
_refine.pdbx_TLS_residual_ADP_flag               ? 
_refine.pdbx_overall_phase_error                 ? 
_refine.pdbx_overall_SU_R_free_Cruickshank_DPI   ? 
_refine.pdbx_overall_SU_R_Blow_DPI               ? 
_refine.pdbx_overall_SU_R_free_Blow_DPI          ? 
# 
_refine_hist.pdbx_refine_id                   'X-RAY DIFFRACTION' 
_refine_hist.cycle_id                         LAST 
_refine_hist.pdbx_number_atoms_protein        861 
_refine_hist.pdbx_number_atoms_nucleic_acid   0 
_refine_hist.pdbx_number_atoms_ligand         24 
_refine_hist.number_atoms_solvent             72 
_refine_hist.number_atoms_total               957 
_refine_hist.d_res_high                       1.811 
_refine_hist.d_res_low                        47.570 
# 
loop_
_refine_ls_restr.type 
_refine_ls_restr.number 
_refine_ls_restr.dev_ideal 
_refine_ls_restr.dev_ideal_target 
_refine_ls_restr.weight 
_refine_ls_restr.pdbx_refine_id 
_refine_ls_restr.pdbx_restraint_function 
r_bond_refined_d         906  0.017  0.021  ? 'X-RAY DIFFRACTION' ? 
r_angle_refined_deg      1235 1.982  1.958  ? 'X-RAY DIFFRACTION' ? 
r_dihedral_angle_1_deg   107  6.370  5.000  ? 'X-RAY DIFFRACTION' ? 
r_dihedral_angle_2_deg   42   30.769 21.190 ? 'X-RAY DIFFRACTION' ? 
r_dihedral_angle_3_deg   146  15.562 15.000 ? 'X-RAY DIFFRACTION' ? 
r_dihedral_angle_4_deg   11   22.722 15.000 ? 'X-RAY DIFFRACTION' ? 
r_chiral_restr           137  0.153  0.200  ? 'X-RAY DIFFRACTION' ? 
r_gen_planes_refined     670  0.008  0.020  ? 'X-RAY DIFFRACTION' ? 
r_nbd_refined            355  0.206  0.200  ? 'X-RAY DIFFRACTION' ? 
r_nbtor_refined          600  0.302  0.200  ? 'X-RAY DIFFRACTION' ? 
r_xyhbond_nbd_refined    62   0.199  0.200  ? 'X-RAY DIFFRACTION' ? 
r_symmetry_vdw_refined   29   0.230  0.200  ? 'X-RAY DIFFRACTION' ? 
r_symmetry_hbond_refined 9    0.155  0.200  ? 'X-RAY DIFFRACTION' ? 
r_mcbond_it              552  1.804  1.500  ? 'X-RAY DIFFRACTION' ? 
r_mcangle_it             850  1.892  2.000  ? 'X-RAY DIFFRACTION' ? 
r_scbond_it              408  2.873  3.000  ? 'X-RAY DIFFRACTION' ? 
r_scangle_it             384  4.487  4.500  ? 'X-RAY DIFFRACTION' ? 
# 
_refine_ls_shell.d_res_high                       1.811 
_refine_ls_shell.d_res_low                        1.858 
_refine_ls_shell.pdbx_total_number_of_bins_used   20 
_refine_ls_shell.percent_reflns_obs               90.440 
_refine_ls_shell.number_reflns_R_work             714 
_refine_ls_shell.R_factor_all                     ? 
_refine_ls_shell.R_factor_R_work                  0.280 
_refine_ls_shell.R_factor_R_free                  0.311 
_refine_ls_shell.percent_reflns_R_free            ? 
_refine_ls_shell.number_reflns_R_free             33 
_refine_ls_shell.R_factor_R_free_error            ? 
_refine_ls_shell.number_reflns_all                ? 
_refine_ls_shell.number_reflns_obs                747 
_refine_ls_shell.redundancy_reflns_obs            ? 
_refine_ls_shell.pdbx_refine_id                   'X-RAY DIFFRACTION' 
# 
_struct.entry_id                  2P0D 
_struct.title                     'ArhGAP9 PH domain in complex with Ins(1,4,5)P3' 
_struct.pdbx_model_details        ? 
_struct.pdbx_CASP_flag            ? 
_struct.pdbx_model_type_details   ? 
# 
_struct_keywords.entry_id        2P0D 
_struct_keywords.pdbx_keywords   'LIGAND BINDING PROTEIN' 
_struct_keywords.text            'Protein-phosphoinositide complex, Pleckstrin homology domain, LIGAND BINDING PROTEIN' 
# 
loop_
_struct_asym.id 
_struct_asym.pdbx_blank_PDB_chainid_flag 
_struct_asym.pdbx_modified 
_struct_asym.entity_id 
_struct_asym.details 
A N N 1 ? 
B N N 2 ? 
C N N 3 ? 
# 
_struct_ref.id                         1 
_struct_ref.db_name                    UNP 
_struct_ref.db_code                    RHG09_HUMAN 
_struct_ref.pdbx_db_accession          Q9BRR9 
_struct_ref.entity_id                  1 
_struct_ref.pdbx_seq_one_letter_code   
;HEVEKSGLLNMTKIAQGGRKLRKNWGPSWVVLTGNSLVFYREPPPTAPSSGWGPAGSRPESSVDLRGAALAHGRHLSSRR
NVLHIRTIPGHEFLLQSDHETELRAWHRALRTVIERLVRW
;
_struct_ref.pdbx_align_begin           321 
_struct_ref.pdbx_db_isoform            ? 
# 
_struct_ref_seq.align_id                      1 
_struct_ref_seq.ref_id                        1 
_struct_ref_seq.pdbx_PDB_id_code              2P0D 
_struct_ref_seq.pdbx_strand_id                A 
_struct_ref_seq.seq_align_beg                 10 
_struct_ref_seq.pdbx_seq_align_beg_ins_code   ? 
_struct_ref_seq.seq_align_end                 129 
_struct_ref_seq.pdbx_seq_align_end_ins_code   ? 
_struct_ref_seq.pdbx_db_accession             Q9BRR9 
_struct_ref_seq.db_align_beg                  321 
_struct_ref_seq.pdbx_db_align_beg_ins_code    ? 
_struct_ref_seq.db_align_end                  440 
_struct_ref_seq.pdbx_db_align_end_ins_code    ? 
_struct_ref_seq.pdbx_auth_seq_align_beg       321 
_struct_ref_seq.pdbx_auth_seq_align_end       440 
# 
loop_
_struct_ref_seq_dif.align_id 
_struct_ref_seq_dif.pdbx_pdb_id_code 
_struct_ref_seq_dif.mon_id 
_struct_ref_seq_dif.pdbx_pdb_strand_id 
_struct_ref_seq_dif.seq_num 
_struct_ref_seq_dif.pdbx_pdb_ins_code 
_struct_ref_seq_dif.pdbx_seq_db_name 
_struct_ref_seq_dif.pdbx_seq_db_accession_code 
_struct_ref_seq_dif.db_mon_id 
_struct_ref_seq_dif.pdbx_seq_db_seq_num 
_struct_ref_seq_dif.details 
_struct_ref_seq_dif.pdbx_auth_seq_num 
_struct_ref_seq_dif.pdbx_ordinal 
1 2P0D GLY A 1 ? UNP Q9BRR9 ? ? 'cloning artifact' 312 1 
1 2P0D SER A 2 ? UNP Q9BRR9 ? ? 'cloning artifact' 313 2 
1 2P0D ARG A 3 ? UNP Q9BRR9 ? ? 'cloning artifact' 314 3 
1 2P0D ARG A 4 ? UNP Q9BRR9 ? ? 'cloning artifact' 315 4 
1 2P0D ALA A 5 ? UNP Q9BRR9 ? ? 'cloning artifact' 316 5 
1 2P0D SER A 6 ? UNP Q9BRR9 ? ? 'cloning artifact' 317 6 
1 2P0D VAL A 7 ? UNP Q9BRR9 ? ? 'cloning artifact' 318 7 
1 2P0D GLY A 8 ? UNP Q9BRR9 ? ? 'cloning artifact' 319 8 
1 2P0D SER A 9 ? UNP Q9BRR9 ? ? 'cloning artifact' 320 9 
# 
_pdbx_struct_assembly.id                   1 
_pdbx_struct_assembly.details              author_defined_assembly 
_pdbx_struct_assembly.method_details       ? 
_pdbx_struct_assembly.oligomeric_details   monomeric 
_pdbx_struct_assembly.oligomeric_count     1 
# 
_pdbx_struct_assembly_gen.assembly_id       1 
_pdbx_struct_assembly_gen.oper_expression   1 
_pdbx_struct_assembly_gen.asym_id_list      A,B,C 
# 
_pdbx_struct_oper_list.id                   1 
_pdbx_struct_oper_list.type                 'identity operation' 
_pdbx_struct_oper_list.name                 1_555 
_pdbx_struct_oper_list.symmetry_operation   x,y,z 
_pdbx_struct_oper_list.matrix[1][1]         1.0000000000 
_pdbx_struct_oper_list.matrix[1][2]         0.0000000000 
_pdbx_struct_oper_list.matrix[1][3]         0.0000000000 
_pdbx_struct_oper_list.vector[1]            0.0000000000 
_pdbx_struct_oper_list.matrix[2][1]         0.0000000000 
_pdbx_struct_oper_list.matrix[2][2]         1.0000000000 
_pdbx_struct_oper_list.matrix[2][3]         0.0000000000 
_pdbx_struct_oper_list.vector[2]            0.0000000000 
_pdbx_struct_oper_list.matrix[3][1]         0.0000000000 
_pdbx_struct_oper_list.matrix[3][2]         0.0000000000 
_pdbx_struct_oper_list.matrix[3][3]         1.0000000000 
_pdbx_struct_oper_list.vector[3]            0.0000000000 
# 
_struct_biol.id                    1 
_struct_biol.details               ? 
_struct_biol.pdbx_parent_biol_id   ? 
# 
_struct_conf.conf_type_id            HELX_P 
_struct_conf.id                      HELX_P1 
_struct_conf.pdbx_PDB_helix_id       1 
_struct_conf.beg_label_comp_id       HIS 
_struct_conf.beg_label_asym_id       A 
_struct_conf.beg_label_seq_id        108 
_struct_conf.pdbx_beg_PDB_ins_code   ? 
_struct_conf.end_label_comp_id       TRP 
_struct_conf.end_label_asym_id       A 
_struct_conf.end_label_seq_id        129 
_struct_conf.pdbx_end_PDB_ins_code   ? 
_struct_conf.beg_auth_comp_id        HIS 
_struct_conf.beg_auth_asym_id        A 
_struct_conf.beg_auth_seq_id         419 
_struct_conf.end_auth_comp_id        TRP 
_struct_conf.end_auth_asym_id        A 
_struct_conf.end_auth_seq_id         440 
_struct_conf.pdbx_PDB_helix_class    1 
_struct_conf.details                 ? 
_struct_conf.pdbx_PDB_helix_length   22 
# 
_struct_conf_type.id          HELX_P 
_struct_conf_type.criteria    ? 
_struct_conf_type.reference   ? 
# 
loop_
_struct_sheet.id 
_struct_sheet.type 
_struct_sheet.number_strands 
_struct_sheet.details 
A ? 5 ? 
B ? 5 ? 
# 
loop_
_struct_sheet_order.sheet_id 
_struct_sheet_order.range_id_1 
_struct_sheet_order.range_id_2 
_struct_sheet_order.offset 
_struct_sheet_order.sense 
A 1 2 ? anti-parallel 
A 2 3 ? anti-parallel 
A 3 4 ? anti-parallel 
A 4 5 ? anti-parallel 
B 1 2 ? anti-parallel 
B 2 3 ? anti-parallel 
B 3 4 ? anti-parallel 
B 4 5 ? anti-parallel 
# 
loop_
_struct_sheet_range.sheet_id 
_struct_sheet_range.id 
_struct_sheet_range.beg_label_comp_id 
_struct_sheet_range.beg_label_asym_id 
_struct_sheet_range.beg_label_seq_id 
_struct_sheet_range.pdbx_beg_PDB_ins_code 
_struct_sheet_range.end_label_comp_id 
_struct_sheet_range.end_label_asym_id 
_struct_sheet_range.end_label_seq_id 
_struct_sheet_range.pdbx_end_PDB_ins_code 
_struct_sheet_range.beg_auth_comp_id 
_struct_sheet_range.beg_auth_asym_id 
_struct_sheet_range.beg_auth_seq_id 
_struct_sheet_range.end_auth_comp_id 
_struct_sheet_range.end_auth_asym_id 
_struct_sheet_range.end_auth_seq_id 
A 1 ARG A 28  ? LYS A 29  ? ARG A 339 LYS A 340 
A 2 VAL A 12  ? GLN A 25  ? VAL A 323 GLN A 336 
A 3 GLY A 35  ? THR A 42  ? GLY A 346 THR A 353 
A 4 SER A 45  ? TYR A 49  ? SER A 356 TYR A 360 
A 5 SER A 70  ? ASP A 73  ? SER A 381 ASP A 384 
B 1 ARG A 28  ? LYS A 29  ? ARG A 339 LYS A 340 
B 2 VAL A 12  ? GLN A 25  ? VAL A 323 GLN A 336 
B 3 GLU A 101 ? GLN A 105 ? GLU A 412 GLN A 416 
B 4 VAL A 91  ? ARG A 95  ? VAL A 402 ARG A 406 
B 5 ALA A 78  ? HIS A 81  ? ALA A 389 HIS A 392 
# 
loop_
_pdbx_struct_sheet_hbond.sheet_id 
_pdbx_struct_sheet_hbond.range_id_1 
_pdbx_struct_sheet_hbond.range_id_2 
_pdbx_struct_sheet_hbond.range_1_label_atom_id 
_pdbx_struct_sheet_hbond.range_1_label_comp_id 
_pdbx_struct_sheet_hbond.range_1_label_asym_id 
_pdbx_struct_sheet_hbond.range_1_label_seq_id 
_pdbx_struct_sheet_hbond.range_1_PDB_ins_code 
_pdbx_struct_sheet_hbond.range_1_auth_atom_id 
_pdbx_struct_sheet_hbond.range_1_auth_comp_id 
_pdbx_struct_sheet_hbond.range_1_auth_asym_id 
_pdbx_struct_sheet_hbond.range_1_auth_seq_id 
_pdbx_struct_sheet_hbond.range_2_label_atom_id 
_pdbx_struct_sheet_hbond.range_2_label_comp_id 
_pdbx_struct_sheet_hbond.range_2_label_asym_id 
_pdbx_struct_sheet_hbond.range_2_label_seq_id 
_pdbx_struct_sheet_hbond.range_2_PDB_ins_code 
_pdbx_struct_sheet_hbond.range_2_auth_atom_id 
_pdbx_struct_sheet_hbond.range_2_auth_comp_id 
_pdbx_struct_sheet_hbond.range_2_auth_asym_id 
_pdbx_struct_sheet_hbond.range_2_auth_seq_id 
A 1 2 O ARG A 28  ? O ARG A 339 N GLN A 25  ? N GLN A 336 
A 2 3 N LYS A 14  ? N LYS A 325 O LEU A 41  ? O LEU A 352 
A 3 4 N VAL A 40  ? N VAL A 351 O VAL A 47  ? O VAL A 358 
A 4 5 N PHE A 48  ? N PHE A 359 O SER A 70  ? O SER A 381 
B 1 2 O ARG A 28  ? O ARG A 339 N GLN A 25  ? N GLN A 336 
B 2 3 N ILE A 23  ? N ILE A 334 O GLU A 101 ? O GLU A 412 
B 3 4 O PHE A 102 ? O PHE A 413 N ILE A 94  ? N ILE A 405 
B 4 5 O HIS A 93  ? O HIS A 404 N ALA A 80  ? N ALA A 391 
# 
_struct_site.id                   AC1 
_struct_site.pdbx_evidence_code   Software 
_struct_site.pdbx_auth_asym_id    A 
_struct_site.pdbx_auth_comp_id    I3P 
_struct_site.pdbx_auth_seq_id     800 
_struct_site.pdbx_auth_ins_code   ? 
_struct_site.pdbx_num_residues    17 
_struct_site.details              'BINDING SITE FOR RESIDUE I3P A 800' 
# 
loop_
_struct_site_gen.id 
_struct_site_gen.site_id 
_struct_site_gen.pdbx_num_res 
_struct_site_gen.label_comp_id 
_struct_site_gen.label_asym_id 
_struct_site_gen.label_seq_id 
_struct_site_gen.pdbx_auth_ins_code 
_struct_site_gen.auth_comp_id 
_struct_site_gen.auth_asym_id 
_struct_site_gen.auth_seq_id 
_struct_site_gen.label_atom_id 
_struct_site_gen.label_alt_id 
_struct_site_gen.symmetry 
_struct_site_gen.details 
1  AC1 17 HOH C .   ? HOH A 1   . ? 1_555 ? 
2  AC1 17 HOH C .   ? HOH A 26  . ? 1_555 ? 
3  AC1 17 HOH C .   ? HOH A 27  . ? 1_555 ? 
4  AC1 17 HOH C .   ? HOH A 30  . ? 1_455 ? 
5  AC1 17 HOH C .   ? HOH A 31  . ? 1_555 ? 
6  AC1 17 HOH C .   ? HOH A 57  . ? 1_555 ? 
7  AC1 17 HOH C .   ? HOH A 71  . ? 1_555 ? 
8  AC1 17 ARG A 31  ? ARG A 342 . ? 1_555 ? 
9  AC1 17 LYS A 32  ? LYS A 343 . ? 1_555 ? 
10 AC1 17 TRP A 34  ? TRP A 345 . ? 1_555 ? 
11 AC1 17 HIS A 81  ? HIS A 392 . ? 4_445 ? 
12 AC1 17 ARG A 83  ? ARG A 394 . ? 4_445 ? 
13 AC1 17 SER A 86  ? SER A 397 . ? 1_555 ? 
14 AC1 17 SER A 87  ? SER A 398 . ? 1_555 ? 
15 AC1 17 ARG A 120 ? ARG A 431 . ? 4_445 ? 
16 AC1 17 ARG A 125 ? ARG A 436 . ? 1_455 ? 
17 AC1 17 ARG A 128 ? ARG A 439 . ? 1_455 ? 
# 
loop_
_pdbx_validate_rmsd_angle.id 
_pdbx_validate_rmsd_angle.PDB_model_num 
_pdbx_validate_rmsd_angle.auth_atom_id_1 
_pdbx_validate_rmsd_angle.auth_asym_id_1 
_pdbx_validate_rmsd_angle.auth_comp_id_1 
_pdbx_validate_rmsd_angle.auth_seq_id_1 
_pdbx_validate_rmsd_angle.PDB_ins_code_1 
_pdbx_validate_rmsd_angle.label_alt_id_1 
_pdbx_validate_rmsd_angle.auth_atom_id_2 
_pdbx_validate_rmsd_angle.auth_asym_id_2 
_pdbx_validate_rmsd_angle.auth_comp_id_2 
_pdbx_validate_rmsd_angle.auth_seq_id_2 
_pdbx_validate_rmsd_angle.PDB_ins_code_2 
_pdbx_validate_rmsd_angle.label_alt_id_2 
_pdbx_validate_rmsd_angle.auth_atom_id_3 
_pdbx_validate_rmsd_angle.auth_asym_id_3 
_pdbx_validate_rmsd_angle.auth_comp_id_3 
_pdbx_validate_rmsd_angle.auth_seq_id_3 
_pdbx_validate_rmsd_angle.PDB_ins_code_3 
_pdbx_validate_rmsd_angle.label_alt_id_3 
_pdbx_validate_rmsd_angle.angle_value 
_pdbx_validate_rmsd_angle.angle_target_value 
_pdbx_validate_rmsd_angle.angle_deviation 
_pdbx_validate_rmsd_angle.angle_standard_deviation 
_pdbx_validate_rmsd_angle.linker_flag 
1 1 NE A ARG 394 ? ? CZ A ARG 394 ? ? NH1 A ARG 394 ? ? 125.19 120.30 4.89   0.50 N 
2 1 NE A ARG 394 ? ? CZ A ARG 394 ? ? NH2 A ARG 394 ? ? 115.55 120.30 -4.75  0.50 N 
3 1 CA A LEU 423 ? ? CB A LEU 423 ? ? CG  A LEU 423 ? ? 99.79  115.30 -15.51 2.30 N 
4 1 CB A LEU 423 ? ? CG A LEU 423 ? ? CD2 A LEU 423 ? ? 122.16 111.00 11.16  1.70 N 
# 
_pdbx_validate_torsion.id              1 
_pdbx_validate_torsion.PDB_model_num   1 
_pdbx_validate_torsion.auth_comp_id    ASN 
_pdbx_validate_torsion.auth_asym_id    A 
_pdbx_validate_torsion.auth_seq_id     401 
_pdbx_validate_torsion.PDB_ins_code    ? 
_pdbx_validate_torsion.label_alt_id    ? 
_pdbx_validate_torsion.phi             63.64 
_pdbx_validate_torsion.psi             70.06 
# 
_pdbx_phasing_MR.entry_id                     2P0D 
_pdbx_phasing_MR.method_rotation              ? 
_pdbx_phasing_MR.method_translation           ? 
_pdbx_phasing_MR.model_details                ? 
_pdbx_phasing_MR.R_factor                     ? 
_pdbx_phasing_MR.R_rigid_body                 ? 
_pdbx_phasing_MR.correlation_coeff_Fo_to_Fc   ? 
_pdbx_phasing_MR.correlation_coeff_Io_to_Ic   ? 
_pdbx_phasing_MR.d_res_high_rotation          1.960 
_pdbx_phasing_MR.d_res_low_rotation           31.270 
_pdbx_phasing_MR.d_res_high_translation       1.960 
_pdbx_phasing_MR.d_res_low_translation        31.270 
_pdbx_phasing_MR.packing                      ? 
_pdbx_phasing_MR.reflns_percent_rotation      ? 
_pdbx_phasing_MR.reflns_percent_translation   ? 
_pdbx_phasing_MR.sigma_F_rotation             ? 
_pdbx_phasing_MR.sigma_F_translation          ? 
_pdbx_phasing_MR.sigma_I_rotation             ? 
_pdbx_phasing_MR.sigma_I_translation          ? 
# 
loop_
_pdbx_unobs_or_zero_occ_residues.id 
_pdbx_unobs_or_zero_occ_residues.PDB_model_num 
_pdbx_unobs_or_zero_occ_residues.polymer_flag 
_pdbx_unobs_or_zero_occ_residues.occupancy_flag 
_pdbx_unobs_or_zero_occ_residues.auth_asym_id 
_pdbx_unobs_or_zero_occ_residues.auth_comp_id 
_pdbx_unobs_or_zero_occ_residues.auth_seq_id 
_pdbx_unobs_or_zero_occ_residues.PDB_ins_code 
_pdbx_unobs_or_zero_occ_residues.label_asym_id 
_pdbx_unobs_or_zero_occ_residues.label_comp_id 
_pdbx_unobs_or_zero_occ_residues.label_seq_id 
1  1 Y 1 A GLY 312 ? A GLY 1  
2  1 Y 1 A SER 313 ? A SER 2  
3  1 Y 1 A ARG 314 ? A ARG 3  
4  1 Y 1 A ARG 315 ? A ARG 4  
5  1 Y 1 A ALA 316 ? A ALA 5  
6  1 Y 1 A SER 317 ? A SER 6  
7  1 Y 1 A VAL 318 ? A VAL 7  
8  1 Y 1 A GLY 319 ? A GLY 8  
9  1 Y 1 A PRO 364 ? A PRO 53 
10 1 Y 1 A PRO 365 ? A PRO 54 
11 1 Y 1 A THR 366 ? A THR 55 
12 1 Y 1 A ALA 367 ? A ALA 56 
13 1 Y 1 A PRO 368 ? A PRO 57 
14 1 Y 1 A SER 369 ? A SER 58 
15 1 Y 1 A SER 370 ? A SER 59 
16 1 Y 1 A GLY 371 ? A GLY 60 
17 1 Y 1 A TRP 372 ? A TRP 61 
18 1 Y 1 A GLY 373 ? A GLY 62 
19 1 Y 1 A PRO 374 ? A PRO 63 
20 1 Y 1 A ALA 375 ? A ALA 64 
21 1 Y 1 A GLY 376 ? A GLY 65 
22 1 Y 1 A SER 377 ? A SER 66 
# 
loop_
_chem_comp_atom.comp_id 
_chem_comp_atom.atom_id 
_chem_comp_atom.type_symbol 
_chem_comp_atom.pdbx_aromatic_flag 
_chem_comp_atom.pdbx_stereo_config 
_chem_comp_atom.pdbx_ordinal 
ALA N    N N N 1   
ALA CA   C N S 2   
ALA C    C N N 3   
ALA O    O N N 4   
ALA CB   C N N 5   
ALA OXT  O N N 6   
ALA H    H N N 7   
ALA H2   H N N 8   
ALA HA   H N N 9   
ALA HB1  H N N 10  
ALA HB2  H N N 11  
ALA HB3  H N N 12  
ALA HXT  H N N 13  
ARG N    N N N 14  
ARG CA   C N S 15  
ARG C    C N N 16  
ARG O    O N N 17  
ARG CB   C N N 18  
ARG CG   C N N 19  
ARG CD   C N N 20  
ARG NE   N N N 21  
ARG CZ   C N N 22  
ARG NH1  N N N 23  
ARG NH2  N N N 24  
ARG OXT  O N N 25  
ARG H    H N N 26  
ARG H2   H N N 27  
ARG HA   H N N 28  
ARG HB2  H N N 29  
ARG HB3  H N N 30  
ARG HG2  H N N 31  
ARG HG3  H N N 32  
ARG HD2  H N N 33  
ARG HD3  H N N 34  
ARG HE   H N N 35  
ARG HH11 H N N 36  
ARG HH12 H N N 37  
ARG HH21 H N N 38  
ARG HH22 H N N 39  
ARG HXT  H N N 40  
ASN N    N N N 41  
ASN CA   C N S 42  
ASN C    C N N 43  
ASN O    O N N 44  
ASN CB   C N N 45  
ASN CG   C N N 46  
ASN OD1  O N N 47  
ASN ND2  N N N 48  
ASN OXT  O N N 49  
ASN H    H N N 50  
ASN H2   H N N 51  
ASN HA   H N N 52  
ASN HB2  H N N 53  
ASN HB3  H N N 54  
ASN HD21 H N N 55  
ASN HD22 H N N 56  
ASN HXT  H N N 57  
ASP N    N N N 58  
ASP CA   C N S 59  
ASP C    C N N 60  
ASP O    O N N 61  
ASP CB   C N N 62  
ASP CG   C N N 63  
ASP OD1  O N N 64  
ASP OD2  O N N 65  
ASP OXT  O N N 66  
ASP H    H N N 67  
ASP H2   H N N 68  
ASP HA   H N N 69  
ASP HB2  H N N 70  
ASP HB3  H N N 71  
ASP HD2  H N N 72  
ASP HXT  H N N 73  
GLN N    N N N 74  
GLN CA   C N S 75  
GLN C    C N N 76  
GLN O    O N N 77  
GLN CB   C N N 78  
GLN CG   C N N 79  
GLN CD   C N N 80  
GLN OE1  O N N 81  
GLN NE2  N N N 82  
GLN OXT  O N N 83  
GLN H    H N N 84  
GLN H2   H N N 85  
GLN HA   H N N 86  
GLN HB2  H N N 87  
GLN HB3  H N N 88  
GLN HG2  H N N 89  
GLN HG3  H N N 90  
GLN HE21 H N N 91  
GLN HE22 H N N 92  
GLN HXT  H N N 93  
GLU N    N N N 94  
GLU CA   C N S 95  
GLU C    C N N 96  
GLU O    O N N 97  
GLU CB   C N N 98  
GLU CG   C N N 99  
GLU CD   C N N 100 
GLU OE1  O N N 101 
GLU OE2  O N N 102 
GLU OXT  O N N 103 
GLU H    H N N 104 
GLU H2   H N N 105 
GLU HA   H N N 106 
GLU HB2  H N N 107 
GLU HB3  H N N 108 
GLU HG2  H N N 109 
GLU HG3  H N N 110 
GLU HE2  H N N 111 
GLU HXT  H N N 112 
GLY N    N N N 113 
GLY CA   C N N 114 
GLY C    C N N 115 
GLY O    O N N 116 
GLY OXT  O N N 117 
GLY H    H N N 118 
GLY H2   H N N 119 
GLY HA2  H N N 120 
GLY HA3  H N N 121 
GLY HXT  H N N 122 
HIS N    N N N 123 
HIS CA   C N S 124 
HIS C    C N N 125 
HIS O    O N N 126 
HIS CB   C N N 127 
HIS CG   C Y N 128 
HIS ND1  N Y N 129 
HIS CD2  C Y N 130 
HIS CE1  C Y N 131 
HIS NE2  N Y N 132 
HIS OXT  O N N 133 
HIS H    H N N 134 
HIS H2   H N N 135 
HIS HA   H N N 136 
HIS HB2  H N N 137 
HIS HB3  H N N 138 
HIS HD1  H N N 139 
HIS HD2  H N N 140 
HIS HE1  H N N 141 
HIS HE2  H N N 142 
HIS HXT  H N N 143 
HOH O    O N N 144 
HOH H1   H N N 145 
HOH H2   H N N 146 
I3P C1   C N R 147 
I3P C2   C N R 148 
I3P C3   C N S 149 
I3P C4   C N R 150 
I3P C5   C N R 151 
I3P C6   C N S 152 
I3P O1   O N N 153 
I3P O2   O N N 154 
I3P O3   O N N 155 
I3P O4   O N N 156 
I3P O5   O N N 157 
I3P O6   O N N 158 
I3P P1   P N N 159 
I3P O11  O N N 160 
I3P O12  O N N 161 
I3P O13  O N N 162 
I3P P4   P N N 163 
I3P O41  O N N 164 
I3P O42  O N N 165 
I3P O43  O N N 166 
I3P P5   P N N 167 
I3P O51  O N N 168 
I3P O52  O N N 169 
I3P O53  O N N 170 
I3P H1   H N N 171 
I3P H2   H N N 172 
I3P H3   H N N 173 
I3P H4   H N N 174 
I3P H5   H N N 175 
I3P H6   H N N 176 
I3P HO2  H N N 177 
I3P HO3  H N N 178 
I3P HO6  H N N 179 
I3P HO12 H N N 180 
I3P HO13 H N N 181 
I3P HO42 H N N 182 
I3P HO43 H N N 183 
I3P HO52 H N N 184 
I3P HO53 H N N 185 
ILE N    N N N 186 
ILE CA   C N S 187 
ILE C    C N N 188 
ILE O    O N N 189 
ILE CB   C N S 190 
ILE CG1  C N N 191 
ILE CG2  C N N 192 
ILE CD1  C N N 193 
ILE OXT  O N N 194 
ILE H    H N N 195 
ILE H2   H N N 196 
ILE HA   H N N 197 
ILE HB   H N N 198 
ILE HG12 H N N 199 
ILE HG13 H N N 200 
ILE HG21 H N N 201 
ILE HG22 H N N 202 
ILE HG23 H N N 203 
ILE HD11 H N N 204 
ILE HD12 H N N 205 
ILE HD13 H N N 206 
ILE HXT  H N N 207 
LEU N    N N N 208 
LEU CA   C N S 209 
LEU C    C N N 210 
LEU O    O N N 211 
LEU CB   C N N 212 
LEU CG   C N N 213 
LEU CD1  C N N 214 
LEU CD2  C N N 215 
LEU OXT  O N N 216 
LEU H    H N N 217 
LEU H2   H N N 218 
LEU HA   H N N 219 
LEU HB2  H N N 220 
LEU HB3  H N N 221 
LEU HG   H N N 222 
LEU HD11 H N N 223 
LEU HD12 H N N 224 
LEU HD13 H N N 225 
LEU HD21 H N N 226 
LEU HD22 H N N 227 
LEU HD23 H N N 228 
LEU HXT  H N N 229 
LYS N    N N N 230 
LYS CA   C N S 231 
LYS C    C N N 232 
LYS O    O N N 233 
LYS CB   C N N 234 
LYS CG   C N N 235 
LYS CD   C N N 236 
LYS CE   C N N 237 
LYS NZ   N N N 238 
LYS OXT  O N N 239 
LYS H    H N N 240 
LYS H2   H N N 241 
LYS HA   H N N 242 
LYS HB2  H N N 243 
LYS HB3  H N N 244 
LYS HG2  H N N 245 
LYS HG3  H N N 246 
LYS HD2  H N N 247 
LYS HD3  H N N 248 
LYS HE2  H N N 249 
LYS HE3  H N N 250 
LYS HZ1  H N N 251 
LYS HZ2  H N N 252 
LYS HZ3  H N N 253 
LYS HXT  H N N 254 
MET N    N N N 255 
MET CA   C N S 256 
MET C    C N N 257 
MET O    O N N 258 
MET CB   C N N 259 
MET CG   C N N 260 
MET SD   S N N 261 
MET CE   C N N 262 
MET OXT  O N N 263 
MET H    H N N 264 
MET H2   H N N 265 
MET HA   H N N 266 
MET HB2  H N N 267 
MET HB3  H N N 268 
MET HG2  H N N 269 
MET HG3  H N N 270 
MET HE1  H N N 271 
MET HE2  H N N 272 
MET HE3  H N N 273 
MET HXT  H N N 274 
PHE N    N N N 275 
PHE CA   C N S 276 
PHE C    C N N 277 
PHE O    O N N 278 
PHE CB   C N N 279 
PHE CG   C Y N 280 
PHE CD1  C Y N 281 
PHE CD2  C Y N 282 
PHE CE1  C Y N 283 
PHE CE2  C Y N 284 
PHE CZ   C Y N 285 
PHE OXT  O N N 286 
PHE H    H N N 287 
PHE H2   H N N 288 
PHE HA   H N N 289 
PHE HB2  H N N 290 
PHE HB3  H N N 291 
PHE HD1  H N N 292 
PHE HD2  H N N 293 
PHE HE1  H N N 294 
PHE HE2  H N N 295 
PHE HZ   H N N 296 
PHE HXT  H N N 297 
PRO N    N N N 298 
PRO CA   C N S 299 
PRO C    C N N 300 
PRO O    O N N 301 
PRO CB   C N N 302 
PRO CG   C N N 303 
PRO CD   C N N 304 
PRO OXT  O N N 305 
PRO H    H N N 306 
PRO HA   H N N 307 
PRO HB2  H N N 308 
PRO HB3  H N N 309 
PRO HG2  H N N 310 
PRO HG3  H N N 311 
PRO HD2  H N N 312 
PRO HD3  H N N 313 
PRO HXT  H N N 314 
SER N    N N N 315 
SER CA   C N S 316 
SER C    C N N 317 
SER O    O N N 318 
SER CB   C N N 319 
SER OG   O N N 320 
SER OXT  O N N 321 
SER H    H N N 322 
SER H2   H N N 323 
SER HA   H N N 324 
SER HB2  H N N 325 
SER HB3  H N N 326 
SER HG   H N N 327 
SER HXT  H N N 328 
THR N    N N N 329 
THR CA   C N S 330 
THR C    C N N 331 
THR O    O N N 332 
THR CB   C N R 333 
THR OG1  O N N 334 
THR CG2  C N N 335 
THR OXT  O N N 336 
THR H    H N N 337 
THR H2   H N N 338 
THR HA   H N N 339 
THR HB   H N N 340 
THR HG1  H N N 341 
THR HG21 H N N 342 
THR HG22 H N N 343 
THR HG23 H N N 344 
THR HXT  H N N 345 
TRP N    N N N 346 
TRP CA   C N S 347 
TRP C    C N N 348 
TRP O    O N N 349 
TRP CB   C N N 350 
TRP CG   C Y N 351 
TRP CD1  C Y N 352 
TRP CD2  C Y N 353 
TRP NE1  N Y N 354 
TRP CE2  C Y N 355 
TRP CE3  C Y N 356 
TRP CZ2  C Y N 357 
TRP CZ3  C Y N 358 
TRP CH2  C Y N 359 
TRP OXT  O N N 360 
TRP H    H N N 361 
TRP H2   H N N 362 
TRP HA   H N N 363 
TRP HB2  H N N 364 
TRP HB3  H N N 365 
TRP HD1  H N N 366 
TRP HE1  H N N 367 
TRP HE3  H N N 368 
TRP HZ2  H N N 369 
TRP HZ3  H N N 370 
TRP HH2  H N N 371 
TRP HXT  H N N 372 
TYR N    N N N 373 
TYR CA   C N S 374 
TYR C    C N N 375 
TYR O    O N N 376 
TYR CB   C N N 377 
TYR CG   C Y N 378 
TYR CD1  C Y N 379 
TYR CD2  C Y N 380 
TYR CE1  C Y N 381 
TYR CE2  C Y N 382 
TYR CZ   C Y N 383 
TYR OH   O N N 384 
TYR OXT  O N N 385 
TYR H    H N N 386 
TYR H2   H N N 387 
TYR HA   H N N 388 
TYR HB2  H N N 389 
TYR HB3  H N N 390 
TYR HD1  H N N 391 
TYR HD2  H N N 392 
TYR HE1  H N N 393 
TYR HE2  H N N 394 
TYR HH   H N N 395 
TYR HXT  H N N 396 
VAL N    N N N 397 
VAL CA   C N S 398 
VAL C    C N N 399 
VAL O    O N N 400 
VAL CB   C N N 401 
VAL CG1  C N N 402 
VAL CG2  C N N 403 
VAL OXT  O N N 404 
VAL H    H N N 405 
VAL H2   H N N 406 
VAL HA   H N N 407 
VAL HB   H N N 408 
VAL HG11 H N N 409 
VAL HG12 H N N 410 
VAL HG13 H N N 411 
VAL HG21 H N N 412 
VAL HG22 H N N 413 
VAL HG23 H N N 414 
VAL HXT  H N N 415 
# 
loop_
_chem_comp_bond.comp_id 
_chem_comp_bond.atom_id_1 
_chem_comp_bond.atom_id_2 
_chem_comp_bond.value_order 
_chem_comp_bond.pdbx_aromatic_flag 
_chem_comp_bond.pdbx_stereo_config 
_chem_comp_bond.pdbx_ordinal 
ALA N   CA   sing N N 1   
ALA N   H    sing N N 2   
ALA N   H2   sing N N 3   
ALA CA  C    sing N N 4   
ALA CA  CB   sing N N 5   
ALA CA  HA   sing N N 6   
ALA C   O    doub N N 7   
ALA C   OXT  sing N N 8   
ALA CB  HB1  sing N N 9   
ALA CB  HB2  sing N N 10  
ALA CB  HB3  sing N N 11  
ALA OXT HXT  sing N N 12  
ARG N   CA   sing N N 13  
ARG N   H    sing N N 14  
ARG N   H2   sing N N 15  
ARG CA  C    sing N N 16  
ARG CA  CB   sing N N 17  
ARG CA  HA   sing N N 18  
ARG C   O    doub N N 19  
ARG C   OXT  sing N N 20  
ARG CB  CG   sing N N 21  
ARG CB  HB2  sing N N 22  
ARG CB  HB3  sing N N 23  
ARG CG  CD   sing N N 24  
ARG CG  HG2  sing N N 25  
ARG CG  HG3  sing N N 26  
ARG CD  NE   sing N N 27  
ARG CD  HD2  sing N N 28  
ARG CD  HD3  sing N N 29  
ARG NE  CZ   sing N N 30  
ARG NE  HE   sing N N 31  
ARG CZ  NH1  sing N N 32  
ARG CZ  NH2  doub N N 33  
ARG NH1 HH11 sing N N 34  
ARG NH1 HH12 sing N N 35  
ARG NH2 HH21 sing N N 36  
ARG NH2 HH22 sing N N 37  
ARG OXT HXT  sing N N 38  
ASN N   CA   sing N N 39  
ASN N   H    sing N N 40  
ASN N   H2   sing N N 41  
ASN CA  C    sing N N 42  
ASN CA  CB   sing N N 43  
ASN CA  HA   sing N N 44  
ASN C   O    doub N N 45  
ASN C   OXT  sing N N 46  
ASN CB  CG   sing N N 47  
ASN CB  HB2  sing N N 48  
ASN CB  HB3  sing N N 49  
ASN CG  OD1  doub N N 50  
ASN CG  ND2  sing N N 51  
ASN ND2 HD21 sing N N 52  
ASN ND2 HD22 sing N N 53  
ASN OXT HXT  sing N N 54  
ASP N   CA   sing N N 55  
ASP N   H    sing N N 56  
ASP N   H2   sing N N 57  
ASP CA  C    sing N N 58  
ASP CA  CB   sing N N 59  
ASP CA  HA   sing N N 60  
ASP C   O    doub N N 61  
ASP C   OXT  sing N N 62  
ASP CB  CG   sing N N 63  
ASP CB  HB2  sing N N 64  
ASP CB  HB3  sing N N 65  
ASP CG  OD1  doub N N 66  
ASP CG  OD2  sing N N 67  
ASP OD2 HD2  sing N N 68  
ASP OXT HXT  sing N N 69  
GLN N   CA   sing N N 70  
GLN N   H    sing N N 71  
GLN N   H2   sing N N 72  
GLN CA  C    sing N N 73  
GLN CA  CB   sing N N 74  
GLN CA  HA   sing N N 75  
GLN C   O    doub N N 76  
GLN C   OXT  sing N N 77  
GLN CB  CG   sing N N 78  
GLN CB  HB2  sing N N 79  
GLN CB  HB3  sing N N 80  
GLN CG  CD   sing N N 81  
GLN CG  HG2  sing N N 82  
GLN CG  HG3  sing N N 83  
GLN CD  OE1  doub N N 84  
GLN CD  NE2  sing N N 85  
GLN NE2 HE21 sing N N 86  
GLN NE2 HE22 sing N N 87  
GLN OXT HXT  sing N N 88  
GLU N   CA   sing N N 89  
GLU N   H    sing N N 90  
GLU N   H2   sing N N 91  
GLU CA  C    sing N N 92  
GLU CA  CB   sing N N 93  
GLU CA  HA   sing N N 94  
GLU C   O    doub N N 95  
GLU C   OXT  sing N N 96  
GLU CB  CG   sing N N 97  
GLU CB  HB2  sing N N 98  
GLU CB  HB3  sing N N 99  
GLU CG  CD   sing N N 100 
GLU CG  HG2  sing N N 101 
GLU CG  HG3  sing N N 102 
GLU CD  OE1  doub N N 103 
GLU CD  OE2  sing N N 104 
GLU OE2 HE2  sing N N 105 
GLU OXT HXT  sing N N 106 
GLY N   CA   sing N N 107 
GLY N   H    sing N N 108 
GLY N   H2   sing N N 109 
GLY CA  C    sing N N 110 
GLY CA  HA2  sing N N 111 
GLY CA  HA3  sing N N 112 
GLY C   O    doub N N 113 
GLY C   OXT  sing N N 114 
GLY OXT HXT  sing N N 115 
HIS N   CA   sing N N 116 
HIS N   H    sing N N 117 
HIS N   H2   sing N N 118 
HIS CA  C    sing N N 119 
HIS CA  CB   sing N N 120 
HIS CA  HA   sing N N 121 
HIS C   O    doub N N 122 
HIS C   OXT  sing N N 123 
HIS CB  CG   sing N N 124 
HIS CB  HB2  sing N N 125 
HIS CB  HB3  sing N N 126 
HIS CG  ND1  sing Y N 127 
HIS CG  CD2  doub Y N 128 
HIS ND1 CE1  doub Y N 129 
HIS ND1 HD1  sing N N 130 
HIS CD2 NE2  sing Y N 131 
HIS CD2 HD2  sing N N 132 
HIS CE1 NE2  sing Y N 133 
HIS CE1 HE1  sing N N 134 
HIS NE2 HE2  sing N N 135 
HIS OXT HXT  sing N N 136 
HOH O   H1   sing N N 137 
HOH O   H2   sing N N 138 
I3P C1  C2   sing N N 139 
I3P C1  C6   sing N N 140 
I3P C1  O1   sing N N 141 
I3P C1  H1   sing N N 142 
I3P C2  C3   sing N N 143 
I3P C2  O2   sing N N 144 
I3P C2  H2   sing N N 145 
I3P C3  C4   sing N N 146 
I3P C3  O3   sing N N 147 
I3P C3  H3   sing N N 148 
I3P C4  C5   sing N N 149 
I3P C4  O4   sing N N 150 
I3P C4  H4   sing N N 151 
I3P C5  C6   sing N N 152 
I3P C5  O5   sing N N 153 
I3P C5  H5   sing N N 154 
I3P C6  O6   sing N N 155 
I3P C6  H6   sing N N 156 
I3P O1  P1   sing N N 157 
I3P O2  HO2  sing N N 158 
I3P O3  HO3  sing N N 159 
I3P O4  P4   sing N N 160 
I3P O5  P5   sing N N 161 
I3P O6  HO6  sing N N 162 
I3P P1  O11  doub N N 163 
I3P P1  O12  sing N N 164 
I3P P1  O13  sing N N 165 
I3P O12 HO12 sing N N 166 
I3P O13 HO13 sing N N 167 
I3P P4  O41  doub N N 168 
I3P P4  O42  sing N N 169 
I3P P4  O43  sing N N 170 
I3P O42 HO42 sing N N 171 
I3P O43 HO43 sing N N 172 
I3P P5  O51  doub N N 173 
I3P P5  O52  sing N N 174 
I3P P5  O53  sing N N 175 
I3P O52 HO52 sing N N 176 
I3P O53 HO53 sing N N 177 
ILE N   CA   sing N N 178 
ILE N   H    sing N N 179 
ILE N   H2   sing N N 180 
ILE CA  C    sing N N 181 
ILE CA  CB   sing N N 182 
ILE CA  HA   sing N N 183 
ILE C   O    doub N N 184 
ILE C   OXT  sing N N 185 
ILE CB  CG1  sing N N 186 
ILE CB  CG2  sing N N 187 
ILE CB  HB   sing N N 188 
ILE CG1 CD1  sing N N 189 
ILE CG1 HG12 sing N N 190 
ILE CG1 HG13 sing N N 191 
ILE CG2 HG21 sing N N 192 
ILE CG2 HG22 sing N N 193 
ILE CG2 HG23 sing N N 194 
ILE CD1 HD11 sing N N 195 
ILE CD1 HD12 sing N N 196 
ILE CD1 HD13 sing N N 197 
ILE OXT HXT  sing N N 198 
LEU N   CA   sing N N 199 
LEU N   H    sing N N 200 
LEU N   H2   sing N N 201 
LEU CA  C    sing N N 202 
LEU CA  CB   sing N N 203 
LEU CA  HA   sing N N 204 
LEU C   O    doub N N 205 
LEU C   OXT  sing N N 206 
LEU CB  CG   sing N N 207 
LEU CB  HB2  sing N N 208 
LEU CB  HB3  sing N N 209 
LEU CG  CD1  sing N N 210 
LEU CG  CD2  sing N N 211 
LEU CG  HG   sing N N 212 
LEU CD1 HD11 sing N N 213 
LEU CD1 HD12 sing N N 214 
LEU CD1 HD13 sing N N 215 
LEU CD2 HD21 sing N N 216 
LEU CD2 HD22 sing N N 217 
LEU CD2 HD23 sing N N 218 
LEU OXT HXT  sing N N 219 
LYS N   CA   sing N N 220 
LYS N   H    sing N N 221 
LYS N   H2   sing N N 222 
LYS CA  C    sing N N 223 
LYS CA  CB   sing N N 224 
LYS CA  HA   sing N N 225 
LYS C   O    doub N N 226 
LYS C   OXT  sing N N 227 
LYS CB  CG   sing N N 228 
LYS CB  HB2  sing N N 229 
LYS CB  HB3  sing N N 230 
LYS CG  CD   sing N N 231 
LYS CG  HG2  sing N N 232 
LYS CG  HG3  sing N N 233 
LYS CD  CE   sing N N 234 
LYS CD  HD2  sing N N 235 
LYS CD  HD3  sing N N 236 
LYS CE  NZ   sing N N 237 
LYS CE  HE2  sing N N 238 
LYS CE  HE3  sing N N 239 
LYS NZ  HZ1  sing N N 240 
LYS NZ  HZ2  sing N N 241 
LYS NZ  HZ3  sing N N 242 
LYS OXT HXT  sing N N 243 
MET N   CA   sing N N 244 
MET N   H    sing N N 245 
MET N   H2   sing N N 246 
MET CA  C    sing N N 247 
MET CA  CB   sing N N 248 
MET CA  HA   sing N N 249 
MET C   O    doub N N 250 
MET C   OXT  sing N N 251 
MET CB  CG   sing N N 252 
MET CB  HB2  sing N N 253 
MET CB  HB3  sing N N 254 
MET CG  SD   sing N N 255 
MET CG  HG2  sing N N 256 
MET CG  HG3  sing N N 257 
MET SD  CE   sing N N 258 
MET CE  HE1  sing N N 259 
MET CE  HE2  sing N N 260 
MET CE  HE3  sing N N 261 
MET OXT HXT  sing N N 262 
PHE N   CA   sing N N 263 
PHE N   H    sing N N 264 
PHE N   H2   sing N N 265 
PHE CA  C    sing N N 266 
PHE CA  CB   sing N N 267 
PHE CA  HA   sing N N 268 
PHE C   O    doub N N 269 
PHE C   OXT  sing N N 270 
PHE CB  CG   sing N N 271 
PHE CB  HB2  sing N N 272 
PHE CB  HB3  sing N N 273 
PHE CG  CD1  doub Y N 274 
PHE CG  CD2  sing Y N 275 
PHE CD1 CE1  sing Y N 276 
PHE CD1 HD1  sing N N 277 
PHE CD2 CE2  doub Y N 278 
PHE CD2 HD2  sing N N 279 
PHE CE1 CZ   doub Y N 280 
PHE CE1 HE1  sing N N 281 
PHE CE2 CZ   sing Y N 282 
PHE CE2 HE2  sing N N 283 
PHE CZ  HZ   sing N N 284 
PHE OXT HXT  sing N N 285 
PRO N   CA   sing N N 286 
PRO N   CD   sing N N 287 
PRO N   H    sing N N 288 
PRO CA  C    sing N N 289 
PRO CA  CB   sing N N 290 
PRO CA  HA   sing N N 291 
PRO C   O    doub N N 292 
PRO C   OXT  sing N N 293 
PRO CB  CG   sing N N 294 
PRO CB  HB2  sing N N 295 
PRO CB  HB3  sing N N 296 
PRO CG  CD   sing N N 297 
PRO CG  HG2  sing N N 298 
PRO CG  HG3  sing N N 299 
PRO CD  HD2  sing N N 300 
PRO CD  HD3  sing N N 301 
PRO OXT HXT  sing N N 302 
SER N   CA   sing N N 303 
SER N   H    sing N N 304 
SER N   H2   sing N N 305 
SER CA  C    sing N N 306 
SER CA  CB   sing N N 307 
SER CA  HA   sing N N 308 
SER C   O    doub N N 309 
SER C   OXT  sing N N 310 
SER CB  OG   sing N N 311 
SER CB  HB2  sing N N 312 
SER CB  HB3  sing N N 313 
SER OG  HG   sing N N 314 
SER OXT HXT  sing N N 315 
THR N   CA   sing N N 316 
THR N   H    sing N N 317 
THR N   H2   sing N N 318 
THR CA  C    sing N N 319 
THR CA  CB   sing N N 320 
THR CA  HA   sing N N 321 
THR C   O    doub N N 322 
THR C   OXT  sing N N 323 
THR CB  OG1  sing N N 324 
THR CB  CG2  sing N N 325 
THR CB  HB   sing N N 326 
THR OG1 HG1  sing N N 327 
THR CG2 HG21 sing N N 328 
THR CG2 HG22 sing N N 329 
THR CG2 HG23 sing N N 330 
THR OXT HXT  sing N N 331 
TRP N   CA   sing N N 332 
TRP N   H    sing N N 333 
TRP N   H2   sing N N 334 
TRP CA  C    sing N N 335 
TRP CA  CB   sing N N 336 
TRP CA  HA   sing N N 337 
TRP C   O    doub N N 338 
TRP C   OXT  sing N N 339 
TRP CB  CG   sing N N 340 
TRP CB  HB2  sing N N 341 
TRP CB  HB3  sing N N 342 
TRP CG  CD1  doub Y N 343 
TRP CG  CD2  sing Y N 344 
TRP CD1 NE1  sing Y N 345 
TRP CD1 HD1  sing N N 346 
TRP CD2 CE2  doub Y N 347 
TRP CD2 CE3  sing Y N 348 
TRP NE1 CE2  sing Y N 349 
TRP NE1 HE1  sing N N 350 
TRP CE2 CZ2  sing Y N 351 
TRP CE3 CZ3  doub Y N 352 
TRP CE3 HE3  sing N N 353 
TRP CZ2 CH2  doub Y N 354 
TRP CZ2 HZ2  sing N N 355 
TRP CZ3 CH2  sing Y N 356 
TRP CZ3 HZ3  sing N N 357 
TRP CH2 HH2  sing N N 358 
TRP OXT HXT  sing N N 359 
TYR N   CA   sing N N 360 
TYR N   H    sing N N 361 
TYR N   H2   sing N N 362 
TYR CA  C    sing N N 363 
TYR CA  CB   sing N N 364 
TYR CA  HA   sing N N 365 
TYR C   O    doub N N 366 
TYR C   OXT  sing N N 367 
TYR CB  CG   sing N N 368 
TYR CB  HB2  sing N N 369 
TYR CB  HB3  sing N N 370 
TYR CG  CD1  doub Y N 371 
TYR CG  CD2  sing Y N 372 
TYR CD1 CE1  sing Y N 373 
TYR CD1 HD1  sing N N 374 
TYR CD2 CE2  doub Y N 375 
TYR CD2 HD2  sing N N 376 
TYR CE1 CZ   doub Y N 377 
TYR CE1 HE1  sing N N 378 
TYR CE2 CZ   sing Y N 379 
TYR CE2 HE2  sing N N 380 
TYR CZ  OH   sing N N 381 
TYR OH  HH   sing N N 382 
TYR OXT HXT  sing N N 383 
VAL N   CA   sing N N 384 
VAL N   H    sing N N 385 
VAL N   H2   sing N N 386 
VAL CA  C    sing N N 387 
VAL CA  CB   sing N N 388 
VAL CA  HA   sing N N 389 
VAL C   O    doub N N 390 
VAL C   OXT  sing N N 391 
VAL CB  CG1  sing N N 392 
VAL CB  CG2  sing N N 393 
VAL CB  HB   sing N N 394 
VAL CG1 HG11 sing N N 395 
VAL CG1 HG12 sing N N 396 
VAL CG1 HG13 sing N N 397 
VAL CG2 HG21 sing N N 398 
VAL CG2 HG22 sing N N 399 
VAL CG2 HG23 sing N N 400 
VAL OXT HXT  sing N N 401 
# 
_atom_sites.entry_id                    2P0D 
_atom_sites.fract_transf_matrix[1][1]   0.01125208 
_atom_sites.fract_transf_matrix[1][2]   0.02076319 
_atom_sites.fract_transf_matrix[1][3]   0.00475991 
_atom_sites.fract_transf_matrix[2][1]   -0.00928138 
_atom_sites.fract_transf_matrix[2][2]   0.00491355 
_atom_sites.fract_transf_matrix[2][3]   0.00050712 
_atom_sites.fract_transf_matrix[3][1]   -0.00170929 
_atom_sites.fract_transf_matrix[3][2]   -0.00663112 
_atom_sites.fract_transf_matrix[3][3]   0.03296628 
_atom_sites.fract_transf_vector[1]      0.238667 
_atom_sites.fract_transf_vector[2]      -0.129882 
_atom_sites.fract_transf_vector[3]      -0.047603 
# 
loop_
_atom_type.symbol 
C 
N 
O 
P 
S 
# 
loop_
_atom_site.group_PDB 
_atom_site.id 
_atom_site.type_symbol 
_atom_site.label_atom_id 
_atom_site.label_alt_id 
_atom_site.label_comp_id 
_atom_site.label_asym_id 
_atom_site.label_entity_id 
_atom_site.label_seq_id 
_atom_site.pdbx_PDB_ins_code 
_atom_site.Cartn_x 
_atom_site.Cartn_y 
_atom_site.Cartn_z 
_atom_site.occupancy 
_atom_site.B_iso_or_equiv 
_atom_site.pdbx_formal_charge 
_atom_site.auth_seq_id 
_atom_site.auth_comp_id 
_atom_site.auth_asym_id 
_atom_site.auth_atom_id 
_atom_site.pdbx_PDB_model_num 
ATOM   1   N N   . SER A 1 9   ? 0.221   17.426  3.573   1.00 37.53 ? 320 SER A N   1 
ATOM   2   C CA  . SER A 1 9   ? -0.427  16.162  4.040   1.00 36.92 ? 320 SER A CA  1 
ATOM   3   C C   . SER A 1 9   ? -1.585  15.697  3.126   1.00 36.04 ? 320 SER A C   1 
ATOM   4   O O   . SER A 1 9   ? -1.608  14.540  2.736   1.00 35.90 ? 320 SER A O   1 
ATOM   5   C CB  . SER A 1 9   ? -0.847  16.270  5.507   1.00 37.19 ? 320 SER A CB  1 
ATOM   6   O OG  . SER A 1 9   ? -2.171  15.778  5.692   1.00 39.54 ? 320 SER A OG  1 
ATOM   7   N N   . HIS A 1 10  ? -2.520  16.600  2.791   1.00 35.13 ? 321 HIS A N   1 
ATOM   8   C CA  . HIS A 1 10  ? -3.579  16.359  1.769   1.00 33.49 ? 321 HIS A CA  1 
ATOM   9   C C   . HIS A 1 10  ? -3.003  16.255  0.323   1.00 32.60 ? 321 HIS A C   1 
ATOM   10  O O   . HIS A 1 10  ? -3.671  15.782  -0.613  1.00 33.18 ? 321 HIS A O   1 
ATOM   11  C CB  . HIS A 1 10  ? -4.668  17.475  1.830   1.00 33.63 ? 321 HIS A CB  1 
ATOM   12  C CG  . HIS A 1 10  ? -4.321  18.699  1.033   1.00 31.07 ? 321 HIS A CG  1 
ATOM   13  N ND1 . HIS A 1 10  ? -4.788  18.911  -0.250  1.00 30.72 ? 321 HIS A ND1 1 
ATOM   14  C CD2 . HIS A 1 10  ? -3.490  19.734  1.304   1.00 29.53 ? 321 HIS A CD2 1 
ATOM   15  C CE1 . HIS A 1 10  ? -4.267  20.028  -0.728  1.00 26.34 ? 321 HIS A CE1 1 
ATOM   16  N NE2 . HIS A 1 10  ? -3.466  20.540  0.189   1.00 26.79 ? 321 HIS A NE2 1 
ATOM   17  N N   . GLU A 1 11  ? -1.770  16.709  0.127   1.00 30.47 ? 322 GLU A N   1 
ATOM   18  C CA  . GLU A 1 11  ? -1.219  16.726  -1.214  1.00 28.08 ? 322 GLU A CA  1 
ATOM   19  C C   . GLU A 1 11  ? -0.831  15.314  -1.684  1.00 25.71 ? 322 GLU A C   1 
ATOM   20  O O   . GLU A 1 11  ? -0.384  14.505  -0.893  1.00 23.69 ? 322 GLU A O   1 
ATOM   21  C CB  . GLU A 1 11  ? -0.020  17.653  -1.260  1.00 28.94 ? 322 GLU A CB  1 
ATOM   22  C CG  . GLU A 1 11  ? -0.418  19.137  -1.443  1.00 32.25 ? 322 GLU A CG  1 
ATOM   23  C CD  . GLU A 1 11  ? 0.748   20.080  -1.163  1.00 37.58 ? 322 GLU A CD  1 
ATOM   24  O OE1 . GLU A 1 11  ? 1.907   19.613  -1.050  1.00 41.06 ? 322 GLU A OE1 1 
ATOM   25  O OE2 . GLU A 1 11  ? 0.507   21.293  -1.054  1.00 38.52 ? 322 GLU A OE2 1 
ATOM   26  N N   . VAL A 1 12  ? -1.016  15.046  -2.971  1.00 24.16 ? 323 VAL A N   1 
ATOM   27  C CA  . VAL A 1 12  ? -0.664  13.750  -3.550  1.00 22.63 ? 323 VAL A CA  1 
ATOM   28  C C   . VAL A 1 12  ? 0.837   13.626  -3.865  1.00 22.87 ? 323 VAL A C   1 
ATOM   29  O O   . VAL A 1 12  ? 1.400   14.399  -4.642  1.00 21.82 ? 323 VAL A O   1 
ATOM   30  C CB  . VAL A 1 12  ? -1.529  13.438  -4.758  1.00 23.02 ? 323 VAL A CB  1 
ATOM   31  C CG1 . VAL A 1 12  ? -1.110  12.104  -5.378  1.00 23.36 ? 323 VAL A CG1 1 
ATOM   32  C CG2 . VAL A 1 12  ? -3.021  13.452  -4.345  1.00 22.36 ? 323 VAL A CG2 1 
ATOM   33  N N   . GLU A 1 13  ? 1.488   12.655  -3.233  1.00 21.56 ? 324 GLU A N   1 
ATOM   34  C CA  . GLU A 1 13  ? 2.914   12.402  -3.475  1.00 21.35 ? 324 GLU A CA  1 
ATOM   35  C C   . GLU A 1 13  ? 3.145   11.480  -4.658  1.00 19.85 ? 324 GLU A C   1 
ATOM   36  O O   . GLU A 1 13  ? 4.141   11.618  -5.350  1.00 18.86 ? 324 GLU A O   1 
ATOM   37  C CB  . GLU A 1 13  ? 3.579   11.807  -2.260  1.00 21.77 ? 324 GLU A CB  1 
ATOM   38  C CG  . GLU A 1 13  ? 3.213   12.534  -1.016  1.00 28.19 ? 324 GLU A CG  1 
ATOM   39  C CD  . GLU A 1 13  ? 4.415   12.985  -0.217  1.00 35.05 ? 324 GLU A CD  1 
ATOM   40  O OE1 . GLU A 1 13  ? 5.585   12.767  -0.646  1.00 37.94 ? 324 GLU A OE1 1 
ATOM   41  O OE2 . GLU A 1 13  ? 4.166   13.563  0.863   1.00 38.15 ? 324 GLU A OE2 1 
ATOM   42  N N   . LYS A 1 14  ? 2.240   10.526  -4.860  1.00 16.47 ? 325 LYS A N   1 
ATOM   43  C CA  . LYS A 1 14  ? 2.363   9.565   -5.970  1.00 16.97 ? 325 LYS A CA  1 
ATOM   44  C C   . LYS A 1 14  ? 1.010   8.965   -6.248  1.00 15.94 ? 325 LYS A C   1 
ATOM   45  O O   . LYS A 1 14  ? 0.218   8.798   -5.332  1.00 16.34 ? 325 LYS A O   1 
ATOM   46  C CB  . LYS A 1 14  ? 3.375   8.452   -5.643  1.00 16.16 ? 325 LYS A CB  1 
ATOM   47  C CG  . LYS A 1 14  ? 3.791   7.624   -6.859  1.00 15.87 ? 325 LYS A CG  1 
ATOM   48  C CD  . LYS A 1 14  ? 5.030   6.784   -6.483  1.00 15.55 ? 325 LYS A CD  1 
ATOM   49  C CE  . LYS A 1 14  ? 5.345   5.818   -7.647  1.00 17.91 ? 325 LYS A CE  1 
ATOM   50  N NZ  . LYS A 1 14  ? 5.883   6.581   -8.831  1.00 18.90 ? 325 LYS A NZ  1 
ATOM   51  N N   . SER A 1 15  ? 0.732   8.690   -7.514  1.00 16.90 ? 326 SER A N   1 
ATOM   52  C CA  . SER A 1 15  ? -0.505  8.022   -7.875  1.00 17.43 ? 326 SER A CA  1 
ATOM   53  C C   . SER A 1 15  ? -0.223  7.151   -9.069  1.00 16.57 ? 326 SER A C   1 
ATOM   54  O O   . SER A 1 15  ? 0.718   7.412   -9.839  1.00 16.24 ? 326 SER A O   1 
ATOM   55  C CB  . SER A 1 15  ? -1.643  9.034   -8.110  1.00 18.16 ? 326 SER A CB  1 
ATOM   56  O OG  . SER A 1 15  ? -1.306  9.903   -9.166  1.00 22.12 ? 326 SER A OG  1 
ATOM   57  N N   . GLY A 1 16  ? -0.989  6.079   -9.218  1.00 15.41 ? 327 GLY A N   1 
ATOM   58  C CA  . GLY A 1 16  ? -0.677  5.130   -10.270 1.00 15.46 ? 327 GLY A CA  1 
ATOM   59  C C   . GLY A 1 16  ? -1.504  3.887   -10.105 1.00 15.42 ? 327 GLY A C   1 
ATOM   60  O O   . GLY A 1 16  ? -2.137  3.682   -9.069  1.00 15.26 ? 327 GLY A O   1 
ATOM   61  N N   . LEU A 1 17  ? -1.534  3.080   -11.150 1.00 16.63 ? 328 LEU A N   1 
ATOM   62  C CA  . LEU A 1 17  ? -2.263  1.823   -11.110 1.00 16.66 ? 328 LEU A CA  1 
ATOM   63  C C   . LEU A 1 17  ? -1.325  0.738   -10.549 1.00 15.67 ? 328 LEU A C   1 
ATOM   64  O O   . LEU A 1 17  ? -0.151  0.604   -10.979 1.00 17.02 ? 328 LEU A O   1 
ATOM   65  C CB  . LEU A 1 17  ? -2.727  1.446   -12.502 1.00 17.30 ? 328 LEU A CB  1 
ATOM   66  C CG  . LEU A 1 17  ? -3.679  0.268   -12.580 1.00 21.21 ? 328 LEU A CG  1 
ATOM   67  C CD1 . LEU A 1 17  ? -5.092  0.701   -12.146 1.00 19.95 ? 328 LEU A CD1 1 
ATOM   68  C CD2 . LEU A 1 17  ? -3.681  -0.227  -13.998 1.00 24.84 ? 328 LEU A CD2 1 
ATOM   69  N N   . LEU A 1 18  ? -1.822  0.002   -9.560  1.00 14.31 ? 329 LEU A N   1 
ATOM   70  C CA  . LEU A 1 18  ? -1.118  -1.144  -9.014  1.00 13.02 ? 329 LEU A CA  1 
ATOM   71  C C   . LEU A 1 18  ? -2.115  -2.285  -8.816  1.00 13.39 ? 329 LEU A C   1 
ATOM   72  O O   . LEU A 1 18  ? -3.323  -2.063  -8.726  1.00 13.32 ? 329 LEU A O   1 
ATOM   73  C CB  . LEU A 1 18  ? -0.519  -0.810  -7.649  1.00 12.72 ? 329 LEU A CB  1 
ATOM   74  C CG  . LEU A 1 18  ? 0.636   0.175   -7.533  1.00 12.74 ? 329 LEU A CG  1 
ATOM   75  C CD1 . LEU A 1 18  ? 0.886   0.440   -6.019  1.00 12.83 ? 329 LEU A CD1 1 
ATOM   76  C CD2 . LEU A 1 18  ? 1.874   -0.443  -8.246  1.00 13.60 ? 329 LEU A CD2 1 
ATOM   77  N N   . ASN A 1 19  ? -1.598  -3.501  -8.666  1.00 12.55 ? 330 ASN A N   1 
ATOM   78  C CA  . ASN A 1 19  ? -2.428  -4.613  -8.241  1.00 12.98 ? 330 ASN A CA  1 
ATOM   79  C C   . ASN A 1 19  ? -2.359  -4.631  -6.756  1.00 12.57 ? 330 ASN A C   1 
ATOM   80  O O   . ASN A 1 19  ? -1.293  -4.329  -6.203  1.00 12.61 ? 330 ASN A O   1 
ATOM   81  C CB  . ASN A 1 19  ? -1.886  -5.917  -8.847  1.00 13.31 ? 330 ASN A CB  1 
ATOM   82  C CG  . ASN A 1 19  ? -2.007  -5.910  -10.358 1.00 16.08 ? 330 ASN A CG  1 
ATOM   83  O OD1 . ASN A 1 19  ? -3.058  -5.537  -10.872 1.00 14.92 ? 330 ASN A OD1 1 
ATOM   84  N ND2 . ASN A 1 19  ? -0.942  -6.291  -11.069 1.00 16.43 ? 330 ASN A ND2 1 
ATOM   85  N N   . MET A 1 20  ? -3.468  -5.000  -6.104  1.00 12.26 ? 331 MET A N   1 
ATOM   86  C CA  . MET A 1 20  ? -3.540  -4.953  -4.641  1.00 13.86 ? 331 MET A CA  1 
ATOM   87  C C   . MET A 1 20  ? -4.458  -6.052  -4.137  1.00 13.46 ? 331 MET A C   1 
ATOM   88  O O   . MET A 1 20  ? -5.381  -6.462  -4.834  1.00 14.31 ? 331 MET A O   1 
ATOM   89  C CB  . MET A 1 20  ? -4.012  -3.551  -4.163  1.00 13.47 ? 331 MET A CB  1 
ATOM   90  C CG  . MET A 1 20  ? -4.179  -3.363  -2.631  1.00 16.59 ? 331 MET A CG  1 
ATOM   91  S SD  . MET A 1 20  ? -5.798  -3.992  -2.071  1.00 20.47 ? 331 MET A SD  1 
ATOM   92  C CE  . MET A 1 20  ? -6.903  -2.678  -2.548  1.00 23.27 ? 331 MET A CE  1 
ATOM   93  N N   . THR A 1 21  ? -4.166  -6.570  -2.950  1.00 13.23 ? 332 THR A N   1 
ATOM   94  C CA  . THR A 1 21  ? -5.126  -7.420  -2.255  1.00 14.05 ? 332 THR A CA  1 
ATOM   95  C C   . THR A 1 21  ? -5.012  -7.171  -0.777  1.00 12.99 ? 332 THR A C   1 
ATOM   96  O O   . THR A 1 21  ? -3.907  -6.927  -0.273  1.00 12.66 ? 332 THR A O   1 
ATOM   97  C CB  . THR A 1 21  ? -4.961  -8.939  -2.555  1.00 13.15 ? 332 THR A CB  1 
ATOM   98  O OG1 . THR A 1 21  ? -5.970  -9.653  -1.812  1.00 14.03 ? 332 THR A OG1 1 
ATOM   99  C CG2 . THR A 1 21  ? -3.566  -9.442  -2.133  1.00 12.85 ? 332 THR A CG2 1 
ATOM   100 N N   . LYS A 1 22  ? -6.162  -7.173  -0.103  1.00 14.44 ? 333 LYS A N   1 
ATOM   101 C CA  . LYS A 1 22  ? -6.188  -7.181  1.344   1.00 16.52 ? 333 LYS A CA  1 
ATOM   102 C C   . LYS A 1 22  ? -5.791  -8.570  1.782   1.00 16.84 ? 333 LYS A C   1 
ATOM   103 O O   . LYS A 1 22  ? -6.117  -9.561  1.093   1.00 17.40 ? 333 LYS A O   1 
ATOM   104 C CB  . LYS A 1 22  ? -7.606  -6.899  1.839   1.00 18.62 ? 333 LYS A CB  1 
ATOM   105 C CG  . LYS A 1 22  ? -7.816  -5.517  2.407   1.00 23.04 ? 333 LYS A CG  1 
ATOM   106 C CD  . LYS A 1 22  ? -7.495  -5.600  3.925   1.00 29.74 ? 333 LYS A CD  1 
ATOM   107 C CE  . LYS A 1 22  ? -7.827  -4.329  4.749   1.00 32.38 ? 333 LYS A CE  1 
ATOM   108 N NZ  . LYS A 1 22  ? -9.242  -4.202  5.286   1.00 36.21 ? 333 LYS A NZ  1 
ATOM   109 N N   . ILE A 1 23  ? -5.070  -8.672  2.896   1.00 14.43 ? 334 ILE A N   1 
ATOM   110 C CA  . ILE A 1 23  ? -4.793  -10.018 3.465   1.00 13.90 ? 334 ILE A CA  1 
ATOM   111 C C   . ILE A 1 23  ? -5.154  -10.174 4.936   1.00 14.46 ? 334 ILE A C   1 
ATOM   112 O O   . ILE A 1 23  ? -5.212  -11.299 5.428   1.00 15.00 ? 334 ILE A O   1 
ATOM   113 C CB  . ILE A 1 23  ? -3.318  -10.487 3.258   1.00 14.09 ? 334 ILE A CB  1 
ATOM   114 C CG1 . ILE A 1 23  ? -2.338  -9.639  4.099   1.00 13.11 ? 334 ILE A CG1 1 
ATOM   115 C CG2 . ILE A 1 23  ? -2.959  -10.516 1.753   1.00 12.44 ? 334 ILE A CG2 1 
ATOM   116 C CD1 . ILE A 1 23  ? -0.862  -10.037 3.913   1.00 12.17 ? 334 ILE A CD1 1 
ATOM   117 N N   . ALA A 1 24  ? -5.372  -9.059  5.635   1.00 15.48 ? 335 ALA A N   1 
ATOM   118 C CA  . ALA A 1 24  ? -5.888  -9.084  7.025   1.00 17.27 ? 335 ALA A CA  1 
ATOM   119 C C   . ALA A 1 24  ? -6.701  -7.845  7.329   1.00 18.84 ? 335 ALA A C   1 
ATOM   120 O O   . ALA A 1 24  ? -6.428  -6.761  6.810   1.00 17.55 ? 335 ALA A O   1 
ATOM   121 C CB  . ALA A 1 24  ? -4.748  -9.227  8.069   1.00 16.42 ? 335 ALA A CB  1 
ATOM   122 N N   . GLN A 1 25  ? -7.698  -7.992  8.206   1.00 20.21 ? 336 GLN A N   1 
ATOM   123 C CA  . GLN A 1 25  ? -8.425  -6.827  8.654   1.00 22.69 ? 336 GLN A CA  1 
ATOM   124 C C   . GLN A 1 25  ? -8.559  -6.944  10.153  1.00 22.88 ? 336 GLN A C   1 
ATOM   125 O O   . GLN A 1 25  ? -9.026  -7.984  10.664  1.00 20.63 ? 336 GLN A O   1 
ATOM   126 C CB  . GLN A 1 25  ? -9.788  -6.742  7.983   1.00 24.20 ? 336 GLN A CB  1 
ATOM   127 C CG  . GLN A 1 25  ? -10.480 -5.429  8.244   1.00 29.98 ? 336 GLN A CG  1 
ATOM   128 C CD  . GLN A 1 25  ? -11.976 -5.549  8.096   1.00 37.58 ? 336 GLN A CD  1 
ATOM   129 O OE1 . GLN A 1 25  ? -12.483 -5.791  6.997   1.00 41.58 ? 336 GLN A OE1 1 
ATOM   130 N NE2 . GLN A 1 25  ? -12.702 -5.389  9.205   1.00 40.15 ? 336 GLN A NE2 1 
ATOM   131 N N   . GLY A 1 26  ? -8.096  -5.907  10.854  1.00 23.95 ? 337 GLY A N   1 
ATOM   132 C CA  . GLY A 1 26  ? -8.122  -5.880  12.320  1.00 25.59 ? 337 GLY A CA  1 
ATOM   133 C C   . GLY A 1 26  ? -7.564  -7.163  12.885  1.00 26.47 ? 337 GLY A C   1 
ATOM   134 O O   . GLY A 1 26  ? -8.135  -7.754  13.817  1.00 27.45 ? 337 GLY A O   1 
ATOM   135 N N   . GLY A 1 27  ? -6.466  -7.613  12.275  1.00 26.79 ? 338 GLY A N   1 
ATOM   136 C CA  . GLY A 1 27  ? -5.701  -8.757  12.748  1.00 27.03 ? 338 GLY A CA  1 
ATOM   137 C C   . GLY A 1 27  ? -6.264  -10.107 12.374  1.00 27.36 ? 338 GLY A C   1 
ATOM   138 O O   . GLY A 1 27  ? -5.737  -11.116 12.804  1.00 28.86 ? 338 GLY A O   1 
ATOM   139 N N   . ARG A 1 28  ? -7.294  -10.097 11.587  1.00 20.00 ? 339 ARG A N   1 
ATOM   140 C CA  . ARG A 1 28  ? -7.892  -11.345 11.127  1.00 20.00 ? 339 ARG A CA  1 
ATOM   141 C C   . ARG A 1 28  ? -7.613  -11.577 9.646   1.00 20.00 ? 339 ARG A C   1 
ATOM   142 O O   . ARG A 1 28  ? -7.790  -10.729 8.871   1.00 23.16 ? 339 ARG A O   1 
ATOM   143 C CB  . ARG A 1 28  ? -9.390  -11.345 11.393  1.00 20.00 ? 339 ARG A CB  1 
ATOM   144 N N   . LYS A 1 29  ? -7.163  -12.778 9.326   1.00 24.31 ? 340 LYS A N   1 
ATOM   145 C CA  . LYS A 1 29  ? -6.803  -13.146 7.959   1.00 23.68 ? 340 LYS A CA  1 
ATOM   146 C C   . LYS A 1 29  ? -7.992  -13.155 7.002   1.00 23.29 ? 340 LYS A C   1 
ATOM   147 O O   . LYS A 1 29  ? -9.115  -13.543 7.367   1.00 23.98 ? 340 LYS A O   1 
ATOM   148 C CB  . LYS A 1 29  ? -6.091  -14.507 7.968   1.00 24.52 ? 340 LYS A CB  1 
ATOM   149 N N   . LEU A 1 30  ? -7.744  -12.692 5.785   1.00 20.83 ? 341 LEU A N   1 
ATOM   150 C CA  . LEU A 1 30  ? -8.743  -12.614 4.717   1.00 19.88 ? 341 LEU A CA  1 
ATOM   151 C C   . LEU A 1 30  ? -8.309  -13.458 3.537   1.00 19.05 ? 341 LEU A C   1 
ATOM   152 O O   . LEU A 1 30  ? -7.125  -13.545 3.260   1.00 19.08 ? 341 LEU A O   1 
ATOM   153 C CB  . LEU A 1 30  ? -8.889  -11.172 4.229   1.00 20.22 ? 341 LEU A CB  1 
ATOM   154 C CG  . LEU A 1 30  ? -9.517  -10.172 5.193   1.00 20.72 ? 341 LEU A CG  1 
ATOM   155 C CD1 . LEU A 1 30  ? -9.503  -8.776  4.531   1.00 22.97 ? 341 LEU A CD1 1 
ATOM   156 C CD2 . LEU A 1 30  ? -10.925 -10.633 5.475   1.00 23.40 ? 341 LEU A CD2 1 
ATOM   157 N N   . ARG A 1 31  ? -9.260  -14.047 2.819   1.00 17.78 ? 342 ARG A N   1 
ATOM   158 C CA  . ARG A 1 31  ? -8.927  -14.621 1.517   1.00 17.69 ? 342 ARG A CA  1 
ATOM   159 C C   . ARG A 1 31  ? -8.482  -13.530 0.517   1.00 16.69 ? 342 ARG A C   1 
ATOM   160 O O   . ARG A 1 31  ? -9.121  -12.446 0.376   1.00 16.51 ? 342 ARG A O   1 
ATOM   161 C CB  . ARG A 1 31  ? -10.113 -15.429 0.949   1.00 17.49 ? 342 ARG A CB  1 
ATOM   162 C CG  . ARG A 1 31  ? -9.771  -16.186 -0.318  1.00 19.60 ? 342 ARG A CG  1 
ATOM   163 C CD  . ARG A 1 31  ? -10.991 -16.901 -0.882  1.00 19.68 ? 342 ARG A CD  1 
ATOM   164 N NE  . ARG A 1 31  ? -10.648 -17.550 -2.141  1.00 21.98 ? 342 ARG A NE  1 
ATOM   165 C CZ  . ARG A 1 31  ? -11.488 -17.760 -3.151  1.00 21.93 ? 342 ARG A CZ  1 
ATOM   166 N NH1 . ARG A 1 31  ? -12.777 -17.395 -3.063  1.00 24.12 ? 342 ARG A NH1 1 
ATOM   167 N NH2 . ARG A 1 31  ? -11.044 -18.366 -4.255  1.00 23.02 ? 342 ARG A NH2 1 
ATOM   168 N N   . LYS A 1 32  ? -7.412  -13.819 -0.213  1.00 15.63 ? 343 LYS A N   1 
ATOM   169 C CA  . LYS A 1 32  ? -6.896  -12.850 -1.163  1.00 15.30 ? 343 LYS A CA  1 
ATOM   170 C C   . LYS A 1 32  ? -7.882  -12.672 -2.289  1.00 16.00 ? 343 LYS A C   1 
ATOM   171 O O   . LYS A 1 32  ? -8.596  -13.607 -2.675  1.00 15.69 ? 343 LYS A O   1 
ATOM   172 C CB  . LYS A 1 32  ? -5.563  -13.311 -1.764  1.00 14.58 ? 343 LYS A CB  1 
ATOM   173 C CG  . LYS A 1 32  ? -4.353  -13.080 -0.867  1.00 12.25 ? 343 LYS A CG  1 
ATOM   174 C CD  . LYS A 1 32  ? -3.150  -13.728 -1.540  1.00 9.31  ? 343 LYS A CD  1 
ATOM   175 C CE  . LYS A 1 32  ? -1.844  -13.332 -0.783  1.00 10.76 ? 343 LYS A CE  1 
ATOM   176 N NZ  . LYS A 1 32  ? -0.693  -14.153 -1.277  1.00 11.12 ? 343 LYS A NZ  1 
ATOM   177 N N   . ASN A 1 33  ? -7.896  -11.462 -2.827  1.00 16.35 ? 344 ASN A N   1 
ATOM   178 C CA  . ASN A 1 33  ? -8.668  -11.129 -3.993  1.00 17.07 ? 344 ASN A CA  1 
ATOM   179 C C   . ASN A 1 33  ? -7.890  -10.055 -4.752  1.00 17.04 ? 344 ASN A C   1 
ATOM   180 O O   . ASN A 1 33  ? -8.119  -8.834  -4.580  1.00 17.15 ? 344 ASN A O   1 
ATOM   181 C CB  . ASN A 1 33  ? -10.054 -10.656 -3.575  1.00 19.16 ? 344 ASN A CB  1 
ATOM   182 C CG  . ASN A 1 33  ? -10.955 -10.321 -4.775  1.00 22.57 ? 344 ASN A CG  1 
ATOM   183 O OD1 . ASN A 1 33  ? -10.680 -10.684 -5.928  1.00 25.57 ? 344 ASN A OD1 1 
ATOM   184 N ND2 . ASN A 1 33  ? -12.034 -9.605  -4.497  1.00 27.19 ? 344 ASN A ND2 1 
ATOM   185 N N   . TRP A 1 34  ? -6.915  -10.503 -5.533  1.00 16.18 ? 345 TRP A N   1 
ATOM   186 C CA  . TRP A 1 34  ? -6.053  -9.587  -6.260  1.00 16.04 ? 345 TRP A CA  1 
ATOM   187 C C   . TRP A 1 34  ? -6.827  -8.897  -7.359  1.00 16.85 ? 345 TRP A C   1 
ATOM   188 O O   . TRP A 1 34  ? -7.636  -9.530  -8.051  1.00 17.13 ? 345 TRP A O   1 
ATOM   189 C CB  . TRP A 1 34  ? -4.908  -10.319 -6.942  1.00 14.67 ? 345 TRP A CB  1 
ATOM   190 C CG  . TRP A 1 34  ? -3.752  -10.724 -6.107  1.00 13.62 ? 345 TRP A CG  1 
ATOM   191 C CD1 . TRP A 1 34  ? -3.403  -12.002 -5.762  1.00 10.59 ? 345 TRP A CD1 1 
ATOM   192 C CD2 . TRP A 1 34  ? -2.681  -9.870  -5.644  1.00 12.17 ? 345 TRP A CD2 1 
ATOM   193 N NE1 . TRP A 1 34  ? -2.202  -11.994 -5.038  1.00 13.78 ? 345 TRP A NE1 1 
ATOM   194 C CE2 . TRP A 1 34  ? -1.731  -10.703 -4.980  1.00 12.14 ? 345 TRP A CE2 1 
ATOM   195 C CE3 . TRP A 1 34  ? -2.418  -8.492  -5.758  1.00 11.75 ? 345 TRP A CE3 1 
ATOM   196 C CZ2 . TRP A 1 34  ? -0.552  -10.189 -4.402  1.00 12.65 ? 345 TRP A CZ2 1 
ATOM   197 C CZ3 . TRP A 1 34  ? -1.248  -7.988  -5.186  1.00 9.96  ? 345 TRP A CZ3 1 
ATOM   198 C CH2 . TRP A 1 34  ? -0.331  -8.837  -4.511  1.00 9.07  ? 345 TRP A CH2 1 
ATOM   199 N N   . GLY A 1 35  ? -6.550  -7.619  -7.553  1.00 16.51 ? 346 GLY A N   1 
ATOM   200 C CA  . GLY A 1 35  ? -7.162  -6.866  -8.656  1.00 17.36 ? 346 GLY A CA  1 
ATOM   201 C C   . GLY A 1 35  ? -6.457  -5.541  -8.815  1.00 18.33 ? 346 GLY A C   1 
ATOM   202 O O   . GLY A 1 35  ? -5.767  -5.103  -7.889  1.00 16.78 ? 346 GLY A O   1 
ATOM   203 N N   . PRO A 1 36  ? -6.610  -4.894  -9.987  1.00 18.60 ? 347 PRO A N   1 
ATOM   204 C CA  . PRO A 1 36  ? -6.032  -3.565  -10.186 1.00 18.73 ? 347 PRO A CA  1 
ATOM   205 C C   . PRO A 1 36  ? -6.780  -2.525  -9.379  1.00 18.32 ? 347 PRO A C   1 
ATOM   206 O O   . PRO A 1 36  ? -7.988  -2.657  -9.153  1.00 18.75 ? 347 PRO A O   1 
ATOM   207 C CB  . PRO A 1 36  ? -6.218  -3.296  -11.692 1.00 19.42 ? 347 PRO A CB  1 
ATOM   208 C CG  . PRO A 1 36  ? -7.435  -4.093  -12.069 1.00 19.42 ? 347 PRO A CG  1 
ATOM   209 C CD  . PRO A 1 36  ? -7.338  -5.365  -11.188 1.00 19.86 ? 347 PRO A CD  1 
ATOM   210 N N   . SER A 1 37  ? -6.032  -1.531  -8.928  1.00 16.72 ? 348 SER A N   1 
ATOM   211 C CA  . SER A 1 37  ? -6.538  -0.423  -8.124  1.00 16.32 ? 348 SER A CA  1 
ATOM   212 C C   . SER A 1 37  ? -5.804  0.855   -8.528  1.00 15.24 ? 348 SER A C   1 
ATOM   213 O O   . SER A 1 37  ? -4.578  0.836   -8.760  1.00 14.77 ? 348 SER A O   1 
ATOM   214 C CB  . SER A 1 37  ? -6.275  -0.719  -6.641  1.00 17.76 ? 348 SER A CB  1 
ATOM   215 O OG  . SER A 1 37  ? -6.883  0.254   -5.834  1.00 21.03 ? 348 SER A OG  1 
ATOM   216 N N   . TRP A 1 38  ? -6.535  1.969   -8.616  1.00 14.78 ? 349 TRP A N   1 
ATOM   217 C CA  . TRP A 1 38  ? -5.875  3.263   -8.764  1.00 14.88 ? 349 TRP A CA  1 
ATOM   218 C C   . TRP A 1 38  ? -5.459  3.710   -7.331  1.00 14.91 ? 349 TRP A C   1 
ATOM   219 O O   . TRP A 1 38  ? -6.296  3.855   -6.441  1.00 16.96 ? 349 TRP A O   1 
ATOM   220 C CB  . TRP A 1 38  ? -6.812  4.267   -9.430  1.00 15.15 ? 349 TRP A CB  1 
ATOM   221 C CG  . TRP A 1 38  ? -6.262  5.675   -9.473  1.00 15.27 ? 349 TRP A CG  1 
ATOM   222 C CD1 . TRP A 1 38  ? -6.659  6.741   -8.695  1.00 16.82 ? 349 TRP A CD1 1 
ATOM   223 C CD2 . TRP A 1 38  ? -5.224  6.165   -10.334 1.00 16.20 ? 349 TRP A CD2 1 
ATOM   224 N NE1 . TRP A 1 38  ? -5.936  7.858   -9.030  1.00 17.82 ? 349 TRP A NE1 1 
ATOM   225 C CE2 . TRP A 1 38  ? -5.041  7.536   -10.028 1.00 17.76 ? 349 TRP A CE2 1 
ATOM   226 C CE3 . TRP A 1 38  ? -4.427  5.578   -11.337 1.00 14.17 ? 349 TRP A CE3 1 
ATOM   227 C CZ2 . TRP A 1 38  ? -4.110  8.327   -10.689 1.00 17.64 ? 349 TRP A CZ2 1 
ATOM   228 C CZ3 . TRP A 1 38  ? -3.504  6.350   -11.982 1.00 14.61 ? 349 TRP A CZ3 1 
ATOM   229 C CH2 . TRP A 1 38  ? -3.341  7.718   -11.673 1.00 17.21 ? 349 TRP A CH2 1 
ATOM   230 N N   . VAL A 1 39  ? -4.159  3.855   -7.106  1.00 15.07 ? 350 VAL A N   1 
ATOM   231 C CA  . VAL A 1 39  ? -3.633  4.039   -5.765  1.00 13.78 ? 350 VAL A CA  1 
ATOM   232 C C   . VAL A 1 39  ? -3.115  5.459   -5.652  1.00 13.43 ? 350 VAL A C   1 
ATOM   233 O O   . VAL A 1 39  ? -2.404  5.939   -6.516  1.00 13.84 ? 350 VAL A O   1 
ATOM   234 C CB  . VAL A 1 39  ? -2.523  3.014   -5.465  1.00 15.50 ? 350 VAL A CB  1 
ATOM   235 C CG1 . VAL A 1 39  ? -1.935  3.246   -4.095  1.00 14.87 ? 350 VAL A CG1 1 
ATOM   236 C CG2 . VAL A 1 39  ? -3.083  1.588   -5.599  1.00 15.10 ? 350 VAL A CG2 1 
ATOM   237 N N   . VAL A 1 40  ? -3.509  6.125   -4.575  1.00 12.14 ? 351 VAL A N   1 
ATOM   238 C CA  . VAL A 1 40  ? -3.100  7.509   -4.319  1.00 12.72 ? 351 VAL A CA  1 
ATOM   239 C C   . VAL A 1 40  ? -2.396  7.577   -2.966  1.00 13.21 ? 351 VAL A C   1 
ATOM   240 O O   . VAL A 1 40  ? -2.997  7.284   -1.912  1.00 12.50 ? 351 VAL A O   1 
ATOM   241 C CB  . VAL A 1 40  ? -4.353  8.466   -4.398  1.00 12.02 ? 351 VAL A CB  1 
ATOM   242 C CG1 . VAL A 1 40  ? -4.007  9.849   -3.982  1.00 14.27 ? 351 VAL A CG1 1 
ATOM   243 C CG2 . VAL A 1 40  ? -4.929  8.454   -5.844  1.00 13.19 ? 351 VAL A CG2 1 
ATOM   244 N N   . LEU A 1 41  ? -1.112  7.972   -3.008  1.00 13.41 ? 352 LEU A N   1 
ATOM   245 C CA  . LEU A 1 41  ? -0.315  8.205   -1.799  1.00 14.08 ? 352 LEU A CA  1 
ATOM   246 C C   . LEU A 1 41  ? -0.324  9.712   -1.479  1.00 15.05 ? 352 LEU A C   1 
ATOM   247 O O   . LEU A 1 41  ? 0.134   10.507  -2.280  1.00 14.47 ? 352 LEU A O   1 
ATOM   248 C CB  . LEU A 1 41  ? 1.136   7.736   -1.992  1.00 13.97 ? 352 LEU A CB  1 
ATOM   249 C CG  . LEU A 1 41  ? 2.165   7.990   -0.872  1.00 13.46 ? 352 LEU A CG  1 
ATOM   250 C CD1 . LEU A 1 41  ? 1.746   7.341   0.458   1.00 11.63 ? 352 LEU A CD1 1 
ATOM   251 C CD2 . LEU A 1 41  ? 3.612   7.528   -1.224  1.00 14.89 ? 352 LEU A CD2 1 
ATOM   252 N N   . THR A 1 42  ? -0.832  10.070  -0.300  1.00 15.39 ? 353 THR A N   1 
ATOM   253 C CA  . THR A 1 42  ? -0.817  11.464  0.140   1.00 17.43 ? 353 THR A CA  1 
ATOM   254 C C   . THR A 1 42  ? 0.283   11.582  1.178   1.00 17.69 ? 353 THR A C   1 
ATOM   255 O O   . THR A 1 42  ? 0.998   10.629  1.427   1.00 18.49 ? 353 THR A O   1 
ATOM   256 C CB  . THR A 1 42  ? -2.189  11.888  0.763   1.00 16.69 ? 353 THR A CB  1 
ATOM   257 O OG1 . THR A 1 42  ? -2.355  11.241  2.024   1.00 18.56 ? 353 THR A OG1 1 
ATOM   258 C CG2 . THR A 1 42  ? -3.320  11.522  -0.153  1.00 18.50 ? 353 THR A CG2 1 
ATOM   259 N N   . GLY A 1 43  ? 0.392   12.737  1.839   1.00 18.29 ? 354 GLY A N   1 
ATOM   260 C CA  . GLY A 1 43  ? 1.345   12.880  2.914   1.00 17.47 ? 354 GLY A CA  1 
ATOM   261 C C   . GLY A 1 43  ? 1.028   12.104  4.167   1.00 17.82 ? 354 GLY A C   1 
ATOM   262 O O   . GLY A 1 43  ? 1.891   11.951  5.039   1.00 17.82 ? 354 GLY A O   1 
ATOM   263 N N   . ASN A 1 44  ? -0.182  11.559  4.296   1.00 17.77 ? 355 ASN A N   1 
ATOM   264 C CA  . ASN A 1 44  ? -0.332  10.624  5.409   1.00 19.45 ? 355 ASN A CA  1 
ATOM   265 C C   . ASN A 1 44  ? -1.219  9.403   5.266   1.00 17.64 ? 355 ASN A C   1 
ATOM   266 O O   . ASN A 1 44  ? -1.453  8.700   6.252   1.00 17.74 ? 355 ASN A O   1 
ATOM   267 C CB  . ASN A 1 44  ? -0.681  11.329  6.689   1.00 21.67 ? 355 ASN A CB  1 
ATOM   268 C CG  . ASN A 1 44  ? -1.839  12.177  6.536   1.00 24.56 ? 355 ASN A CG  1 
ATOM   269 O OD1 . ASN A 1 44  ? -2.823  11.778  5.927   1.00 28.58 ? 355 ASN A OD1 1 
ATOM   270 N ND2 . ASN A 1 44  ? -1.729  13.409  7.023   1.00 31.90 ? 355 ASN A ND2 1 
ATOM   271 N N   . SER A 1 45  ? -1.671  9.125   4.056   1.00 17.42 ? 356 SER A N   1 
ATOM   272 C CA  . SER A 1 45  ? -2.558  7.986   3.854   1.00 17.44 ? 356 SER A CA  1 
ATOM   273 C C   . SER A 1 45  ? -2.349  7.358   2.482   1.00 16.45 ? 356 SER A C   1 
ATOM   274 O O   . SER A 1 45  ? -1.758  7.967   1.582   1.00 15.47 ? 356 SER A O   1 
ATOM   275 C CB  . SER A 1 45  ? -4.005  8.428   4.040   1.00 18.10 ? 356 SER A CB  1 
ATOM   276 O OG  . SER A 1 45  ? -4.347  9.276   2.974   1.00 24.36 ? 356 SER A OG  1 
ATOM   277 N N   . LEU A 1 46  ? -2.834  6.136   2.325   1.00 14.34 ? 357 LEU A N   1 
ATOM   278 C CA  . LEU A 1 46  ? -2.836  5.490   1.018   1.00 13.53 ? 357 LEU A CA  1 
ATOM   279 C C   . LEU A 1 46  ? -4.294  5.233   0.721   1.00 13.29 ? 357 LEU A C   1 
ATOM   280 O O   . LEU A 1 46  ? -5.012  4.688   1.578   1.00 14.46 ? 357 LEU A O   1 
ATOM   281 C CB  . LEU A 1 46  ? -2.030  4.184   1.083   1.00 13.70 ? 357 LEU A CB  1 
ATOM   282 C CG  . LEU A 1 46  ? -1.720  3.408   -0.190  1.00 15.19 ? 357 LEU A CG  1 
ATOM   283 C CD1 . LEU A 1 46  ? -0.842  4.231   -1.153  1.00 13.92 ? 357 LEU A CD1 1 
ATOM   284 C CD2 . LEU A 1 46  ? -1.024  2.076   0.218   1.00 14.66 ? 357 LEU A CD2 1 
ATOM   285 N N   . VAL A 1 47  ? -4.721  5.674   -0.459  1.00 14.23 ? 358 VAL A N   1 
ATOM   286 C CA  . VAL A 1 47  ? -6.128  5.739   -0.805  1.00 14.38 ? 358 VAL A CA  1 
ATOM   287 C C   . VAL A 1 47  ? -6.318  4.878   -2.051  1.00 14.59 ? 358 VAL A C   1 
ATOM   288 O O   . VAL A 1 47  ? -5.533  4.960   -3.000  1.00 14.70 ? 358 VAL A O   1 
ATOM   289 C CB  . VAL A 1 47  ? -6.589  7.211   -1.025  1.00 15.36 ? 358 VAL A CB  1 
ATOM   290 C CG1 . VAL A 1 47  ? -8.063  7.257   -1.269  1.00 18.18 ? 358 VAL A CG1 1 
ATOM   291 C CG2 . VAL A 1 47  ? -6.282  8.056   0.190   1.00 14.71 ? 358 VAL A CG2 1 
ATOM   292 N N   . PHE A 1 48  ? -7.351  4.028   -2.038  1.00 14.74 ? 359 PHE A N   1 
ATOM   293 C CA  . PHE A 1 48  ? -7.596  3.112   -3.161  1.00 16.01 ? 359 PHE A CA  1 
ATOM   294 C C   . PHE A 1 48  ? -8.890  3.496   -3.818  1.00 16.95 ? 359 PHE A C   1 
ATOM   295 O O   . PHE A 1 48  ? -9.902  3.680   -3.147  1.00 16.68 ? 359 PHE A O   1 
ATOM   296 C CB  . PHE A 1 48  ? -7.708  1.685   -2.651  1.00 16.41 ? 359 PHE A CB  1 
ATOM   297 C CG  . PHE A 1 48  ? -6.461  1.199   -1.945  1.00 16.79 ? 359 PHE A CG  1 
ATOM   298 C CD1 . PHE A 1 48  ? -6.389  1.192   -0.563  1.00 20.48 ? 359 PHE A CD1 1 
ATOM   299 C CD2 . PHE A 1 48  ? -5.365  0.775   -2.674  1.00 16.08 ? 359 PHE A CD2 1 
ATOM   300 C CE1 . PHE A 1 48  ? -5.246  0.773   0.075   1.00 21.92 ? 359 PHE A CE1 1 
ATOM   301 C CE2 . PHE A 1 48  ? -4.224  0.359   -2.030  1.00 19.37 ? 359 PHE A CE2 1 
ATOM   302 C CZ  . PHE A 1 48  ? -4.170  0.363   -0.668  1.00 17.31 ? 359 PHE A CZ  1 
ATOM   303 N N   . TYR A 1 49  ? -8.842  3.605   -5.131  1.00 18.48 ? 360 TYR A N   1 
ATOM   304 C CA  . TYR A 1 49  ? -10.018 3.832   -5.948  1.00 20.39 ? 360 TYR A CA  1 
ATOM   305 C C   . TYR A 1 49  ? -10.155 2.714   -6.965  1.00 23.13 ? 360 TYR A C   1 
ATOM   306 O O   . TYR A 1 49  ? -9.165  2.130   -7.396  1.00 22.00 ? 360 TYR A O   1 
ATOM   307 C CB  . TYR A 1 49  ? -9.833  5.100   -6.747  1.00 19.59 ? 360 TYR A CB  1 
ATOM   308 C CG  . TYR A 1 49  ? -9.720  6.368   -5.955  1.00 18.73 ? 360 TYR A CG  1 
ATOM   309 C CD1 . TYR A 1 49  ? -8.517  6.730   -5.353  1.00 16.31 ? 360 TYR A CD1 1 
ATOM   310 C CD2 . TYR A 1 49  ? -10.805 7.248   -5.874  1.00 18.89 ? 360 TYR A CD2 1 
ATOM   311 C CE1 . TYR A 1 49  ? -8.406  7.936   -4.642  1.00 16.34 ? 360 TYR A CE1 1 
ATOM   312 C CE2 . TYR A 1 49  ? -10.709 8.435   -5.192  1.00 20.11 ? 360 TYR A CE2 1 
ATOM   313 C CZ  . TYR A 1 49  ? -9.503  8.784   -4.580  1.00 21.03 ? 360 TYR A CZ  1 
ATOM   314 O OH  . TYR A 1 49  ? -9.425  9.991   -3.893  1.00 22.92 ? 360 TYR A OH  1 
ATOM   315 N N   . ARG A 1 50  ? -11.383 2.437   -7.392  1.00 27.06 ? 361 ARG A N   1 
ATOM   316 C CA  . ARG A 1 50  ? -11.582 1.584   -8.571  1.00 30.86 ? 361 ARG A CA  1 
ATOM   317 C C   . ARG A 1 50  ? -10.922 2.164   -9.846  1.00 33.03 ? 361 ARG A C   1 
ATOM   318 O O   . ARG A 1 50  ? -10.401 1.393   -10.665 1.00 34.52 ? 361 ARG A O   1 
ATOM   319 C CB  . ARG A 1 50  ? -13.074 1.273   -8.794  1.00 30.79 ? 361 ARG A CB  1 
ATOM   320 N N   . GLU A 1 51  ? -10.893 3.502   -9.992  1.00 35.78 ? 362 GLU A N   1 
ATOM   321 C CA  . GLU A 1 51  ? -10.365 4.186   -11.211 1.00 38.09 ? 362 GLU A CA  1 
ATOM   322 C C   . GLU A 1 51  ? -9.852  5.634   -10.981 1.00 38.64 ? 362 GLU A C   1 
ATOM   323 O O   . GLU A 1 51  ? -10.195 6.251   -9.980  1.00 38.85 ? 362 GLU A O   1 
ATOM   324 C CB  . GLU A 1 51  ? -11.447 4.188   -12.305 1.00 39.32 ? 362 GLU A CB  1 
ATOM   325 C CG  . GLU A 1 51  ? -12.474 3.053   -12.150 1.00 43.10 ? 362 GLU A CG  1 
ATOM   326 C CD  . GLU A 1 51  ? -13.416 2.931   -13.325 1.00 49.59 ? 362 GLU A CD  1 
ATOM   327 O OE1 . GLU A 1 51  ? -14.158 3.911   -13.605 1.00 51.72 ? 362 GLU A OE1 1 
ATOM   328 O OE2 . GLU A 1 51  ? -13.412 1.844   -13.956 1.00 52.09 ? 362 GLU A OE2 1 
ATOM   329 N N   . PRO A 1 52  ? -9.023  6.187   -11.911 1.00 39.46 ? 363 PRO A N   1 
ATOM   330 C CA  . PRO A 1 52  ? -8.444  7.549   -11.739 1.00 39.82 ? 363 PRO A CA  1 
ATOM   331 C C   . PRO A 1 52  ? -9.451  8.691   -11.471 1.00 40.73 ? 363 PRO A C   1 
ATOM   332 O O   . PRO A 1 52  ? -9.992  9.295   -12.410 1.00 41.35 ? 363 PRO A O   1 
ATOM   333 C CB  . PRO A 1 52  ? -7.687  7.794   -13.056 1.00 39.92 ? 363 PRO A CB  1 
ATOM   334 C CG  . PRO A 1 52  ? -7.448  6.450   -13.617 1.00 39.11 ? 363 PRO A CG  1 
ATOM   335 C CD  . PRO A 1 52  ? -8.560  5.557   -13.162 1.00 39.32 ? 363 PRO A CD  1 
ATOM   336 N N   . ARG A 1 67  ? -15.375 8.678   -5.443  1.00 33.37 ? 378 ARG A N   1 
ATOM   337 C CA  . ARG A 1 67  ? -15.079 8.411   -4.020  1.00 32.70 ? 378 ARG A CA  1 
ATOM   338 C C   . ARG A 1 67  ? -14.296 7.115   -3.814  1.00 31.82 ? 378 ARG A C   1 
ATOM   339 O O   . ARG A 1 67  ? -14.599 6.106   -4.462  1.00 31.14 ? 378 ARG A O   1 
ATOM   340 C CB  . ARG A 1 67  ? -16.351 8.443   -3.147  1.00 33.25 ? 378 ARG A CB  1 
ATOM   341 C CG  . ARG A 1 67  ? -16.510 9.780   -2.438  1.00 34.63 ? 378 ARG A CG  1 
ATOM   342 C CD  . ARG A 1 67  ? -17.934 10.083  -1.999  1.00 34.98 ? 378 ARG A CD  1 
ATOM   343 N NE  . ARG A 1 67  ? -18.354 9.273   -0.868  1.00 34.05 ? 378 ARG A NE  1 
ATOM   344 C CZ  . ARG A 1 67  ? -19.583 9.301   -0.347  1.00 31.18 ? 378 ARG A CZ  1 
ATOM   345 N NH1 . ARG A 1 67  ? -20.506 10.122  -0.831  1.00 28.04 ? 378 ARG A NH1 1 
ATOM   346 N NH2 . ARG A 1 67  ? -19.869 8.528   0.679   1.00 27.90 ? 378 ARG A NH2 1 
ATOM   347 N N   . PRO A 1 68  ? -13.268 7.150   -2.927  1.00 31.13 ? 379 PRO A N   1 
ATOM   348 C CA  . PRO A 1 68  ? -12.395 5.998   -2.641  1.00 30.53 ? 379 PRO A CA  1 
ATOM   349 C C   . PRO A 1 68  ? -13.147 4.752   -2.226  1.00 30.42 ? 379 PRO A C   1 
ATOM   350 O O   . PRO A 1 68  ? -14.116 4.859   -1.477  1.00 30.17 ? 379 PRO A O   1 
ATOM   351 C CB  . PRO A 1 68  ? -11.579 6.466   -1.434  1.00 30.52 ? 379 PRO A CB  1 
ATOM   352 C CG  . PRO A 1 68  ? -11.576 7.926   -1.520  1.00 30.44 ? 379 PRO A CG  1 
ATOM   353 C CD  . PRO A 1 68  ? -12.862 8.343   -2.153  1.00 30.34 ? 379 PRO A CD  1 
ATOM   354 N N   . GLU A 1 69  ? -12.698 3.586   -2.691  1.00 29.78 ? 380 GLU A N   1 
ATOM   355 C CA  . GLU A 1 69  ? -13.159 2.308   -2.136  1.00 30.76 ? 380 GLU A CA  1 
ATOM   356 C C   . GLU A 1 69  ? -12.753 2.228   -0.652  1.00 29.79 ? 380 GLU A C   1 
ATOM   357 O O   . GLU A 1 69  ? -13.571 1.858   0.212   1.00 29.63 ? 380 GLU A O   1 
ATOM   358 C CB  . GLU A 1 69  ? -12.687 1.081   -2.979  1.00 31.66 ? 380 GLU A CB  1 
ATOM   359 C CG  . GLU A 1 69  ? -11.159 0.666   -2.920  1.00 37.07 ? 380 GLU A CG  1 
ATOM   360 C CD  . GLU A 1 69  ? -10.813 -0.718  -3.615  1.00 42.70 ? 380 GLU A CD  1 
ATOM   361 O OE1 . GLU A 1 69  ? -9.879  -0.784  -4.486  1.00 41.85 ? 380 GLU A OE1 1 
ATOM   362 O OE2 . GLU A 1 69  ? -11.478 -1.739  -3.289  1.00 46.06 ? 380 GLU A OE2 1 
ATOM   363 N N   . SER A 1 70  ? -11.509 2.626   -0.366  1.00 27.91 ? 381 SER A N   1 
ATOM   364 C CA  . SER A 1 70  ? -10.943 2.589   0.988   1.00 27.30 ? 381 SER A CA  1 
ATOM   365 C C   . SER A 1 70  ? -9.716  3.503   1.142   1.00 26.05 ? 381 SER A C   1 
ATOM   366 O O   . SER A 1 70  ? -9.154  3.965   0.175   1.00 23.87 ? 381 SER A O   1 
ATOM   367 C CB  . SER A 1 70  ? -10.557 1.167   1.377   1.00 27.43 ? 381 SER A CB  1 
ATOM   368 O OG  . SER A 1 70  ? -9.437  0.762   0.642   1.00 30.17 ? 381 SER A OG  1 
ATOM   369 N N   . SER A 1 71  ? -9.349  3.772   2.387   1.00 25.79 ? 382 SER A N   1 
ATOM   370 C CA  . SER A 1 71  ? -8.245  4.671   2.741   1.00 25.68 ? 382 SER A CA  1 
ATOM   371 C C   . SER A 1 71  ? -7.602  4.110   3.994   1.00 25.23 ? 382 SER A C   1 
ATOM   372 O O   . SER A 1 71  ? -8.313  3.571   4.848   1.00 26.05 ? 382 SER A O   1 
ATOM   373 C CB  . SER A 1 71  ? -8.819  6.049   3.070   1.00 25.50 ? 382 SER A CB  1 
ATOM   374 O OG  . SER A 1 71  ? -7.780  6.942   3.405   1.00 29.33 ? 382 SER A OG  1 
ATOM   375 N N   . VAL A 1 72  ? -6.282  4.213   4.128   1.00 23.19 ? 383 VAL A N   1 
ATOM   376 C CA  . VAL A 1 72  ? -5.635  3.842   5.400   1.00 22.67 ? 383 VAL A CA  1 
ATOM   377 C C   . VAL A 1 72  ? -4.628  4.918   5.805   1.00 21.32 ? 383 VAL A C   1 
ATOM   378 O O   . VAL A 1 72  ? -3.928  5.427   4.944   1.00 19.59 ? 383 VAL A O   1 
ATOM   379 C CB  . VAL A 1 72  ? -4.953  2.434   5.388   1.00 22.33 ? 383 VAL A CB  1 
ATOM   380 C CG1 . VAL A 1 72  ? -5.959  1.328   5.029   1.00 25.43 ? 383 VAL A CG1 1 
ATOM   381 C CG2 . VAL A 1 72  ? -3.782  2.398   4.438   1.00 22.28 ? 383 VAL A CG2 1 
ATOM   382 N N   . ASP A 1 73  ? -4.601  5.274   7.088   1.00 21.81 ? 384 ASP A N   1 
ATOM   383 C CA  . ASP A 1 73  ? -3.599  6.221   7.609   1.00 21.51 ? 384 ASP A CA  1 
ATOM   384 C C   . ASP A 1 73  ? -2.290  5.483   7.725   1.00 19.48 ? 384 ASP A C   1 
ATOM   385 O O   . ASP A 1 73  ? -2.245  4.374   8.256   1.00 18.02 ? 384 ASP A O   1 
ATOM   386 C CB  . ASP A 1 73  ? -3.945  6.792   9.007   1.00 23.50 ? 384 ASP A CB  1 
ATOM   387 C CG  . ASP A 1 73  ? -2.705  7.483   9.686   1.00 26.25 ? 384 ASP A CG  1 
ATOM   388 O OD1 . ASP A 1 73  ? -2.049  8.382   9.071   1.00 31.63 ? 384 ASP A OD1 1 
ATOM   389 O OD2 . ASP A 1 73  ? -2.368  7.099   10.827  1.00 33.39 ? 384 ASP A OD2 1 
ATOM   390 N N   . LEU A 1 74  ? -1.217  6.125   7.272   1.00 17.50 ? 385 LEU A N   1 
ATOM   391 C CA  . LEU A 1 74  ? 0.085   5.472   7.232   1.00 16.68 ? 385 LEU A CA  1 
ATOM   392 C C   . LEU A 1 74  ? 0.972   5.739   8.461   1.00 16.71 ? 385 LEU A C   1 
ATOM   393 O O   . LEU A 1 74  ? 2.083   5.229   8.553   1.00 15.81 ? 385 LEU A O   1 
ATOM   394 C CB  . LEU A 1 74  ? 0.815   5.875   5.942   1.00 16.62 ? 385 LEU A CB  1 
ATOM   395 C CG  . LEU A 1 74  ? 0.276   5.285   4.624   1.00 14.56 ? 385 LEU A CG  1 
ATOM   396 C CD1 . LEU A 1 74  ? 0.930   6.008   3.464   1.00 14.91 ? 385 LEU A CD1 1 
ATOM   397 C CD2 . LEU A 1 74  ? 0.526   3.720   4.593   1.00 12.52 ? 385 LEU A CD2 1 
ATOM   398 N N   . ARG A 1 75  ? 0.499   6.587   9.380   1.00 17.05 ? 386 ARG A N   1 
ATOM   399 C CA  . ARG A 1 75  ? 1.222   6.815   10.607  1.00 17.74 ? 386 ARG A CA  1 
ATOM   400 C C   . ARG A 1 75  ? 1.449   5.508   11.379  1.00 16.38 ? 386 ARG A C   1 
ATOM   401 O O   . ARG A 1 75  ? 0.493   4.790   11.760  1.00 17.01 ? 386 ARG A O   1 
ATOM   402 C CB  . ARG A 1 75  ? 0.554   7.910   11.463  1.00 18.13 ? 386 ARG A CB  1 
ATOM   403 C CG  . ARG A 1 75  ? 1.265   8.097   12.817  1.00 23.94 ? 386 ARG A CG  1 
ATOM   404 C CD  . ARG A 1 75  ? 0.837   9.365   13.574  1.00 27.77 ? 386 ARG A CD  1 
ATOM   405 N NE  . ARG A 1 75  ? 1.847   10.395  13.318  1.00 35.04 ? 386 ARG A NE  1 
ATOM   406 C CZ  . ARG A 1 75  ? 1.657   11.491  12.587  1.00 36.30 ? 386 ARG A CZ  1 
ATOM   407 N NH1 . ARG A 1 75  ? 0.459   11.767  12.061  1.00 36.83 ? 386 ARG A NH1 1 
ATOM   408 N NH2 . ARG A 1 75  ? 2.674   12.321  12.396  1.00 35.00 ? 386 ARG A NH2 1 
ATOM   409 N N   . GLY A 1 76  ? 2.724   5.213   11.607  1.00 15.76 ? 387 GLY A N   1 
ATOM   410 C CA  . GLY A 1 76  ? 3.147   4.008   12.328  1.00 15.72 ? 387 GLY A CA  1 
ATOM   411 C C   . GLY A 1 76  ? 2.998   2.708   11.519  1.00 15.67 ? 387 GLY A C   1 
ATOM   412 O O   . GLY A 1 76  ? 3.194   1.620   12.076  1.00 14.90 ? 387 GLY A O   1 
ATOM   413 N N   . ALA A 1 77  ? 2.656   2.810   10.221  1.00 14.76 ? 388 ALA A N   1 
ATOM   414 C CA  . ALA A 1 77  ? 2.526   1.603   9.362   1.00 13.84 ? 388 ALA A CA  1 
ATOM   415 C C   . ALA A 1 77  ? 3.863   0.879   9.247   1.00 13.69 ? 388 ALA A C   1 
ATOM   416 O O   . ALA A 1 77  ? 4.925   1.509   9.299   1.00 15.18 ? 388 ALA A O   1 
ATOM   417 C CB  . ALA A 1 77  ? 1.976   1.964   7.947   1.00 13.19 ? 388 ALA A CB  1 
ATOM   418 N N   . ALA A 1 78  ? 3.811   -0.441  9.097   1.00 12.12 ? 389 ALA A N   1 
ATOM   419 C CA  . ALA A 1 78  ? 4.991   -1.245  8.876   1.00 13.35 ? 389 ALA A CA  1 
ATOM   420 C C   . ALA A 1 78  ? 5.011   -1.612  7.405   1.00 13.00 ? 389 ALA A C   1 
ATOM   421 O O   . ALA A 1 78  ? 4.121   -2.331  6.946   1.00 15.07 ? 389 ALA A O   1 
ATOM   422 C CB  . ALA A 1 78  ? 4.936   -2.551  9.689   1.00 12.22 ? 389 ALA A CB  1 
ATOM   423 N N   . LEU A 1 79  ? 6.081   -1.224  6.712   1.00 11.94 ? 390 LEU A N   1 
ATOM   424 C CA  . LEU A 1 79  ? 6.232   -1.508  5.284   1.00 11.16 ? 390 LEU A CA  1 
ATOM   425 C C   . LEU A 1 79  ? 7.418   -2.420  5.088   1.00 11.08 ? 390 LEU A C   1 
ATOM   426 O O   . LEU A 1 79  ? 8.473   -2.213  5.694   1.00 10.76 ? 390 LEU A O   1 
ATOM   427 C CB  . LEU A 1 79  ? 6.468   -0.173  4.567   1.00 12.09 ? 390 LEU A CB  1 
ATOM   428 C CG  . LEU A 1 79  ? 7.012   -0.239  3.142   1.00 9.83  ? 390 LEU A CG  1 
ATOM   429 C CD1 . LEU A 1 79  ? 5.867   -0.818  2.250   1.00 13.34 ? 390 LEU A CD1 1 
ATOM   430 C CD2 . LEU A 1 79  ? 7.401   1.138   2.750   1.00 10.21 ? 390 LEU A CD2 1 
ATOM   431 N N   . ALA A 1 80  ? 7.252   -3.465  4.281   1.00 10.27 ? 391 ALA A N   1 
ATOM   432 C CA  . ALA A 1 80  ? 8.347   -4.374  4.004   1.00 10.68 ? 391 ALA A CA  1 
ATOM   433 C C   . ALA A 1 80  ? 8.163   -4.946  2.619   1.00 10.59 ? 391 ALA A C   1 
ATOM   434 O O   . ALA A 1 80  ? 7.076   -4.840  1.979   1.00 9.59  ? 391 ALA A O   1 
ATOM   435 C CB  . ALA A 1 80  ? 8.372   -5.525  5.023   1.00 11.09 ? 391 ALA A CB  1 
ATOM   436 N N   . HIS A 1 81  ? 9.221   -5.609  2.181   1.00 10.95 ? 392 HIS A N   1 
ATOM   437 C CA  . HIS A 1 81  ? 9.066   -6.512  1.078   1.00 12.02 ? 392 HIS A CA  1 
ATOM   438 C C   . HIS A 1 81  ? 8.135   -7.653  1.398   1.00 11.60 ? 392 HIS A C   1 
ATOM   439 O O   . HIS A 1 81  ? 8.099   -8.116  2.511   1.00 11.78 ? 392 HIS A O   1 
ATOM   440 C CB  . HIS A 1 81  ? 10.429  -7.042  0.551   1.00 10.56 ? 392 HIS A CB  1 
ATOM   441 C CG  . HIS A 1 81  ? 11.229  -5.997  -0.191  1.00 12.71 ? 392 HIS A CG  1 
ATOM   442 N ND1 . HIS A 1 81  ? 12.337  -5.384  0.353   1.00 13.39 ? 392 HIS A ND1 1 
ATOM   443 C CD2 . HIS A 1 81  ? 11.081  -5.477  -1.433  1.00 11.97 ? 392 HIS A CD2 1 
ATOM   444 C CE1 . HIS A 1 81  ? 12.868  -4.558  -0.543  1.00 9.72  ? 392 HIS A CE1 1 
ATOM   445 N NE2 . HIS A 1 81  ? 12.118  -4.591  -1.629  1.00 17.62 ? 392 HIS A NE2 1 
ATOM   446 N N   . GLY A 1 82  ? 7.363   -8.050  0.381   1.00 11.27 ? 393 GLY A N   1 
ATOM   447 C CA  . GLY A 1 82  ? 6.419   -9.148  0.528   1.00 12.21 ? 393 GLY A CA  1 
ATOM   448 C C   . GLY A 1 82  ? 6.675   -10.359 -0.349  1.00 13.28 ? 393 GLY A C   1 
ATOM   449 O O   . GLY A 1 82  ? 5.699   -11.121 -0.615  1.00 11.59 ? 393 GLY A O   1 
ATOM   450 N N   . ARG A 1 83  ? 7.993   -10.584 -0.717  1.00 11.92 ? 394 ARG A N   1 
ATOM   451 C CA  . ARG A 1 83  ? 8.515   -11.729 -1.458  1.00 12.80 ? 394 ARG A CA  1 
ATOM   452 C C   . ARG A 1 83  ? 8.143   -13.071 -0.860  1.00 12.83 ? 394 ARG A C   1 
ATOM   453 O O   . ARG A 1 83  ? 8.009   -14.057 -1.598  1.00 14.37 ? 394 ARG A O   1 
ATOM   454 C CB  . ARG A 1 83  ? 10.074  -11.576 -1.626  1.00 12.74 ? 394 ARG A CB  1 
ATOM   455 C CG  . ARG A 1 83  ? 10.239  -10.251 -2.457  1.00 15.98 ? 394 ARG A CG  1 
ATOM   456 C CD  . ARG A 1 83  ? 11.568  -9.593  -2.889  1.00 26.26 ? 394 ARG A CD  1 
ATOM   457 N NE  . ARG A 1 83  ? 12.464  -9.390  -1.804  1.00 21.64 ? 394 ARG A NE  1 
ATOM   458 C CZ  . ARG A 1 83  ? 13.412  -8.452  -1.700  1.00 23.27 ? 394 ARG A CZ  1 
ATOM   459 N NH1 . ARG A 1 83  ? 13.619  -7.457  -2.582  1.00 20.58 ? 394 ARG A NH1 1 
ATOM   460 N NH2 . ARG A 1 83  ? 14.156  -8.517  -0.623  1.00 21.57 ? 394 ARG A NH2 1 
ATOM   461 N N   . HIS A 1 84  ? 7.938   -13.097 0.453   1.00 11.81 ? 395 HIS A N   1 
ATOM   462 C CA  . HIS A 1 84  ? 7.626   -14.329 1.174   1.00 12.48 ? 395 HIS A CA  1 
ATOM   463 C C   . HIS A 1 84  ? 6.121   -14.592 1.301   1.00 11.82 ? 395 HIS A C   1 
ATOM   464 O O   . HIS A 1 84  ? 5.704   -15.656 1.785   1.00 12.56 ? 395 HIS A O   1 
ATOM   465 C CB  . HIS A 1 84  ? 8.280   -14.292 2.546   1.00 12.66 ? 395 HIS A CB  1 
ATOM   466 C CG  . HIS A 1 84  ? 7.818   -13.142 3.392   1.00 15.10 ? 395 HIS A CG  1 
ATOM   467 N ND1 . HIS A 1 84  ? 7.976   -11.826 3.008   1.00 15.35 ? 395 HIS A ND1 1 
ATOM   468 C CD2 . HIS A 1 84  ? 7.195   -13.115 4.591   1.00 13.86 ? 395 HIS A CD2 1 
ATOM   469 C CE1 . HIS A 1 84  ? 7.489   -11.034 3.948   1.00 17.34 ? 395 HIS A CE1 1 
ATOM   470 N NE2 . HIS A 1 84  ? 7.003   -11.790 4.916   1.00 15.34 ? 395 HIS A NE2 1 
ATOM   471 N N   . LEU A 1 85  ? 5.303   -13.641 0.829   1.00 11.35 ? 396 LEU A N   1 
ATOM   472 C CA  . LEU A 1 85  ? 3.847   -13.650 1.082   1.00 10.74 ? 396 LEU A CA  1 
ATOM   473 C C   . LEU A 1 85  ? 3.002   -13.887 -0.190  1.00 10.27 ? 396 LEU A C   1 
ATOM   474 O O   . LEU A 1 85  ? 1.777   -13.881 -0.125  1.00 10.58 ? 396 LEU A O   1 
ATOM   475 C CB  . LEU A 1 85  ? 3.408   -12.322 1.744   1.00 9.96  ? 396 LEU A CB  1 
ATOM   476 C CG  . LEU A 1 85  ? 4.019   -12.073 3.144   1.00 13.06 ? 396 LEU A CG  1 
ATOM   477 C CD1 . LEU A 1 85  ? 3.624   -10.681 3.768   1.00 11.85 ? 396 LEU A CD1 1 
ATOM   478 C CD2 . LEU A 1 85  ? 3.654   -13.205 4.097   1.00 12.88 ? 396 LEU A CD2 1 
ATOM   479 N N   . SER A 1 86  ? 3.661   -14.060 -1.321  1.00 10.00 ? 397 SER A N   1 
ATOM   480 C CA  . SER A 1 86  ? 2.966   -14.188 -2.598  1.00 10.10 ? 397 SER A CA  1 
ATOM   481 C C   . SER A 1 86  ? 3.843   -14.919 -3.596  1.00 11.47 ? 397 SER A C   1 
ATOM   482 O O   . SER A 1 86  ? 5.078   -14.810 -3.570  1.00 12.11 ? 397 SER A O   1 
ATOM   483 C CB  . SER A 1 86  ? 2.632   -12.802 -3.157  1.00 10.17 ? 397 SER A CB  1 
ATOM   484 O OG  . SER A 1 86  ? 1.900   -12.884 -4.374  1.00 12.33 ? 397 SER A OG  1 
ATOM   485 N N   . SER A 1 87  ? 3.198   -15.617 -4.525  1.00 12.33 ? 398 SER A N   1 
ATOM   486 C CA  . SER A 1 87  ? 3.928   -16.142 -5.665  1.00 13.15 ? 398 SER A CA  1 
ATOM   487 C C   . SER A 1 87  ? 4.199   -15.064 -6.735  1.00 14.62 ? 398 SER A C   1 
ATOM   488 O O   . SER A 1 87  ? 4.930   -15.330 -7.686  1.00 12.63 ? 398 SER A O   1 
ATOM   489 C CB  . SER A 1 87  ? 3.124   -17.270 -6.307  1.00 14.30 ? 398 SER A CB  1 
ATOM   490 O OG  . SER A 1 87  ? 1.924   -16.737 -6.872  1.00 14.76 ? 398 SER A OG  1 
ATOM   491 N N   . ARG A 1 88  ? 3.588   -13.872 -6.604  1.00 14.05 ? 399 ARG A N   1 
ATOM   492 C CA  . ARG A 1 88  ? 3.763   -12.805 -7.600  1.00 14.74 ? 399 ARG A CA  1 
ATOM   493 C C   . ARG A 1 88  ? 5.146   -12.137 -7.468  1.00 14.05 ? 399 ARG A C   1 
ATOM   494 O O   . ARG A 1 88  ? 5.745   -12.134 -6.410  1.00 13.59 ? 399 ARG A O   1 
ATOM   495 C CB  . ARG A 1 88  ? 2.655   -11.738 -7.482  1.00 14.28 ? 399 ARG A CB  1 
ATOM   496 C CG  . ARG A 1 88  ? 1.249   -12.255 -7.751  1.00 14.89 ? 399 ARG A CG  1 
ATOM   497 C CD  . ARG A 1 88  ? 0.310   -11.097 -8.043  1.00 17.03 ? 399 ARG A CD  1 
ATOM   498 N NE  . ARG A 1 88  ? -0.987  -11.558 -8.508  1.00 18.58 ? 399 ARG A NE  1 
ATOM   499 C CZ  . ARG A 1 88  ? -1.863  -10.782 -9.145  1.00 18.04 ? 399 ARG A CZ  1 
ATOM   500 N NH1 . ARG A 1 88  ? -1.580  -9.493  -9.395  1.00 21.58 ? 399 ARG A NH1 1 
ATOM   501 N NH2 . ARG A 1 88  ? -3.012  -11.287 -9.530  1.00 17.18 ? 399 ARG A NH2 1 
ATOM   502 N N   . ARG A 1 89  ? 5.564   -11.565 -8.544  1.00 20.00 ? 400 ARG A N   1 
ATOM   503 C CA  . ARG A 1 89  ? 6.810   -10.808 -8.562  1.00 20.00 ? 400 ARG A CA  1 
ATOM   504 C C   . ARG A 1 89  ? 6.583   -9.362  -8.138  1.00 20.00 ? 400 ARG A C   1 
ATOM   505 O O   . ARG A 1 89  ? 5.676   -8.747  -8.540  1.00 16.14 ? 400 ARG A O   1 
ATOM   506 C CB  . ARG A 1 89  ? 7.444   -10.864 -9.944  1.00 20.00 ? 400 ARG A CB  1 
ATOM   507 N N   . ASN A 1 90  ? 7.570   -8.817  -7.415  1.00 13.55 ? 401 ASN A N   1 
ATOM   508 C CA  . ASN A 1 90  ? 7.589   -7.373  -7.051  1.00 12.17 ? 401 ASN A CA  1 
ATOM   509 C C   . ASN A 1 90  ? 6.401   -7.018  -6.146  1.00 10.55 ? 401 ASN A C   1 
ATOM   510 O O   . ASN A 1 90  ? 5.435   -6.314  -6.579  1.00 11.21 ? 401 ASN A O   1 
ATOM   511 C CB  . ASN A 1 90  ? 7.565   -6.448  -8.276  1.00 12.42 ? 401 ASN A CB  1 
ATOM   512 C CG  . ASN A 1 90  ? 8.514   -6.890  -9.368  1.00 15.45 ? 401 ASN A CG  1 
ATOM   513 O OD1 . ASN A 1 90  ? 9.673   -7.174  -9.093  1.00 19.35 ? 401 ASN A OD1 1 
ATOM   514 N ND2 . ASN A 1 90  ? 8.031   -6.936  -10.607 1.00 15.77 ? 401 ASN A ND2 1 
ATOM   515 N N   . VAL A 1 91  ? 6.452   -7.510  -4.914  1.00 10.00 ? 402 VAL A N   1 
ATOM   516 C CA  . VAL A 1 91  ? 5.326   -7.360  -3.979  1.00 9.58  ? 402 VAL A CA  1 
ATOM   517 C C   . VAL A 1 91  ? 5.820   -6.589  -2.746  1.00 10.18 ? 402 VAL A C   1 
ATOM   518 O O   . VAL A 1 91  ? 6.889   -6.883  -2.237  1.00 10.02 ? 402 VAL A O   1 
ATOM   519 C CB  . VAL A 1 91  ? 4.768   -8.760  -3.524  1.00 9.22  ? 402 VAL A CB  1 
ATOM   520 C CG1 . VAL A 1 91  ? 3.636   -8.633  -2.461  1.00 9.87  ? 402 VAL A CG1 1 
ATOM   521 C CG2 . VAL A 1 91  ? 4.271   -9.520  -4.701  1.00 10.33 ? 402 VAL A CG2 1 
ATOM   522 N N   . LEU A 1 92  ? 5.010   -5.624  -2.297  1.00 9.98  ? 403 LEU A N   1 
ATOM   523 C CA  . LEU A 1 92  ? 5.227   -4.907  -1.042  1.00 10.16 ? 403 LEU A CA  1 
ATOM   524 C C   . LEU A 1 92  ? 4.099   -5.271  -0.076  1.00 9.78  ? 403 LEU A C   1 
ATOM   525 O O   . LEU A 1 92  ? 2.973   -5.513  -0.506  1.00 10.15 ? 403 LEU A O   1 
ATOM   526 C CB  . LEU A 1 92  ? 5.200   -3.401  -1.273  1.00 10.22 ? 403 LEU A CB  1 
ATOM   527 C CG  . LEU A 1 92  ? 6.178   -2.804  -2.272  1.00 12.04 ? 403 LEU A CG  1 
ATOM   528 C CD1 . LEU A 1 92  ? 5.962   -1.267  -2.315  1.00 10.11 ? 403 LEU A CD1 1 
ATOM   529 C CD2 . LEU A 1 92  ? 7.612   -3.187  -1.877  1.00 10.12 ? 403 LEU A CD2 1 
ATOM   530 N N   . HIS A 1 93  ? 4.424   -5.288  1.215   1.00 9.74  ? 404 HIS A N   1 
ATOM   531 C CA  . HIS A 1 93  ? 3.461   -5.661  2.287   1.00 9.58  ? 404 HIS A CA  1 
ATOM   532 C C   . HIS A 1 93  ? 3.364   -4.441  3.187   1.00 10.05 ? 404 HIS A C   1 
ATOM   533 O O   . HIS A 1 93  ? 4.404   -3.903  3.619   1.00 9.34  ? 404 HIS A O   1 
ATOM   534 C CB  . HIS A 1 93  ? 4.078   -6.828  3.062   1.00 10.06 ? 404 HIS A CB  1 
ATOM   535 C CG  . HIS A 1 93  ? 3.372   -7.174  4.349   1.00 12.13 ? 404 HIS A CG  1 
ATOM   536 N ND1 . HIS A 1 93  ? 2.001   -7.380  4.454   1.00 15.64 ? 404 HIS A ND1 1 
ATOM   537 C CD2 . HIS A 1 93  ? 3.885   -7.425  5.572   1.00 10.01 ? 404 HIS A CD2 1 
ATOM   538 C CE1 . HIS A 1 93  ? 1.705   -7.715  5.709   1.00 7.83  ? 404 HIS A CE1 1 
ATOM   539 N NE2 . HIS A 1 93  ? 2.831   -7.731  6.408   1.00 13.44 ? 404 HIS A NE2 1 
ATOM   540 N N   . ILE A 1 94  ? 2.130   -4.034  3.509   1.00 8.59  ? 405 ILE A N   1 
ATOM   541 C CA  . ILE A 1 94  ? 1.930   -2.964  4.499   1.00 9.17  ? 405 ILE A CA  1 
ATOM   542 C C   . ILE A 1 94  ? 0.999   -3.450  5.586   1.00 9.73  ? 405 ILE A C   1 
ATOM   543 O O   . ILE A 1 94  ? -0.026  -4.094  5.297   1.00 9.54  ? 405 ILE A O   1 
ATOM   544 C CB  . ILE A 1 94  ? 1.324   -1.690  3.836   1.00 9.13  ? 405 ILE A CB  1 
ATOM   545 C CG1 . ILE A 1 94  ? 2.417   -1.028  2.996   1.00 12.49 ? 405 ILE A CG1 1 
ATOM   546 C CG2 . ILE A 1 94  ? 0.813   -0.666  4.941   1.00 12.14 ? 405 ILE A CG2 1 
ATOM   547 C CD1 . ILE A 1 94  ? 1.891   0.230   2.254   1.00 18.40 ? 405 ILE A CD1 1 
ATOM   548 N N   . ARG A 1 95  ? 1.378   -3.185  6.825   1.00 9.72  ? 406 ARG A N   1 
ATOM   549 C CA  . ARG A 1 95  ? 0.499   -3.544  7.952   1.00 10.59 ? 406 ARG A CA  1 
ATOM   550 C C   . ARG A 1 95  ? 0.298   -2.302  8.758   1.00 12.34 ? 406 ARG A C   1 
ATOM   551 O O   . ARG A 1 95  ? 1.298   -1.749  9.259   1.00 11.98 ? 406 ARG A O   1 
ATOM   552 C CB  . ARG A 1 95  ? 1.212   -4.587  8.811   1.00 11.17 ? 406 ARG A CB  1 
ATOM   553 C CG  . ARG A 1 95  ? 0.475   -4.958  10.127  1.00 12.95 ? 406 ARG A CG  1 
ATOM   554 C CD  . ARG A 1 95  ? 1.154   -6.214  10.784  1.00 16.76 ? 406 ARG A CD  1 
ATOM   555 N NE  . ARG A 1 95  ? 2.584   -5.989  11.060  1.00 20.44 ? 406 ARG A NE  1 
ATOM   556 C CZ  . ARG A 1 95  ? 3.077   -5.231  12.042  1.00 24.01 ? 406 ARG A CZ  1 
ATOM   557 N NH1 . ARG A 1 95  ? 2.273   -4.598  12.903  1.00 23.75 ? 406 ARG A NH1 1 
ATOM   558 N NH2 . ARG A 1 95  ? 4.397   -5.089  12.145  1.00 24.52 ? 406 ARG A NH2 1 
ATOM   559 N N   . THR A 1 96  ? -0.971  -1.917  8.955   1.00 13.68 ? 407 THR A N   1 
ATOM   560 C CA  . THR A 1 96  ? -1.297  -0.629  9.616   1.00 15.33 ? 407 THR A CA  1 
ATOM   561 C C   . THR A 1 96  ? -1.535  -0.852  11.123  1.00 17.19 ? 407 THR A C   1 
ATOM   562 O O   . THR A 1 96  ? -1.750  -1.988  11.564  1.00 16.00 ? 407 THR A O   1 
ATOM   563 C CB  . THR A 1 96  ? -2.517  0.064   8.966   1.00 16.42 ? 407 THR A CB  1 
ATOM   564 O OG1 . THR A 1 96  ? -3.700  -0.713  9.218   1.00 16.49 ? 407 THR A OG1 1 
ATOM   565 C CG2 . THR A 1 96  ? -2.310  0.258   7.422   1.00 14.78 ? 407 THR A CG2 1 
ATOM   566 N N   . ILE A 1 97  ? -1.457  0.227   11.900  1.00 17.71 ? 408 ILE A N   1 
ATOM   567 C CA  . ILE A 1 97  ? -1.635  0.161   13.356  1.00 20.25 ? 408 ILE A CA  1 
ATOM   568 C C   . ILE A 1 97  ? -2.969  -0.531  13.793  1.00 20.02 ? 408 ILE A C   1 
ATOM   569 O O   . ILE A 1 97  ? -2.972  -1.342  14.715  1.00 21.10 ? 408 ILE A O   1 
ATOM   570 C CB  . ILE A 1 97  ? -1.482  1.592   13.981  1.00 19.95 ? 408 ILE A CB  1 
ATOM   571 C CG1 . ILE A 1 97  ? -0.006  1.973   14.092  1.00 23.08 ? 408 ILE A CG1 1 
ATOM   572 C CG2 . ILE A 1 97  ? -2.231  1.724   15.333  1.00 23.27 ? 408 ILE A CG2 1 
ATOM   573 C CD1 . ILE A 1 97  ? 0.890   0.965   14.739  1.00 25.59 ? 408 ILE A CD1 1 
ATOM   574 N N   . PRO A 1 98  ? -4.095  -0.192  13.150  1.00 19.79 ? 409 PRO A N   1 
ATOM   575 C CA  . PRO A 1 98  ? -5.323  -0.957  13.440  1.00 19.16 ? 409 PRO A CA  1 
ATOM   576 C C   . PRO A 1 98  ? -5.315  -2.444  13.029  1.00 18.09 ? 409 PRO A C   1 
ATOM   577 O O   . PRO A 1 98  ? -6.298  -3.158  13.284  1.00 17.73 ? 409 PRO A O   1 
ATOM   578 C CB  . PRO A 1 98  ? -6.373  -0.238  12.602  1.00 19.15 ? 409 PRO A CB  1 
ATOM   579 C CG  . PRO A 1 98  ? -5.828  1.109   12.361  1.00 21.44 ? 409 PRO A CG  1 
ATOM   580 C CD  . PRO A 1 98  ? -4.363  0.906   12.212  1.00 20.37 ? 409 PRO A CD  1 
ATOM   581 N N   . GLY A 1 99  ? -4.268  -2.909  12.351  1.00 16.49 ? 410 GLY A N   1 
ATOM   582 C CA  . GLY A 1 99  ? -4.172  -4.324  11.998  1.00 16.50 ? 410 GLY A CA  1 
ATOM   583 C C   . GLY A 1 99  ? -4.577  -4.734  10.587  1.00 16.27 ? 410 GLY A C   1 
ATOM   584 O O   . GLY A 1 99  ? -4.691  -5.929  10.289  1.00 16.84 ? 410 GLY A O   1 
ATOM   585 N N   . HIS A 1 100 ? -4.780  -3.757  9.714   1.00 14.93 ? 411 HIS A N   1 
ATOM   586 C CA  . HIS A 1 100 ? -5.157  -4.065  8.344   1.00 16.61 ? 411 HIS A CA  1 
ATOM   587 C C   . HIS A 1 100 ? -3.879  -4.326  7.583   1.00 14.90 ? 411 HIS A C   1 
ATOM   588 O O   . HIS A 1 100 ? -2.859  -3.641  7.801   1.00 15.91 ? 411 HIS A O   1 
ATOM   589 C CB  . HIS A 1 100 ? -5.937  -2.912  7.715   1.00 16.51 ? 411 HIS A CB  1 
ATOM   590 C CG  . HIS A 1 100 ? -7.059  -2.429  8.582   1.00 22.16 ? 411 HIS A CG  1 
ATOM   591 N ND1 . HIS A 1 100 ? -7.792  -3.286  9.380   1.00 24.99 ? 411 HIS A ND1 1 
ATOM   592 C CD2 . HIS A 1 100 ? -7.556  -1.190  8.799   1.00 24.64 ? 411 HIS A CD2 1 
ATOM   593 C CE1 . HIS A 1 100 ? -8.704  -2.590  10.042  1.00 28.54 ? 411 HIS A CE1 1 
ATOM   594 N NE2 . HIS A 1 100 ? -8.580  -1.319  9.707   1.00 26.13 ? 411 HIS A NE2 1 
ATOM   595 N N   . GLU A 1 101 ? -3.914  -5.301  6.688   1.00 14.17 ? 412 GLU A N   1 
ATOM   596 C CA  . GLU A 1 101 ? -2.679  -5.647  5.973   1.00 12.90 ? 412 GLU A CA  1 
ATOM   597 C C   . GLU A 1 101 ? -3.038  -5.848  4.514   1.00 12.40 ? 412 GLU A C   1 
ATOM   598 O O   . GLU A 1 101 ? -4.106  -6.389  4.176   1.00 13.21 ? 412 GLU A O   1 
ATOM   599 C CB  . GLU A 1 101 ? -2.062  -6.960  6.452   1.00 11.49 ? 412 GLU A CB  1 
ATOM   600 C CG  . GLU A 1 101 ? -1.551  -6.982  7.898   1.00 14.31 ? 412 GLU A CG  1 
ATOM   601 C CD  . GLU A 1 101 ? -0.868  -8.253  8.250   1.00 19.10 ? 412 GLU A CD  1 
ATOM   602 O OE1 . GLU A 1 101 ? -0.096  -8.807  7.431   1.00 19.05 ? 412 GLU A OE1 1 
ATOM   603 O OE2 . GLU A 1 101 ? -1.129  -8.729  9.368   1.00 20.44 ? 412 GLU A OE2 1 
ATOM   604 N N   . PHE A 1 102 ? -2.136  -5.423  3.654   1.00 11.12 ? 413 PHE A N   1 
ATOM   605 C CA  A PHE A 1 102 ? -2.381  -5.320  2.213   0.50 11.15 ? 413 PHE A CA  1 
ATOM   606 C CA  B PHE A 1 102 ? -2.403  -5.664  2.267   0.50 9.70  ? 413 PHE A CA  1 
ATOM   607 C C   . PHE A 1 102 ? -1.086  -5.742  1.521   1.00 10.26 ? 413 PHE A C   1 
ATOM   608 O O   . PHE A 1 102 ? 0.007   -5.442  2.052   1.00 10.12 ? 413 PHE A O   1 
ATOM   609 C CB  A PHE A 1 102 ? -2.611  -3.837  1.811   0.50 11.28 ? 413 PHE A CB  1 
ATOM   610 C CB  B PHE A 1 102 ? -3.325  -4.570  1.737   0.50 8.78  ? 413 PHE A CB  1 
ATOM   611 C CG  A PHE A 1 102 ? -3.835  -3.177  2.426   0.50 14.08 ? 413 PHE A CG  1 
ATOM   612 C CG  B PHE A 1 102 ? -2.795  -3.194  1.958   0.50 6.34  ? 413 PHE A CG  1 
ATOM   613 C CD1 A PHE A 1 102 ? -5.041  -3.103  1.705   0.50 16.50 ? 413 PHE A CD1 1 
ATOM   614 C CD1 B PHE A 1 102 ? -3.153  -2.455  3.106   0.50 3.98  ? 413 PHE A CD1 1 
ATOM   615 C CD2 A PHE A 1 102 ? -3.764  -2.570  3.695   0.50 14.02 ? 413 PHE A CD2 1 
ATOM   616 C CD2 B PHE A 1 102 ? -1.917  -2.642  1.033   0.50 5.71  ? 413 PHE A CD2 1 
ATOM   617 C CE1 A PHE A 1 102 ? -6.179  -2.469  2.249   0.50 16.31 ? 413 PHE A CE1 1 
ATOM   618 C CE1 B PHE A 1 102 ? -2.650  -1.172  3.312   0.50 5.78  ? 413 PHE A CE1 1 
ATOM   619 C CE2 A PHE A 1 102 ? -4.893  -1.944  4.264   0.50 17.26 ? 413 PHE A CE2 1 
ATOM   620 C CE2 B PHE A 1 102 ? -1.423  -1.362  1.223   0.50 6.94  ? 413 PHE A CE2 1 
ATOM   621 C CZ  A PHE A 1 102 ? -6.110  -1.896  3.541   0.50 15.21 ? 413 PHE A CZ  1 
ATOM   622 C CZ  B PHE A 1 102 ? -1.780  -0.623  2.369   0.50 5.53  ? 413 PHE A CZ  1 
ATOM   623 N N   . LEU A 1 103 ? -1.185  -6.279  0.316   1.00 9.64  ? 414 LEU A N   1 
ATOM   624 C CA  . LEU A 1 103 ? -0.039  -6.383  -0.574  1.00 8.77  ? 414 LEU A CA  1 
ATOM   625 C C   . LEU A 1 103 ? -0.256  -5.484  -1.796  1.00 9.06  ? 414 LEU A C   1 
ATOM   626 O O   . LEU A 1 103 ? -1.381  -5.413  -2.301  1.00 8.97  ? 414 LEU A O   1 
ATOM   627 C CB  . LEU A 1 103 ? 0.087   -7.828  -1.090  1.00 9.91  ? 414 LEU A CB  1 
ATOM   628 C CG  . LEU A 1 103 ? 0.357   -8.859  0.051   1.00 8.65  ? 414 LEU A CG  1 
ATOM   629 C CD1 . LEU A 1 103 ? 0.319   -10.273 -0.556  1.00 8.14  ? 414 LEU A CD1 1 
ATOM   630 C CD2 . LEU A 1 103 ? 1.645   -8.637  0.849   1.00 10.38 ? 414 LEU A CD2 1 
ATOM   631 N N   . LEU A 1 104 ? 0.822   -4.856  -2.287  1.00 9.22  ? 415 LEU A N   1 
ATOM   632 C CA  . LEU A 1 104 ? 0.822   -4.075  -3.545  1.00 9.76  ? 415 LEU A CA  1 
ATOM   633 C C   . LEU A 1 104 ? 1.777   -4.774  -4.497  1.00 10.21 ? 415 LEU A C   1 
ATOM   634 O O   . LEU A 1 104 ? 2.795   -5.327  -4.066  1.00 10.44 ? 415 LEU A O   1 
ATOM   635 C CB  . LEU A 1 104 ? 1.365   -2.638  -3.326  1.00 8.75  ? 415 LEU A CB  1 
ATOM   636 C CG  . LEU A 1 104 ? 0.487   -1.812  -2.382  1.00 10.62 ? 415 LEU A CG  1 
ATOM   637 C CD1 . LEU A 1 104 ? 1.175   -0.499  -1.911  1.00 13.37 ? 415 LEU A CD1 1 
ATOM   638 C CD2 . LEU A 1 104 ? -0.937  -1.540  -2.896  1.00 12.72 ? 415 LEU A CD2 1 
ATOM   639 N N   . GLN A 1 105 ? 1.458   -4.763  -5.781  1.00 9.44  ? 416 GLN A N   1 
ATOM   640 C CA  . GLN A 1 105 ? 2.297   -5.533  -6.724  1.00 10.39 ? 416 GLN A CA  1 
ATOM   641 C C   . GLN A 1 105 ? 2.281   -4.841  -8.103  1.00 10.25 ? 416 GLN A C   1 
ATOM   642 O O   . GLN A 1 105 ? 1.270   -4.231  -8.504  1.00 10.69 ? 416 GLN A O   1 
ATOM   643 C CB  . GLN A 1 105 ? 1.797   -7.016  -6.760  1.00 9.98  ? 416 GLN A CB  1 
ATOM   644 C CG  . GLN A 1 105 ? 2.593   -7.987  -7.665  1.00 10.85 ? 416 GLN A CG  1 
ATOM   645 C CD  . GLN A 1 105 ? 2.210   -7.897  -9.133  1.00 11.92 ? 416 GLN A CD  1 
ATOM   646 O OE1 . GLN A 1 105 ? 1.045   -7.604  -9.493  1.00 15.75 ? 416 GLN A OE1 1 
ATOM   647 N NE2 . GLN A 1 105 ? 3.165   -8.235  -9.998  1.00 15.55 ? 416 GLN A NE2 1 
ATOM   648 N N   . SER A 1 106 ? 3.345   -4.886  -8.860  1.00 20.00 ? 417 SER A N   1 
ATOM   649 C CA  . SER A 1 106 ? 3.365   -4.483  -10.261 1.00 20.00 ? 417 SER A CA  1 
ATOM   650 C C   . SER A 1 106 ? 4.293   -5.377  -11.079 1.00 20.00 ? 417 SER A C   1 
ATOM   651 O O   . SER A 1 106 ? 5.267   -5.825  -10.468 1.00 14.36 ? 417 SER A O   1 
ATOM   652 C CB  . SER A 1 106 ? 3.795   -3.020  -10.393 1.00 20.00 ? 417 SER A CB  1 
ATOM   653 O OG  . SER A 1 106 ? 3.840   -2.624  -11.753 1.00 20.00 ? 417 SER A OG  1 
ATOM   654 N N   . ASP A 1 107 ? 3.963   -5.622  -12.273 1.00 16.68 ? 418 ASP A N   1 
ATOM   655 C CA  . ASP A 1 107 ? 4.851   -6.373  -13.148 1.00 18.37 ? 418 ASP A CA  1 
ATOM   656 C C   . ASP A 1 107 ? 6.063   -5.558  -13.555 1.00 19.24 ? 418 ASP A C   1 
ATOM   657 O O   . ASP A 1 107 ? 6.971   -6.075  -14.191 1.00 21.01 ? 418 ASP A O   1 
ATOM   658 C CB  . ASP A 1 107 ? 4.067   -6.780  -14.395 1.00 19.55 ? 418 ASP A CB  1 
ATOM   659 C CG  . ASP A 1 107 ? 2.975   -7.771  -14.104 1.00 22.85 ? 418 ASP A CG  1 
ATOM   660 O OD1 . ASP A 1 107 ? 3.011   -8.446  -13.042 1.00 24.47 ? 418 ASP A OD1 1 
ATOM   661 O OD2 . ASP A 1 107 ? 2.072   -7.875  -14.952 1.00 27.21 ? 418 ASP A OD2 1 
ATOM   662 N N   . HIS A 1 108 ? 6.080   -4.277  -13.192 1.00 19.19 ? 419 HIS A N   1 
ATOM   663 C CA  . HIS A 1 108 ? 7.136   -3.351  -13.612 1.00 21.38 ? 419 HIS A CA  1 
ATOM   664 C C   . HIS A 1 108 ? 7.991   -2.999  -12.421 1.00 21.58 ? 419 HIS A C   1 
ATOM   665 O O   . HIS A 1 108 ? 7.607   -2.191  -11.583 1.00 21.61 ? 419 HIS A O   1 
ATOM   666 C CB  . HIS A 1 108 ? 6.526   -2.141  -14.353 1.00 21.86 ? 419 HIS A CB  1 
ATOM   667 C CG  . HIS A 1 108 ? 5.548   -2.564  -15.419 1.00 23.49 ? 419 HIS A CG  1 
ATOM   668 N ND1 . HIS A 1 108 ? 4.182   -2.412  -15.286 1.00 26.48 ? 419 HIS A ND1 1 
ATOM   669 C CD2 . HIS A 1 108 ? 5.738   -3.249  -16.575 1.00 24.67 ? 419 HIS A CD2 1 
ATOM   670 C CE1 . HIS A 1 108 ? 3.577   -2.939  -16.336 1.00 22.32 ? 419 HIS A CE1 1 
ATOM   671 N NE2 . HIS A 1 108 ? 4.498   -3.458  -17.129 1.00 23.53 ? 419 HIS A NE2 1 
ATOM   672 N N   . GLU A 1 109 ? 9.138   -3.671  -12.342 1.00 21.85 ? 420 GLU A N   1 
ATOM   673 C CA  . GLU A 1 109 ? 9.978   -3.674  -11.154 1.00 22.89 ? 420 GLU A CA  1 
ATOM   674 C C   . GLU A 1 109 ? 10.447  -2.256  -10.831 1.00 22.56 ? 420 GLU A C   1 
ATOM   675 O O   . GLU A 1 109 ? 10.472  -1.878  -9.678  1.00 21.33 ? 420 GLU A O   1 
ATOM   676 C CB  . GLU A 1 109 ? 11.143  -4.639  -11.367 1.00 22.81 ? 420 GLU A CB  1 
ATOM   677 C CG  . GLU A 1 109 ? 12.202  -4.715  -10.262 1.00 28.62 ? 420 GLU A CG  1 
ATOM   678 C CD  . GLU A 1 109 ? 13.547  -5.295  -10.791 1.00 36.02 ? 420 GLU A CD  1 
ATOM   679 O OE1 . GLU A 1 109 ? 13.614  -5.716  -11.981 1.00 36.62 ? 420 GLU A OE1 1 
ATOM   680 O OE2 . GLU A 1 109 ? 14.531  -5.329  -10.013 1.00 39.69 ? 420 GLU A OE2 1 
ATOM   681 N N   . THR A 1 110 ? 10.753  -1.448  -11.850 1.00 22.66 ? 421 THR A N   1 
ATOM   682 C CA  . THR A 1 110 ? 11.231  -0.079  -11.582 1.00 23.44 ? 421 THR A CA  1 
ATOM   683 C C   . THR A 1 110 ? 10.141  0.829   -11.003 1.00 22.33 ? 421 THR A C   1 
ATOM   684 O O   . THR A 1 110 ? 10.422  1.698   -10.185 1.00 21.80 ? 421 THR A O   1 
ATOM   685 C CB  . THR A 1 110 ? 11.892  0.596   -12.799 1.00 25.32 ? 421 THR A CB  1 
ATOM   686 O OG1 . THR A 1 110 ? 10.911  0.852   -13.803 1.00 27.42 ? 421 THR A OG1 1 
ATOM   687 C CG2 . THR A 1 110 ? 13.087  -0.315  -13.371 1.00 24.73 ? 421 THR A CG2 1 
ATOM   688 N N   . GLU A 1 111 ? 8.909   0.611   -11.418 1.00 21.02 ? 422 GLU A N   1 
ATOM   689 C CA  . GLU A 1 111 ? 7.827   1.405   -10.881 1.00 21.23 ? 422 GLU A CA  1 
ATOM   690 C C   . GLU A 1 111 ? 7.445   0.912   -9.481  1.00 19.92 ? 422 GLU A C   1 
ATOM   691 O O   . GLU A 1 111 ? 7.128   1.728   -8.606  1.00 17.14 ? 422 GLU A O   1 
ATOM   692 C CB  . GLU A 1 111 ? 6.657   1.421   -11.833 1.00 23.03 ? 422 GLU A CB  1 
ATOM   693 C CG  . GLU A 1 111 ? 5.722   0.254   -11.720 1.00 28.18 ? 422 GLU A CG  1 
ATOM   694 C CD  . GLU A 1 111 ? 4.408   0.539   -12.383 1.00 34.03 ? 422 GLU A CD  1 
ATOM   695 O OE1 . GLU A 1 111 ? 4.328   1.593   -13.073 1.00 37.91 ? 422 GLU A OE1 1 
ATOM   696 O OE2 . GLU A 1 111 ? 3.474   -0.281  -12.227 1.00 34.56 ? 422 GLU A OE2 1 
ATOM   697 N N   . LEU A 1 112 ? 7.560   -0.401  -9.257  1.00 17.79 ? 423 LEU A N   1 
ATOM   698 C CA  . LEU A 1 112 ? 7.365   -0.953  -7.908  1.00 16.64 ? 423 LEU A CA  1 
ATOM   699 C C   . LEU A 1 112 ? 8.436   -0.398  -6.962  1.00 16.16 ? 423 LEU A C   1 
ATOM   700 O O   . LEU A 1 112 ? 8.130   0.031   -5.827  1.00 13.90 ? 423 LEU A O   1 
ATOM   701 C CB  . LEU A 1 112 ? 7.302   -2.507  -7.888  1.00 17.41 ? 423 LEU A CB  1 
ATOM   702 C CG  . LEU A 1 112 ? 6.814   -2.731  -6.441  1.00 19.03 ? 423 LEU A CG  1 
ATOM   703 C CD1 . LEU A 1 112 ? 5.261   -2.782  -6.278  1.00 19.80 ? 423 LEU A CD1 1 
ATOM   704 C CD2 . LEU A 1 112 ? 7.508   -3.661  -5.504  1.00 18.91 ? 423 LEU A CD2 1 
ATOM   705 N N   . ARG A 1 113 ? 9.701   -0.367  -7.418  1.00 14.75 ? 424 ARG A N   1 
ATOM   706 C CA  . ARG A 1 113 ? 10.750  0.236   -6.574  1.00 16.37 ? 424 ARG A CA  1 
ATOM   707 C C   . ARG A 1 113 ? 10.473  1.738   -6.275  1.00 15.07 ? 424 ARG A C   1 
ATOM   708 O O   . ARG A 1 113 ? 10.707  2.225   -5.137  1.00 14.76 ? 424 ARG A O   1 
ATOM   709 C CB  . ARG A 1 113 ? 12.145  -0.017  -7.175  1.00 17.00 ? 424 ARG A CB  1 
ATOM   710 C CG  . ARG A 1 113 ? 13.327  0.675   -6.422  1.00 21.60 ? 424 ARG A CG  1 
ATOM   711 C CD  . ARG A 1 113 ? 14.617  0.668   -7.338  1.00 28.92 ? 424 ARG A CD  1 
ATOM   712 N NE  . ARG A 1 113 ? 14.821  -0.638  -7.999  1.00 37.92 ? 424 ARG A NE  1 
ATOM   713 C CZ  . ARG A 1 113 ? 14.851  -0.838  -9.324  1.00 41.64 ? 424 ARG A CZ  1 
ATOM   714 N NH1 . ARG A 1 113 ? 14.738  0.179   -10.182 1.00 44.12 ? 424 ARG A NH1 1 
ATOM   715 N NH2 . ARG A 1 113 ? 15.018  -2.066  -9.803  1.00 44.00 ? 424 ARG A NH2 1 
ATOM   716 N N   . ALA A 1 114 ? 9.923   2.451   -7.260  1.00 14.75 ? 425 ALA A N   1 
ATOM   717 C CA  . ALA A 1 114 ? 9.639   3.885   -7.095  1.00 13.90 ? 425 ALA A CA  1 
ATOM   718 C C   . ALA A 1 114 ? 8.561   4.016   -6.013  1.00 13.29 ? 425 ALA A C   1 
ATOM   719 O O   . ALA A 1 114 ? 8.643   4.894   -5.120  1.00 13.09 ? 425 ALA A O   1 
ATOM   720 C CB  . ALA A 1 114 ? 9.164   4.502   -8.416  1.00 14.29 ? 425 ALA A CB  1 
ATOM   721 N N   . TRP A 1 115 ? 7.557   3.135   -6.085  1.00 11.96 ? 426 TRP A N   1 
ATOM   722 C CA  . TRP A 1 115 ? 6.509   3.145   -5.051  1.00 11.82 ? 426 TRP A CA  1 
ATOM   723 C C   . TRP A 1 115 ? 7.092   2.844   -3.673  1.00 11.23 ? 426 TRP A C   1 
ATOM   724 O O   . TRP A 1 115 ? 6.697   3.455   -2.688  1.00 9.87  ? 426 TRP A O   1 
ATOM   725 C CB  . TRP A 1 115 ? 5.410   2.144   -5.368  1.00 11.19 ? 426 TRP A CB  1 
ATOM   726 C CG  . TRP A 1 115 ? 4.315   2.683   -6.250  1.00 12.21 ? 426 TRP A CG  1 
ATOM   727 C CD1 . TRP A 1 115 ? 4.149   2.437   -7.584  1.00 15.01 ? 426 TRP A CD1 1 
ATOM   728 C CD2 . TRP A 1 115 ? 3.192   3.460   -5.844  1.00 14.53 ? 426 TRP A CD2 1 
ATOM   729 N NE1 . TRP A 1 115 ? 3.009   3.051   -8.052  1.00 15.92 ? 426 TRP A NE1 1 
ATOM   730 C CE2 . TRP A 1 115 ? 2.391   3.682   -7.005  1.00 14.90 ? 426 TRP A CE2 1 
ATOM   731 C CE3 . TRP A 1 115 ? 2.772   4.003   -4.610  1.00 15.09 ? 426 TRP A CE3 1 
ATOM   732 C CZ2 . TRP A 1 115 ? 1.208   4.439   -6.982  1.00 13.24 ? 426 TRP A CZ2 1 
ATOM   733 C CZ3 . TRP A 1 115 ? 1.573   4.761   -4.595  1.00 15.04 ? 426 TRP A CZ3 1 
ATOM   734 C CH2 . TRP A 1 115 ? 0.833   4.989   -5.778  1.00 12.32 ? 426 TRP A CH2 1 
ATOM   735 N N   . HIS A 1 116 ? 8.005   1.868   -3.602  1.00 10.91 ? 427 HIS A N   1 
ATOM   736 C CA  . HIS A 1 116 ? 8.592   1.445   -2.344  1.00 11.85 ? 427 HIS A CA  1 
ATOM   737 C C   . HIS A 1 116 ? 9.295   2.633   -1.655  1.00 11.59 ? 427 HIS A C   1 
ATOM   738 O O   . HIS A 1 116 ? 9.100   2.907   -0.476  1.00 11.21 ? 427 HIS A O   1 
ATOM   739 C CB  . HIS A 1 116 ? 9.569   0.281   -2.631  1.00 10.13 ? 427 HIS A CB  1 
ATOM   740 C CG  . HIS A 1 116 ? 9.955   -0.498  -1.411  1.00 14.33 ? 427 HIS A CG  1 
ATOM   741 N ND1 . HIS A 1 116 ? 9.541   -0.166  -0.139  1.00 16.00 ? 427 HIS A ND1 1 
ATOM   742 C CD2 . HIS A 1 116 ? 10.730  -1.603  -1.273  1.00 15.61 ? 427 HIS A CD2 1 
ATOM   743 C CE1 . HIS A 1 116 ? 10.020  -1.043  0.727   1.00 12.02 ? 427 HIS A CE1 1 
ATOM   744 N NE2 . HIS A 1 116 ? 10.772  -1.905  0.069   1.00 18.70 ? 427 HIS A NE2 1 
ATOM   745 N N   . ARG A 1 117 ? 10.061  3.372   -2.444  1.00 11.95 ? 428 ARG A N   1 
ATOM   746 C CA  . ARG A 1 117 ? 10.799  4.533   -1.953  1.00 12.85 ? 428 ARG A CA  1 
ATOM   747 C C   . ARG A 1 117 ? 9.872   5.658   -1.534  1.00 11.91 ? 428 ARG A C   1 
ATOM   748 O O   . ARG A 1 117 ? 10.135  6.307   -0.539  1.00 11.30 ? 428 ARG A O   1 
ATOM   749 C CB  . ARG A 1 117 ? 11.762  5.044   -3.026  1.00 12.24 ? 428 ARG A CB  1 
ATOM   750 C CG  . ARG A 1 117 ? 12.900  4.074   -3.276  1.00 14.79 ? 428 ARG A CG  1 
ATOM   751 C CD  . ARG A 1 117 ? 14.005  4.676   -4.140  1.00 20.18 ? 428 ARG A CD  1 
ATOM   752 N NE  . ARG A 1 117 ? 15.062  3.660   -4.284  1.00 28.34 ? 428 ARG A NE  1 
ATOM   753 C CZ  . ARG A 1 117 ? 16.183  3.827   -4.989  1.00 32.08 ? 428 ARG A CZ  1 
ATOM   754 N NH1 . ARG A 1 117 ? 16.410  4.984   -5.616  1.00 33.62 ? 428 ARG A NH1 1 
ATOM   755 N NH2 . ARG A 1 117 ? 17.082  2.846   -5.049  1.00 31.63 ? 428 ARG A NH2 1 
ATOM   756 N N   . ALA A 1 118 ? 8.789   5.860   -2.274  1.00 11.74 ? 429 ALA A N   1 
ATOM   757 C CA  . ALA A 1 118 ? 7.847   6.936   -1.970  1.00 12.28 ? 429 ALA A CA  1 
ATOM   758 C C   . ALA A 1 118 ? 7.112   6.587   -0.656  1.00 12.13 ? 429 ALA A C   1 
ATOM   759 O O   . ALA A 1 118 ? 6.904   7.438   0.212   1.00 11.54 ? 429 ALA A O   1 
ATOM   760 C CB  . ALA A 1 118 ? 6.854   7.094   -3.088  1.00 11.70 ? 429 ALA A CB  1 
ATOM   761 N N   . LEU A 1 119 ? 6.693   5.329   -0.549  1.00 10.87 ? 430 LEU A N   1 
ATOM   762 C CA  . LEU A 1 119 ? 6.006   4.863   0.657   1.00 10.19 ? 430 LEU A CA  1 
ATOM   763 C C   . LEU A 1 119 ? 6.916   4.944   1.865   1.00 11.02 ? 430 LEU A C   1 
ATOM   764 O O   . LEU A 1 119 ? 6.499   5.420   2.921   1.00 11.29 ? 430 LEU A O   1 
ATOM   765 C CB  . LEU A 1 119 ? 5.544   3.420   0.458   1.00 9.78  ? 430 LEU A CB  1 
ATOM   766 C CG  . LEU A 1 119 ? 4.330   3.338   -0.472  1.00 8.71  ? 430 LEU A CG  1 
ATOM   767 C CD1 . LEU A 1 119 ? 4.243   1.899   -0.999  1.00 12.40 ? 430 LEU A CD1 1 
ATOM   768 C CD2 . LEU A 1 119 ? 3.059   3.712   0.320   1.00 9.93  ? 430 LEU A CD2 1 
ATOM   769 N N   . ARG A 1 120 ? 8.176   4.526   1.712   1.00 10.75 ? 431 ARG A N   1 
ATOM   770 C CA  . ARG A 1 120 ? 9.156   4.688   2.799   1.00 12.10 ? 431 ARG A CA  1 
ATOM   771 C C   . ARG A 1 120 ? 9.268   6.133   3.274   1.00 12.29 ? 431 ARG A C   1 
ATOM   772 O O   . ARG A 1 120 ? 9.294   6.411   4.471   1.00 13.03 ? 431 ARG A O   1 
ATOM   773 C CB  . ARG A 1 120 ? 10.576  4.272   2.355   1.00 12.73 ? 431 ARG A CB  1 
ATOM   774 C CG  . ARG A 1 120 ? 10.847  2.811   2.492   1.00 16.10 ? 431 ARG A CG  1 
ATOM   775 C CD  . ARG A 1 120 ? 12.199  2.539   1.874   1.00 19.71 ? 431 ARG A CD  1 
ATOM   776 N NE  . ARG A 1 120 ? 12.574  1.124   1.936   1.00 18.35 ? 431 ARG A NE  1 
ATOM   777 C CZ  . ARG A 1 120 ? 13.416  0.570   1.055   1.00 20.08 ? 431 ARG A CZ  1 
ATOM   778 N NH1 . ARG A 1 120 ? 13.908  1.331   0.078   1.00 22.39 ? 431 ARG A NH1 1 
ATOM   779 N NH2 . ARG A 1 120 ? 13.759  -0.736  1.140   1.00 16.37 ? 431 ARG A NH2 1 
ATOM   780 N N   . THR A 1 121 ? 9.358   7.028   2.307   1.00 12.38 ? 432 THR A N   1 
ATOM   781 C CA  . THR A 1 121 ? 9.525   8.471   2.595   1.00 13.69 ? 432 THR A CA  1 
ATOM   782 C C   . THR A 1 121 ? 8.349   9.015   3.392   1.00 13.08 ? 432 THR A C   1 
ATOM   783 O O   . THR A 1 121 ? 8.540   9.732   4.365   1.00 11.64 ? 432 THR A O   1 
ATOM   784 C CB  . THR A 1 121 ? 9.686   9.253   1.278   1.00 13.91 ? 432 THR A CB  1 
ATOM   785 O OG1 . THR A 1 121 ? 10.891  8.814   0.634   1.00 14.87 ? 432 THR A OG1 1 
ATOM   786 C CG2 . THR A 1 121 ? 9.775   10.770  1.498   1.00 14.03 ? 432 THR A CG2 1 
ATOM   787 N N   . VAL A 1 122 ? 7.134   8.679   2.971   1.00 13.04 ? 433 VAL A N   1 
ATOM   788 C CA  . VAL A 1 122 ? 5.936   9.229   3.639   1.00 13.97 ? 433 VAL A CA  1 
ATOM   789 C C   . VAL A 1 122 ? 5.845   8.625   5.060   1.00 13.87 ? 433 VAL A C   1 
ATOM   790 O O   . VAL A 1 122 ? 5.613   9.338   6.030   1.00 14.59 ? 433 VAL A O   1 
ATOM   791 C CB  . VAL A 1 122 ? 4.652   8.969   2.803   1.00 13.10 ? 433 VAL A CB  1 
ATOM   792 C CG1 . VAL A 1 122 ? 3.358   9.101   3.669   1.00 12.73 ? 433 VAL A CG1 1 
ATOM   793 C CG2 . VAL A 1 122 ? 4.611   9.875   1.562   1.00 13.62 ? 433 VAL A CG2 1 
ATOM   794 N N   . ILE A 1 123 ? 5.999   7.300   5.177   1.00 13.34 ? 434 ILE A N   1 
ATOM   795 C CA  . ILE A 1 123 ? 5.947   6.602   6.474   1.00 12.98 ? 434 ILE A CA  1 
ATOM   796 C C   . ILE A 1 123 ? 6.995   7.095   7.486   1.00 14.50 ? 434 ILE A C   1 
ATOM   797 O O   . ILE A 1 123 ? 6.668   7.449   8.630   1.00 15.23 ? 434 ILE A O   1 
ATOM   798 C CB  . ILE A 1 123 ? 5.985   5.050   6.319   1.00 11.80 ? 434 ILE A CB  1 
ATOM   799 C CG1 . ILE A 1 123 ? 4.670   4.585   5.711   1.00 11.14 ? 434 ILE A CG1 1 
ATOM   800 C CG2 . ILE A 1 123 ? 6.202   4.381   7.708   1.00 14.17 ? 434 ILE A CG2 1 
ATOM   801 C CD1 . ILE A 1 123 ? 4.694   3.122   5.171   1.00 11.09 ? 434 ILE A CD1 1 
ATOM   802 N N   . GLU A 1 124 ? 8.251   7.180   7.047   1.00 14.19 ? 435 GLU A N   1 
ATOM   803 C CA  . GLU A 1 124 ? 9.276   7.747   7.908   1.00 16.38 ? 435 GLU A CA  1 
ATOM   804 C C   . GLU A 1 124 ? 9.034   9.213   8.284   1.00 14.92 ? 435 GLU A C   1 
ATOM   805 O O   . GLU A 1 124 ? 9.303   9.612   9.429   1.00 17.10 ? 435 GLU A O   1 
ATOM   806 C CB  . GLU A 1 124 ? 10.652  7.594   7.269   1.00 15.31 ? 435 GLU A CB  1 
ATOM   807 C CG  . GLU A 1 124 ? 11.816  7.840   8.229   1.00 19.88 ? 435 GLU A CG  1 
ATOM   808 C CD  . GLU A 1 124 ? 12.128  9.304   8.365   1.00 23.00 ? 435 GLU A CD  1 
ATOM   809 O OE1 . GLU A 1 124 ? 12.584  9.697   9.466   1.00 25.74 ? 435 GLU A OE1 1 
ATOM   810 O OE2 . GLU A 1 124 ? 11.884  10.077  7.393   1.00 23.37 ? 435 GLU A OE2 1 
ATOM   811 N N   . ARG A 1 125 ? 8.540   10.020  7.355   1.00 15.48 ? 436 ARG A N   1 
ATOM   812 C CA  . ARG A 1 125 ? 8.233   11.413  7.669   1.00 16.38 ? 436 ARG A CA  1 
ATOM   813 C C   . ARG A 1 125 ? 7.244   11.554  8.830   1.00 18.25 ? 436 ARG A C   1 
ATOM   814 O O   . ARG A 1 125 ? 7.395   12.449  9.677   1.00 18.18 ? 436 ARG A O   1 
ATOM   815 C CB  . ARG A 1 125 ? 7.704   12.138  6.438   1.00 17.43 ? 436 ARG A CB  1 
ATOM   816 C CG  . ARG A 1 125 ? 7.729   13.669  6.552   1.00 17.48 ? 436 ARG A CG  1 
ATOM   817 C CD  . ARG A 1 125 ? 7.336   14.219  5.217   1.00 22.54 ? 436 ARG A CD  1 
ATOM   818 N NE  . ARG A 1 125 ? 8.497   14.209  4.344   1.00 24.07 ? 436 ARG A NE  1 
ATOM   819 C CZ  . ARG A 1 125 ? 8.482   13.980  3.035   1.00 25.99 ? 436 ARG A CZ  1 
ATOM   820 N NH1 . ARG A 1 125 ? 7.358   13.667  2.398   1.00 27.23 ? 436 ARG A NH1 1 
ATOM   821 N NH2 . ARG A 1 125 ? 9.614   14.052  2.365   1.00 22.63 ? 436 ARG A NH2 1 
ATOM   822 N N   . LEU A 1 126 ? 6.212   10.692  8.841   1.00 17.90 ? 437 LEU A N   1 
ATOM   823 C CA  . LEU A 1 126 ? 5.233   10.623  9.933   1.00 19.61 ? 437 LEU A CA  1 
ATOM   824 C C   . LEU A 1 126 ? 5.835   10.224  11.288  1.00 21.10 ? 437 LEU A C   1 
ATOM   825 O O   . LEU A 1 126 ? 5.221   10.426  12.346  1.00 22.18 ? 437 LEU A O   1 
ATOM   826 C CB  . LEU A 1 126 ? 4.117   9.645   9.536   1.00 18.51 ? 437 LEU A CB  1 
ATOM   827 C CG  . LEU A 1 126 ? 3.345   10.129  8.304   1.00 18.24 ? 437 LEU A CG  1 
ATOM   828 C CD1 . LEU A 1 126 ? 2.393   9.033   7.735   1.00 16.53 ? 437 LEU A CD1 1 
ATOM   829 C CD2 . LEU A 1 126 ? 2.595   11.446  8.568   1.00 17.65 ? 437 LEU A CD2 1 
ATOM   830 N N   . VAL A 1 127 ? 7.018   9.617   11.256  1.00 22.27 ? 438 VAL A N   1 
ATOM   831 C CA  . VAL A 1 127 ? 7.735   9.285   12.486  1.00 24.24 ? 438 VAL A CA  1 
ATOM   832 C C   . VAL A 1 127 ? 8.332   10.553  13.113  1.00 25.58 ? 438 VAL A C   1 
ATOM   833 O O   . VAL A 1 127 ? 8.327   10.708  14.325  1.00 24.32 ? 438 VAL A O   1 
ATOM   834 C CB  . VAL A 1 127 ? 8.816   8.197   12.270  1.00 23.90 ? 438 VAL A CB  1 
ATOM   835 C CG1 . VAL A 1 127 ? 9.597   7.932   13.543  1.00 26.25 ? 438 VAL A CG1 1 
ATOM   836 C CG2 . VAL A 1 127 ? 8.180   6.891   11.780  1.00 23.76 ? 438 VAL A CG2 1 
ATOM   837 N N   . ARG A 1 128 ? 8.831   11.483  12.308  1.00 27.70 ? 439 ARG A N   1 
ATOM   838 C CA  . ARG A 1 128 ? 9.372   12.688  12.944  1.00 29.33 ? 439 ARG A CA  1 
ATOM   839 C C   . ARG A 1 128 ? 8.483   13.937  12.911  1.00 30.30 ? 439 ARG A C   1 
ATOM   840 O O   . ARG A 1 128 ? 8.629   14.807  13.780  1.00 30.75 ? 439 ARG A O   1 
ATOM   841 C CB  . ARG A 1 128 ? 10.849  12.930  12.587  1.00 30.12 ? 439 ARG A CB  1 
ATOM   842 C CG  . ARG A 1 128 ? 11.114  13.377  11.221  1.00 29.19 ? 439 ARG A CG  1 
ATOM   843 C CD  . ARG A 1 128 ? 12.474  12.869  10.650  1.00 27.27 ? 439 ARG A CD  1 
ATOM   844 N NE  . ARG A 1 128 ? 12.184  12.580  9.258   1.00 24.35 ? 439 ARG A NE  1 
ATOM   845 C CZ  . ARG A 1 128 ? 12.013  13.498  8.307   1.00 23.21 ? 439 ARG A CZ  1 
ATOM   846 N NH1 . ARG A 1 128 ? 12.251  14.791  8.552   1.00 23.65 ? 439 ARG A NH1 1 
ATOM   847 N NH2 . ARG A 1 128 ? 11.637  13.105  7.091   1.00 18.85 ? 439 ARG A NH2 1 
ATOM   848 N N   . TRP A 1 129 ? 7.539   13.992  11.962  1.00 30.77 ? 440 TRP A N   1 
ATOM   849 C CA  . TRP A 1 129 ? 6.547   15.084  11.850  1.00 31.81 ? 440 TRP A CA  1 
ATOM   850 C C   . TRP A 1 129 ? 5.132   14.542  11.585  1.00 33.00 ? 440 TRP A C   1 
ATOM   851 O O   . TRP A 1 129 ? 4.547   13.872  12.433  1.00 34.50 ? 440 TRP A O   1 
ATOM   852 C CB  . TRP A 1 129 ? 6.908   16.070  10.728  1.00 31.85 ? 440 TRP A CB  1 
ATOM   853 C CG  . TRP A 1 129 ? 8.309   16.592  10.784  1.00 32.05 ? 440 TRP A CG  1 
ATOM   854 C CD1 . TRP A 1 129 ? 9.340   16.260  9.948   1.00 31.20 ? 440 TRP A CD1 1 
ATOM   855 C CD2 . TRP A 1 129 ? 8.841   17.528  11.726  1.00 33.06 ? 440 TRP A CD2 1 
ATOM   856 N NE1 . TRP A 1 129 ? 10.474  16.933  10.309  1.00 29.12 ? 440 TRP A NE1 1 
ATOM   857 C CE2 . TRP A 1 129 ? 10.200  17.723  11.394  1.00 30.71 ? 440 TRP A CE2 1 
ATOM   858 C CE3 . TRP A 1 129 ? 8.298   18.238  12.814  1.00 32.45 ? 440 TRP A CE3 1 
ATOM   859 C CZ2 . TRP A 1 129 ? 11.030  18.592  12.116  1.00 30.60 ? 440 TRP A CZ2 1 
ATOM   860 C CZ3 . TRP A 1 129 ? 9.124   19.107  13.517  1.00 32.70 ? 440 TRP A CZ3 1 
ATOM   861 C CH2 . TRP A 1 129 ? 10.475  19.267  13.168  1.00 31.53 ? 440 TRP A CH2 1 
HETATM 862 C C1  . I3P B 2 .   ? -5.110  -18.533 -3.139  1.00 14.25 ? 800 I3P A C1  1 
HETATM 863 C C2  . I3P B 2 .   ? -4.886  -17.925 -4.498  1.00 14.97 ? 800 I3P A C2  1 
HETATM 864 C C3  . I3P B 2 .   ? -4.008  -16.689 -4.375  1.00 12.66 ? 800 I3P A C3  1 
HETATM 865 C C4  . I3P B 2 .   ? -2.672  -17.101 -3.683  1.00 12.87 ? 800 I3P A C4  1 
HETATM 866 C C5  . I3P B 2 .   ? -2.908  -17.773 -2.336  1.00 11.94 ? 800 I3P A C5  1 
HETATM 867 C C6  . I3P B 2 .   ? -3.818  -19.021 -2.447  1.00 11.59 ? 800 I3P A C6  1 
HETATM 868 O O1  . I3P B 2 .   ? -6.044  -19.570 -3.385  1.00 20.19 ? 800 I3P A O1  1 
HETATM 869 O O2  . I3P B 2 .   ? -4.292  -18.910 -5.375  1.00 15.81 ? 800 I3P A O2  1 
HETATM 870 O O3  . I3P B 2 .   ? -3.698  -16.211 -5.693  1.00 16.74 ? 800 I3P A O3  1 
HETATM 871 O O4  . I3P B 2 .   ? -1.838  -15.914 -3.511  1.00 13.36 ? 800 I3P A O4  1 
HETATM 872 O O5  . I3P B 2 .   ? -1.681  -18.150 -1.733  1.00 12.13 ? 800 I3P A O5  1 
HETATM 873 O O6  . I3P B 2 .   ? -4.200  -19.376 -1.130  1.00 13.58 ? 800 I3P A O6  1 
HETATM 874 P P1  . I3P B 2 .   ? -7.597  -19.394 -3.004  1.00 20.59 ? 800 I3P A P1  1 
HETATM 875 O O11 . I3P B 2 .   ? -7.784  -18.989 -1.595  1.00 17.92 ? 800 I3P A O11 1 
HETATM 876 O O12 . I3P B 2 .   ? -8.118  -20.846 -3.167  1.00 21.66 ? 800 I3P A O12 1 
HETATM 877 O O13 . I3P B 2 .   ? -8.052  -18.501 -4.128  1.00 20.03 ? 800 I3P A O13 1 
HETATM 878 P P4  . I3P B 2 .   ? -0.706  -15.414 -4.520  1.00 13.31 ? 800 I3P A P4  1 
HETATM 879 O O41 . I3P B 2 .   ? 0.451   -16.361 -4.552  1.00 11.75 ? 800 I3P A O41 1 
HETATM 880 O O42 . I3P B 2 .   ? -1.304  -15.287 -5.889  1.00 15.05 ? 800 I3P A O42 1 
HETATM 881 O O43 . I3P B 2 .   ? -0.351  -14.076 -3.908  1.00 13.80 ? 800 I3P A O43 1 
HETATM 882 P P5  . I3P B 2 .   ? -1.333  -17.938 -0.188  1.00 15.44 ? 800 I3P A P5  1 
HETATM 883 O O51 . I3P B 2 .   ? -0.006  -18.651 -0.101  1.00 16.64 ? 800 I3P A O51 1 
HETATM 884 O O52 . I3P B 2 .   ? -2.420  -18.557 0.632   1.00 20.24 ? 800 I3P A O52 1 
HETATM 885 O O53 . I3P B 2 .   ? -1.290  -16.448 0.027   1.00 14.78 ? 800 I3P A O53 1 
HETATM 886 O O   . HOH C 3 .   ? -4.413  -16.787 1.366   1.00 25.62 ? 1   HOH A O   1 
HETATM 887 O O   . HOH C 3 .   ? -0.696  2.600   10.413  1.00 15.77 ? 2   HOH A O   1 
HETATM 888 O O   . HOH C 3 .   ? 9.334   -6.366  -3.418  1.00 14.67 ? 3   HOH A O   1 
HETATM 889 O O   . HOH C 3 .   ? 5.077   -5.025  6.801   1.00 13.90 ? 4   HOH A O   1 
HETATM 890 O O   . HOH C 3 .   ? 10.027  0.016   5.390   1.00 19.57 ? 5   HOH A O   1 
HETATM 891 O O   . HOH C 3 .   ? 10.173  -10.503 1.718   1.00 11.71 ? 6   HOH A O   1 
HETATM 892 O O   . HOH C 3 .   ? 1.381   -4.585  -13.109 1.00 27.18 ? 7   HOH A O   1 
HETATM 893 O O   . HOH C 3 .   ? 11.805  -5.196  3.737   1.00 15.36 ? 8   HOH A O   1 
HETATM 894 O O   . HOH C 3 .   ? 1.430   -16.001 -9.395  1.00 27.04 ? 9   HOH A O   1 
HETATM 895 O O   . HOH C 3 .   ? 11.095  10.586  4.871   1.00 13.17 ? 10  HOH A O   1 
HETATM 896 O O   . HOH C 3 .   ? 4.063   -12.066 -11.122 1.00 20.89 ? 11  HOH A O   1 
HETATM 897 O O   . HOH C 3 .   ? 1.723   -0.953  12.043  1.00 23.13 ? 12  HOH A O   1 
HETATM 898 O O   . HOH C 3 .   ? 7.762   -14.532 -4.062  1.00 23.23 ? 13  HOH A O   1 
HETATM 899 O O   . HOH C 3 .   ? 7.715   0.523   8.056   1.00 23.80 ? 14  HOH A O   1 
HETATM 900 O O   . HOH C 3 .   ? 10.980  -0.888  3.400   1.00 20.48 ? 15  HOH A O   1 
HETATM 901 O O   . HOH C 3 .   ? -9.098  -9.705  0.257   1.00 19.13 ? 16  HOH A O   1 
HETATM 902 O O   . HOH C 3 .   ? 6.351   -8.755  5.944   1.00 21.89 ? 17  HOH A O   1 
HETATM 903 O O   . HOH C 3 .   ? -8.437  -5.908  -4.697  1.00 32.20 ? 18  HOH A O   1 
HETATM 904 O O   . HOH C 3 .   ? -6.295  -16.498 -0.480  1.00 24.58 ? 19  HOH A O   1 
HETATM 905 O O   . HOH C 3 .   ? -0.753  -6.613  -14.097 1.00 29.11 ? 20  HOH A O   1 
HETATM 906 O O   . HOH C 3 .   ? 9.828   7.228   -5.603  1.00 16.74 ? 21  HOH A O   1 
HETATM 907 O O   . HOH C 3 .   ? 5.141   6.351   10.586  1.00 20.62 ? 22  HOH A O   1 
HETATM 908 O O   . HOH C 3 .   ? 10.116  -5.573  -14.578 1.00 32.20 ? 23  HOH A O   1 
HETATM 909 O O   . HOH C 3 .   ? -0.882  -4.123  13.284  1.00 25.41 ? 24  HOH A O   1 
HETATM 910 O O   . HOH C 3 .   ? 6.988   5.125   -11.055 1.00 28.10 ? 25  HOH A O   1 
HETATM 911 O O   . HOH C 3 .   ? -1.541  -14.276 -8.211  1.00 22.94 ? 26  HOH A O   1 
HETATM 912 O O   . HOH C 3 .   ? -7.737  -15.817 -3.902  1.00 17.20 ? 27  HOH A O   1 
HETATM 913 O O   . HOH C 3 .   ? -5.527  1.396   8.668   1.00 29.17 ? 28  HOH A O   1 
HETATM 914 O O   . HOH C 3 .   ? 3.302   6.849   -10.407 1.00 29.20 ? 29  HOH A O   1 
HETATM 915 O O   . HOH C 3 .   ? 12.812  12.986  4.056   1.00 32.09 ? 30  HOH A O   1 
HETATM 916 O O   . HOH C 3 .   ? 1.156   -18.800 -3.622  1.00 24.87 ? 31  HOH A O   1 
HETATM 917 O O   . HOH C 3 .   ? 2.055   2.486   -10.597 1.00 25.04 ? 32  HOH A O   1 
HETATM 918 O O   . HOH C 3 .   ? -11.979 -14.012 3.630   1.00 26.52 ? 33  HOH A O   1 
HETATM 919 O O   . HOH C 3 .   ? 10.040  -3.170  7.640   1.00 25.20 ? 34  HOH A O   1 
HETATM 920 O O   . HOH C 3 .   ? 6.098   3.595   10.961  1.00 20.59 ? 35  HOH A O   1 
HETATM 921 O O   . HOH C 3 .   ? 5.414   -11.368 7.541   1.00 30.02 ? 36  HOH A O   1 
HETATM 922 O O   . HOH C 3 .   ? 15.421  1.056   -3.197  1.00 32.29 ? 37  HOH A O   1 
HETATM 923 O O   . HOH C 3 .   ? -6.778  -13.404 -5.650  1.00 26.84 ? 38  HOH A O   1 
HETATM 924 O O   . HOH C 3 .   ? 10.309  -8.713  4.155   1.00 30.72 ? 39  HOH A O   1 
HETATM 925 O O   . HOH C 3 .   ? -13.421 4.283   -6.163  1.00 23.65 ? 40  HOH A O   1 
HETATM 926 O O   . HOH C 3 .   ? 8.028   -9.746  -4.382  1.00 27.21 ? 41  HOH A O   1 
HETATM 927 O O   . HOH C 3 .   ? -8.613  -7.650  -1.636  1.00 22.35 ? 42  HOH A O   1 
HETATM 928 O O   . HOH C 3 .   ? 4.535   12.072  5.428   1.00 29.15 ? 43  HOH A O   1 
HETATM 929 O O   . HOH C 3 .   ? 11.619  -2.021  -3.789  1.00 25.52 ? 44  HOH A O   1 
HETATM 930 O O   . HOH C 3 .   ? 8.035   8.088   -7.656  1.00 30.49 ? 45  HOH A O   1 
HETATM 931 O O   . HOH C 3 .   ? -1.217  -2.275  15.930  1.00 32.27 ? 46  HOH A O   1 
HETATM 932 O O   . HOH C 3 .   ? 6.741   -6.862  -17.069 1.00 37.92 ? 47  HOH A O   1 
HETATM 933 O O   . HOH C 3 .   ? -10.184 -6.953  15.052  1.00 33.85 ? 48  HOH A O   1 
HETATM 934 O O   . HOH C 3 .   ? 4.847   7.041   13.210  1.00 34.17 ? 49  HOH A O   1 
HETATM 935 O O   . HOH C 3 .   ? -2.860  -7.655  11.289  1.00 30.42 ? 50  HOH A O   1 
HETATM 936 O O   . HOH C 3 .   ? 5.028   13.535  3.011   1.00 30.62 ? 51  HOH A O   1 
HETATM 937 O O   . HOH C 3 .   ? 2.128   15.312  0.314   1.00 32.63 ? 52  HOH A O   1 
HETATM 938 O O   . HOH C 3 .   ? -4.634  -14.798 3.059   1.00 39.43 ? 53  HOH A O   1 
HETATM 939 O O   . HOH C 3 .   ? 7.952   -12.568 -5.156  1.00 30.69 ? 54  HOH A O   1 
HETATM 940 O O   . HOH C 3 .   ? 2.659   10.200  -9.462  1.00 28.58 ? 55  HOH A O   1 
HETATM 941 O O   . HOH C 3 .   ? 4.543   -6.539  9.266   1.00 26.00 ? 56  HOH A O   1 
HETATM 942 O O   . HOH C 3 .   ? 0.575   -15.483 1.899   1.00 32.34 ? 57  HOH A O   1 
HETATM 943 O O   . HOH C 3 .   ? 6.868   10.127  -1.272  1.00 29.87 ? 58  HOH A O   1 
HETATM 944 O O   . HOH C 3 .   ? -4.616  12.546  3.530   1.00 37.21 ? 59  HOH A O   1 
HETATM 945 O O   . HOH C 3 .   ? -11.538 2.641   4.350   1.00 33.72 ? 60  HOH A O   1 
HETATM 946 O O   . HOH C 3 .   ? 2.180   -6.662  -17.427 1.00 30.00 ? 61  HOH A O   1 
HETATM 947 O O   . HOH C 3 .   ? -11.654 -10.846 -8.718  1.00 39.11 ? 62  HOH A O   1 
HETATM 948 O O   . HOH C 3 .   ? 0.640   -19.670 -7.684  1.00 29.28 ? 63  HOH A O   1 
HETATM 949 O O   . HOH C 3 .   ? 11.216  -7.857  -4.993  1.00 40.60 ? 64  HOH A O   1 
HETATM 950 O O   . HOH C 3 .   ? 10.884  -2.229  -14.904 1.00 38.43 ? 65  HOH A O   1 
HETATM 951 O O   . HOH C 3 .   ? 0.813   10.456  -11.303 1.00 37.79 ? 66  HOH A O   1 
HETATM 952 O O   . HOH C 3 .   ? 4.983   -10.471 -13.150 1.00 37.78 ? 67  HOH A O   1 
HETATM 953 O O   . HOH C 3 .   ? 10.413  8.917   -3.919  1.00 33.68 ? 68  HOH A O   1 
HETATM 954 O O   . HOH C 3 .   ? 10.143  4.334   6.284   1.00 34.37 ? 69  HOH A O   1 
HETATM 955 O O   . HOH C 3 .   ? -7.400  12.099  -5.540  1.00 46.73 ? 70  HOH A O   1 
HETATM 956 O O   . HOH C 3 .   ? -1.378  -17.861 -7.498  1.00 33.76 ? 71  HOH A O   1 
HETATM 957 O O   . HOH C 3 .   ? 7.215   -9.733  -13.560 1.00 42.85 ? 72  HOH A O   1 
# 
